data_8AYM
#
_entry.id   8AYM
#
_cell.length_a   1.00
_cell.length_b   1.00
_cell.length_c   1.00
_cell.angle_alpha   90.00
_cell.angle_beta   90.00
_cell.angle_gamma   90.00
#
_symmetry.space_group_name_H-M   'P 1'
#
loop_
_entity.id
_entity.type
_entity.pdbx_description
1 polymer 'Voltage-dependent calcium channel gamma-8 subunit'
2 polymer 'Isoform Flip of Glutamate receptor 1'
3 polymer 'Isoform Flip of Glutamate receptor 2'
4 non-polymer 6-[2-chloro-6-(trifluoromethoxy)phenyl]-1H-benzimidazol-2-ol
5 non-polymer 'PALMITIC ACID'
6 non-polymer '{[7-morpholin-4-yl-2,3-dioxo-6-(trifluoromethyl)-3,4-dihydroquinoxalin-1(2H)-yl]methyl}phosphonic acid'
7 non-polymer '(2S)-3-(hexadecanoyloxy)-2-[(9Z)-octadec-9-enoyloxy]propyl 2-(trimethylammonio)ethyl phosphate'
8 non-polymer '(2R)-2,3-dihydroxypropyl (9Z)-octadec-9-enoate'
#
loop_
_entity_poly.entity_id
_entity_poly.type
_entity_poly.pdbx_seq_one_letter_code
_entity_poly.pdbx_strand_id
1 'polypeptide(L)'
;GESLKRWNEERGLWCEKGVQVLLTTIGAFAAFGLMTIAISTDYWLYTRALICNTTNLTAGDDGPPHRGGSGSSEKKDPGG
LTHSGLWRICCLEGLKRGVCVKINHFPEDTDYDHDSAEYLLRVVRASSIFPILSAILLLLGGVCVAASRVYKSKRNIILG
AGILFVAAGLSNIIGVIVYISANAGEPGPKRDEEKKNHYSYGWSFYFGGLSFILAEVIGVLAVNIYIERSREAHCQSRSD
LLKAGGGAGGSGGSGPSAILRLPSYRFRYRRRSRSSSRGSSEASPSRDASPGGPGGPGFASTDISMYTLSRDPSKGSVAA
GLASAGGGGGGAGVGAYGGAAGAAGGGGTGSERDRGSSAGFLTLHNAFPKEAASGVTVTVTGPPAAPAPAPPAPAAPAPG
TLSKEAAASNTNTLNRKLEVLFQ
;
I,J
2 'polypeptide(L)'
;MPYIFAFFCTGFLGAVVGADYKDDDDKNFPNNIQIGGLFPNQQSQEHAAFRFALSQLTEPPKLLPQIDIVNISDSFEMTY
RFCSQFSKGVYAIFGFYERRTVNMLTSFCGALHVCFITPSFPVDTSNQFVLQLRPELQEALISIIDHYKWQTFVYIYDAD
RGLSVLQRVLDTAAEKNWQVTAVNILTTTEEGYRMLFQDLEKKKERLVVVDCESERLNAILGQIVKLEKNGIGYHYILAN
LGFMDIDLNKFKESGANVTGFQLVNYTDTIPARIMQQWRTSDSRDHTRVDWKRPKYTSALTYDGVKVMAEAFQSLRRQRI
DISRRGNAGDCLANPAVPWGQGIDIQRALQQVRFEGLTGNVQFNEKGRRTNYTLHVIEMKHDGIRKIGYWNEDDKFVPAA
TDAQAGGDNSSVQNRTYIVTTILEDPYVMLKKNANQFEGNDRYEGYCVELAAEIAKHVGYSYRLEIVSDGKYGARDPDTK
AWNGMVGELVYGRADVAVAPLTITLVREEVIDFSKPFMSLGISIMIKKPQKSKPGVFSFLDPLAYEIWMCIVFAYIGVSV
VLFLVSRFSPYEWHSEEFEEGRDQTTSDQSNEFGIFNSLWFSLGAFMQQGCDISPRSLSGRIVGGVWWFFTLIIISSYTA
NLAAFLTVERMVSPIESAEDLAKQTEIAYGTLEAGSTKEFFRRSKIAVFEKMWTYMKSAEPSVFVRTTEEGMIRVRKSKG
KYAYLLESTMNEYIEQRKPCDTMKVGGNLDSKGYGIATPKGSALRGPVNLAVLKLSEQGVLDKLKSKWWYDKGECGSKDS
GSKDKTSALSLSNVAGVFYILIGGLGLAMLVALIEFCYKSRSESKRMKGFCLIPQQSINEAIRTSTLPRNSGAGASGGGG
SGENGRVVSQDFPKSMQSIPCMSHSSGMPLGATGL
;
C,A
3 'polypeptide(L)'
;MQKIMHISVLLSPVLWGLIFGVSSNSIQIGGLFPRGADQEYSAFRVGMVQFSTSEFRLTPHIDNLEVANSFAVTNAFCSQ
FSRGVYAIFGFYDKKSVNTITSFCGTLHVSFITPSFPTDGTHPFVIQMRPDLKGALLSLIEYYQWDKFAYLYDSDRGLST
LQAVLDSAAEKKWQVTAINVGNINNDKKDETYRSLFQDLELKKERRVILDCERDKVNDIVDQVITIGKHVKGYHYIIANL
GFTDGDLLKIQFGGANVSGFQIVDYDDSLVSKFIERWSTLEEKEYPGAHTATIKYTSALTYDAVQVMTEAFRNLRKQRIE
ISRRGNAGDCLANPAVPWGQGVEIERALKQVQVEGLSGNIKFDQNGKRINYTINIMELKTNGPRKIGYWSEVDKMVVTLT
ELPSGNDTSGLENKTVVVTTILESPYVMMKKNHEMLEGNERYEGYCVDLAAEIAKHCGFKYKLTIVGDGKYGARDADTKI
WNGMVGELVYGKADIAIAPLTITLVREEVIDFSKPFMSLGISIMIKKPQKSKPGVFSFLDPLAYEIWMCIVFAYIGVSVV
LFLVSRFSPYEWHTEEFEDGRETQSSESTNEFGIFNSLWFSLGAFMRQGCDISPRSLSGRIVGGVWWFFTLIIISSYTAN
LAAFLTVERMVSPIESAEDLSKQTEIAYGTLDSGSTKEFFRRSKIAVFDKMWTYMRSAEPSVFVRTTAEGVARVRKSKGK
YAYLLESTMNEYIEQRKPCDTMKVGGNLDSKGYGIATPKGSSLGTPVNLAVLKLSEQGVLDKLKNKWWYDKGECGAKDSG
SKEKTSALSLSNVAGVFYILVGGLGLAMLVALIEFCYKSRAEAKRMKVAKNPQNINPSSS
;
D,B
#
# COMPACT_ATOMS: atom_id res chain seq x y z
N GLU A 16 2.76 -26.20 -56.61
CA GLU A 16 3.46 -26.32 -57.89
C GLU A 16 2.49 -26.77 -58.99
N LYS A 17 3.05 -27.11 -60.15
CA LYS A 17 2.32 -27.62 -61.31
C LYS A 17 1.52 -26.56 -62.04
N GLY A 18 1.65 -25.28 -61.66
CA GLY A 18 0.96 -24.20 -62.35
C GLY A 18 -0.46 -23.94 -61.90
N VAL A 19 -1.00 -24.75 -60.99
CA VAL A 19 -2.29 -24.47 -60.38
C VAL A 19 -2.13 -23.51 -59.20
N GLN A 20 -0.91 -23.03 -58.98
CA GLN A 20 -0.66 -22.05 -57.92
C GLN A 20 -1.47 -20.78 -58.15
N VAL A 21 -1.72 -20.43 -59.41
CA VAL A 21 -2.56 -19.27 -59.71
C VAL A 21 -4.01 -19.56 -59.34
N LEU A 22 -4.46 -20.79 -59.57
CA LEU A 22 -5.85 -21.14 -59.27
C LEU A 22 -6.13 -21.00 -57.78
N LEU A 23 -5.19 -21.42 -56.93
CA LEU A 23 -5.35 -21.24 -55.50
C LEU A 23 -5.40 -19.76 -55.14
N THR A 24 -4.59 -18.95 -55.81
CA THR A 24 -4.57 -17.51 -55.53
C THR A 24 -5.92 -16.87 -55.82
N THR A 25 -6.45 -17.08 -57.03
CA THR A 25 -7.72 -16.46 -57.40
C THR A 25 -8.89 -17.07 -56.63
N ILE A 26 -8.81 -18.36 -56.31
CA ILE A 26 -9.84 -18.97 -55.48
C ILE A 26 -9.83 -18.37 -54.09
N GLY A 27 -8.64 -18.16 -53.53
CA GLY A 27 -8.54 -17.57 -52.20
C GLY A 27 -9.07 -16.16 -52.16
N ALA A 28 -8.75 -15.36 -53.18
CA ALA A 28 -9.20 -13.96 -53.20
C ALA A 28 -10.71 -13.88 -53.26
N PHE A 29 -11.35 -14.71 -54.09
CA PHE A 29 -12.80 -14.67 -54.20
C PHE A 29 -13.47 -15.10 -52.91
N ALA A 30 -12.95 -16.16 -52.29
CA ALA A 30 -13.49 -16.58 -50.98
C ALA A 30 -13.18 -15.55 -49.91
N ALA A 31 -11.94 -15.05 -49.87
CA ALA A 31 -11.57 -14.03 -48.90
C ALA A 31 -12.36 -12.75 -49.12
N PHE A 32 -12.80 -12.49 -50.35
CA PHE A 32 -13.65 -11.33 -50.59
C PHE A 32 -15.05 -11.56 -50.06
N GLY A 33 -15.59 -12.77 -50.24
CA GLY A 33 -16.90 -13.07 -49.71
C GLY A 33 -16.92 -13.09 -48.19
N LEU A 34 -15.92 -13.74 -47.59
CA LEU A 34 -15.88 -13.89 -46.15
C LEU A 34 -15.73 -12.56 -45.42
N MET A 35 -15.30 -11.51 -46.10
CA MET A 35 -15.21 -10.18 -45.52
C MET A 35 -16.49 -9.38 -45.75
N THR A 36 -17.02 -9.38 -46.97
CA THR A 36 -18.27 -8.70 -47.25
C THR A 36 -19.42 -9.32 -46.45
N ILE A 37 -19.48 -10.64 -46.41
CA ILE A 37 -20.47 -11.32 -45.60
C ILE A 37 -20.28 -10.98 -44.13
N ALA A 38 -19.04 -10.89 -43.67
CA ALA A 38 -18.79 -10.54 -42.28
C ALA A 38 -19.28 -9.15 -41.95
N ILE A 39 -19.08 -8.18 -42.85
CA ILE A 39 -19.49 -6.82 -42.59
C ILE A 39 -21.01 -6.71 -42.51
N SER A 40 -21.70 -7.36 -43.44
CA SER A 40 -23.14 -7.17 -43.65
C SER A 40 -23.96 -8.29 -43.05
N THR A 41 -23.59 -8.79 -41.87
CA THR A 41 -24.24 -9.94 -41.26
C THR A 41 -24.62 -9.69 -39.80
N ASP A 42 -23.88 -8.81 -39.13
CA ASP A 42 -24.16 -8.33 -37.76
C ASP A 42 -24.45 -9.46 -36.77
N TYR A 43 -23.57 -10.47 -36.76
CA TYR A 43 -23.50 -11.43 -35.66
C TYR A 43 -22.08 -11.41 -35.08
N TRP A 44 -21.56 -10.20 -34.83
CA TRP A 44 -20.19 -10.07 -34.35
C TRP A 44 -20.09 -10.31 -32.86
N LEU A 45 -20.80 -9.50 -32.07
CA LEU A 45 -20.71 -9.50 -30.62
C LEU A 45 -21.92 -10.17 -30.01
N TYR A 46 -21.78 -10.57 -28.74
CA TYR A 46 -22.88 -11.14 -27.96
C TYR A 46 -22.75 -10.53 -26.56
N THR A 47 -23.61 -9.58 -26.23
CA THR A 47 -23.49 -8.85 -24.98
C THR A 47 -24.85 -8.29 -24.58
N ARG A 48 -24.84 -7.41 -23.58
CA ARG A 48 -26.04 -6.75 -23.05
C ARG A 48 -25.81 -5.25 -23.07
N ALA A 49 -26.85 -4.49 -23.47
CA ALA A 49 -26.72 -3.06 -23.69
C ALA A 49 -27.90 -2.23 -23.20
N LEU A 50 -28.88 -2.83 -22.52
CA LEU A 50 -30.03 -2.14 -21.94
C LEU A 50 -31.04 -1.65 -22.96
N ILE A 51 -30.76 -1.79 -24.26
CA ILE A 51 -31.77 -1.52 -25.26
C ILE A 51 -32.88 -2.55 -25.14
N CYS A 52 -32.50 -3.78 -24.82
CA CYS A 52 -33.44 -4.87 -24.63
C CYS A 52 -34.04 -4.78 -23.23
N ASN A 53 -35.21 -5.38 -23.07
CA ASN A 53 -35.94 -5.28 -21.81
C ASN A 53 -37.12 -6.26 -21.75
N GLY A 79 -29.19 -5.42 -18.68
CA GLY A 79 -29.86 -5.43 -19.96
C GLY A 79 -30.15 -6.83 -20.45
N GLY A 80 -30.46 -6.93 -21.75
CA GLY A 80 -30.82 -8.19 -22.37
C GLY A 80 -29.89 -8.55 -23.51
N LEU A 81 -30.01 -9.80 -23.96
CA LEU A 81 -29.09 -10.34 -24.94
C LEU A 81 -29.19 -9.62 -26.28
N THR A 82 -28.07 -9.57 -26.98
CA THR A 82 -27.97 -8.95 -28.29
C THR A 82 -27.05 -9.79 -29.16
N HIS A 83 -27.18 -9.62 -30.47
CA HIS A 83 -26.21 -10.12 -31.43
C HIS A 83 -25.88 -8.93 -32.33
N SER A 84 -24.90 -8.14 -31.89
CA SER A 84 -24.61 -6.84 -32.48
C SER A 84 -23.78 -7.00 -33.75
N GLY A 85 -23.27 -5.89 -34.24
CA GLY A 85 -22.53 -5.89 -35.48
C GLY A 85 -21.77 -4.61 -35.67
N LEU A 86 -21.34 -4.37 -36.90
CA LEU A 86 -20.62 -3.16 -37.21
C LEU A 86 -21.55 -1.95 -37.32
N TRP A 87 -22.76 -2.16 -37.82
CA TRP A 87 -23.71 -1.09 -38.07
C TRP A 87 -24.90 -1.08 -37.13
N ARG A 88 -25.55 -2.23 -36.92
CA ARG A 88 -26.82 -2.32 -36.22
C ARG A 88 -26.77 -3.33 -35.10
N ILE A 89 -27.20 -2.91 -33.91
CA ILE A 89 -27.48 -3.82 -32.81
C ILE A 89 -28.91 -4.34 -32.98
N CYS A 90 -29.20 -5.47 -32.34
CA CYS A 90 -30.47 -6.14 -32.54
C CYS A 90 -30.73 -7.05 -31.33
N CYS A 91 -31.79 -6.75 -30.58
CA CYS A 91 -32.16 -7.61 -29.47
C CYS A 91 -32.54 -9.02 -29.93
N LEU A 92 -32.55 -9.93 -28.95
CA LEU A 92 -32.65 -11.36 -29.19
C LEU A 92 -33.73 -12.01 -28.32
N GLU A 93 -34.05 -11.40 -27.18
CA GLU A 93 -35.09 -11.90 -26.29
C GLU A 93 -35.88 -10.72 -25.75
N GLY A 94 -36.91 -11.03 -24.98
CA GLY A 94 -37.83 -10.02 -24.50
C GLY A 94 -38.90 -9.72 -25.51
N LEU A 95 -39.65 -8.66 -25.23
CA LEU A 95 -40.69 -8.23 -26.16
C LEU A 95 -40.09 -7.77 -27.48
N LYS A 96 -38.97 -7.06 -27.40
CA LYS A 96 -38.22 -6.65 -28.59
C LYS A 96 -37.31 -7.79 -29.00
N ARG A 97 -37.76 -8.59 -29.97
CA ARG A 97 -37.01 -9.72 -30.50
C ARG A 97 -37.15 -9.73 -32.00
N GLY A 98 -36.03 -9.97 -32.69
CA GLY A 98 -36.04 -9.93 -34.14
C GLY A 98 -36.13 -8.55 -34.72
N VAL A 99 -35.99 -7.51 -33.89
CA VAL A 99 -36.03 -6.11 -34.34
C VAL A 99 -34.63 -5.55 -34.19
N CYS A 100 -34.09 -5.05 -35.29
CA CYS A 100 -32.70 -4.60 -35.36
C CYS A 100 -32.69 -3.10 -35.62
N VAL A 101 -31.88 -2.37 -34.84
CA VAL A 101 -31.79 -0.92 -34.91
C VAL A 101 -30.34 -0.52 -35.07
N LYS A 102 -30.11 0.56 -35.81
CA LYS A 102 -28.78 1.07 -36.05
C LYS A 102 -28.09 1.45 -34.74
N ILE A 103 -26.79 1.18 -34.67
CA ILE A 103 -25.97 1.64 -33.55
C ILE A 103 -25.65 3.11 -33.77
N ASN A 104 -25.64 3.88 -32.68
CA ASN A 104 -25.46 5.32 -32.79
C ASN A 104 -24.01 5.67 -33.08
N HIS A 105 -23.10 5.24 -32.21
CA HIS A 105 -21.69 5.64 -32.16
C HIS A 105 -21.49 7.10 -31.75
N PHE A 106 -22.57 7.84 -31.46
CA PHE A 106 -22.46 9.23 -31.01
C PHE A 106 -23.62 9.55 -30.05
N PRO A 107 -23.65 8.90 -28.89
CA PRO A 107 -24.55 9.38 -27.84
C PRO A 107 -24.14 10.76 -27.38
N GLU A 108 -25.12 11.55 -26.96
CA GLU A 108 -24.87 12.95 -26.58
C GLU A 108 -23.90 13.04 -25.42
N ASP A 109 -22.70 13.56 -25.68
CA ASP A 109 -21.68 13.69 -24.66
C ASP A 109 -20.76 14.85 -25.04
N THR A 110 -20.04 15.35 -24.05
CA THR A 110 -19.12 16.46 -24.30
C THR A 110 -17.94 16.04 -25.17
N ASP A 111 -17.60 14.75 -25.17
CA ASP A 111 -16.47 14.27 -25.96
C ASP A 111 -16.72 14.39 -27.45
N TYR A 112 -17.97 14.51 -27.88
CA TYR A 112 -18.26 14.67 -29.30
C TYR A 112 -17.64 15.96 -29.83
N ASP A 113 -16.79 15.83 -30.85
CA ASP A 113 -16.09 16.94 -31.48
C ASP A 113 -15.14 17.65 -30.52
N HIS A 114 -14.79 17.01 -29.40
CA HIS A 114 -13.92 17.59 -28.38
C HIS A 114 -12.64 16.81 -28.19
N ASP A 115 -12.73 15.51 -27.96
CA ASP A 115 -11.54 14.67 -27.83
C ASP A 115 -11.04 14.29 -29.22
N SER A 116 -9.83 14.73 -29.56
CA SER A 116 -9.31 14.52 -30.90
C SER A 116 -9.13 13.03 -31.20
N ALA A 117 -8.55 12.29 -30.26
CA ALA A 117 -8.31 10.86 -30.49
C ALA A 117 -9.61 10.07 -30.43
N GLU A 118 -10.45 10.34 -29.43
CA GLU A 118 -11.68 9.58 -29.26
C GLU A 118 -12.64 9.83 -30.41
N TYR A 119 -12.74 11.08 -30.87
CA TYR A 119 -13.62 11.39 -31.99
C TYR A 119 -13.16 10.69 -33.26
N LEU A 120 -11.84 10.71 -33.51
CA LEU A 120 -11.31 10.12 -34.73
C LEU A 120 -11.55 8.62 -34.77
N LEU A 121 -11.37 7.95 -33.63
CA LEU A 121 -11.69 6.53 -33.53
C LEU A 121 -13.15 6.28 -33.88
N ARG A 122 -14.03 7.17 -33.43
CA ARG A 122 -15.46 6.99 -33.61
C ARG A 122 -15.88 7.31 -35.04
N VAL A 123 -15.13 8.19 -35.72
CA VAL A 123 -15.38 8.44 -37.14
C VAL A 123 -15.06 7.18 -37.95
N VAL A 124 -13.88 6.61 -37.74
CA VAL A 124 -13.46 5.45 -38.52
C VAL A 124 -14.26 4.22 -38.14
N ARG A 125 -14.57 4.05 -36.85
CA ARG A 125 -15.39 2.91 -36.43
C ARG A 125 -16.78 2.99 -37.03
N ALA A 126 -17.37 4.19 -37.06
CA ALA A 126 -18.70 4.33 -37.64
C ALA A 126 -18.66 4.04 -39.13
N SER A 127 -17.65 4.55 -39.83
CA SER A 127 -17.55 4.32 -41.26
C SER A 127 -17.14 2.89 -41.58
N SER A 128 -16.34 2.28 -40.71
CA SER A 128 -15.79 0.94 -40.95
C SER A 128 -15.03 0.91 -42.28
N ILE A 129 -14.31 2.00 -42.56
CA ILE A 129 -13.63 2.13 -43.84
C ILE A 129 -12.54 1.07 -43.97
N PHE A 130 -11.87 0.74 -42.86
CA PHE A 130 -10.74 -0.20 -42.94
C PHE A 130 -11.20 -1.59 -43.34
N PRO A 131 -12.20 -2.20 -42.70
CA PRO A 131 -12.73 -3.46 -43.26
C PRO A 131 -13.29 -3.33 -44.65
N ILE A 132 -13.96 -2.21 -44.95
CA ILE A 132 -14.49 -2.00 -46.29
C ILE A 132 -13.35 -1.85 -47.29
N LEU A 133 -12.27 -1.19 -46.88
CA LEU A 133 -11.11 -1.08 -47.74
C LEU A 133 -10.51 -2.46 -48.02
N SER A 134 -10.49 -3.33 -47.02
CA SER A 134 -9.87 -4.65 -47.17
C SER A 134 -10.56 -5.45 -48.27
N ALA A 135 -11.89 -5.43 -48.31
CA ALA A 135 -12.60 -6.15 -49.35
C ALA A 135 -12.34 -5.56 -50.72
N ILE A 136 -12.17 -4.24 -50.80
CA ILE A 136 -11.87 -3.61 -52.08
C ILE A 136 -10.51 -4.09 -52.59
N LEU A 137 -9.51 -4.12 -51.72
CA LEU A 137 -8.17 -4.51 -52.14
C LEU A 137 -8.15 -5.96 -52.61
N LEU A 138 -8.86 -6.85 -51.93
CA LEU A 138 -8.96 -8.22 -52.39
C LEU A 138 -9.63 -8.29 -53.75
N LEU A 139 -10.64 -7.45 -53.97
CA LEU A 139 -11.33 -7.45 -55.26
C LEU A 139 -10.39 -7.00 -56.38
N LEU A 140 -9.69 -5.88 -56.17
CA LEU A 140 -8.73 -5.42 -57.17
C LEU A 140 -7.63 -6.43 -57.40
N GLY A 141 -7.12 -7.03 -56.32
CA GLY A 141 -6.07 -8.02 -56.46
C GLY A 141 -6.52 -9.24 -57.25
N GLY A 142 -7.73 -9.72 -56.98
CA GLY A 142 -8.26 -10.83 -57.73
C GLY A 142 -8.46 -10.50 -59.20
N VAL A 143 -8.85 -9.25 -59.48
CA VAL A 143 -8.97 -8.81 -60.88
C VAL A 143 -7.61 -8.80 -61.55
N CYS A 144 -6.60 -8.29 -60.85
CA CYS A 144 -5.25 -8.26 -61.42
C CYS A 144 -4.74 -9.67 -61.69
N VAL A 145 -5.00 -10.60 -60.78
CA VAL A 145 -4.60 -11.98 -60.99
C VAL A 145 -5.34 -12.58 -62.18
N ALA A 146 -6.66 -12.35 -62.24
CA ALA A 146 -7.43 -12.82 -63.38
C ALA A 146 -7.03 -12.10 -64.66
N ALA A 147 -6.58 -10.86 -64.53
CA ALA A 147 -6.03 -10.11 -65.65
C ALA A 147 -4.55 -10.42 -65.90
N SER A 148 -3.98 -11.39 -65.18
CA SER A 148 -2.63 -11.88 -65.43
C SER A 148 -2.61 -13.25 -66.09
N ARG A 149 -3.68 -14.04 -65.95
CA ARG A 149 -3.81 -15.23 -66.79
C ARG A 149 -3.86 -14.83 -68.25
N VAL A 150 -4.55 -13.74 -68.56
CA VAL A 150 -4.46 -13.06 -69.83
C VAL A 150 -3.41 -11.97 -69.63
N TYR A 151 -2.79 -11.49 -70.72
CA TYR A 151 -1.58 -10.68 -70.62
C TYR A 151 -0.48 -11.46 -69.89
N LYS A 152 -0.38 -12.75 -70.20
CA LYS A 152 0.51 -13.63 -69.45
C LYS A 152 1.98 -13.24 -69.59
N SER A 153 2.33 -12.40 -70.57
CA SER A 153 3.71 -11.96 -70.70
C SER A 153 4.16 -11.13 -69.50
N LYS A 154 3.33 -10.19 -69.05
CA LYS A 154 3.72 -9.33 -67.94
C LYS A 154 3.83 -10.10 -66.63
N ARG A 155 4.67 -9.58 -65.74
CA ARG A 155 4.86 -10.11 -64.40
C ARG A 155 4.56 -9.09 -63.32
N ASN A 156 4.79 -7.80 -63.57
CA ASN A 156 4.55 -6.76 -62.58
C ASN A 156 3.08 -6.60 -62.22
N ILE A 157 2.16 -7.14 -63.02
CA ILE A 157 0.76 -7.16 -62.63
C ILE A 157 0.57 -7.98 -61.37
N ILE A 158 1.23 -9.14 -61.31
CA ILE A 158 1.08 -10.03 -60.17
C ILE A 158 1.64 -9.38 -58.91
N LEU A 159 2.73 -8.63 -59.04
CA LEU A 159 3.30 -7.95 -57.88
C LEU A 159 2.31 -7.00 -57.26
N GLY A 160 1.54 -6.29 -58.09
CA GLY A 160 0.50 -5.44 -57.55
C GLY A 160 -0.52 -6.23 -56.74
N ALA A 161 -0.98 -7.36 -57.28
CA ALA A 161 -1.97 -8.16 -56.58
C ALA A 161 -1.42 -8.70 -55.27
N GLY A 162 -0.16 -9.14 -55.27
CA GLY A 162 0.43 -9.63 -54.03
C GLY A 162 0.52 -8.55 -52.97
N ILE A 163 0.79 -7.31 -53.38
CA ILE A 163 0.85 -6.21 -52.43
C ILE A 163 -0.55 -5.87 -51.92
N LEU A 164 -1.55 -5.88 -52.81
CA LEU A 164 -2.91 -5.57 -52.39
C LEU A 164 -3.42 -6.60 -51.40
N PHE A 165 -3.14 -7.88 -51.66
CA PHE A 165 -3.51 -8.93 -50.72
C PHE A 165 -2.84 -8.73 -49.37
N VAL A 166 -1.59 -8.27 -49.38
CA VAL A 166 -0.89 -7.99 -48.13
C VAL A 166 -1.49 -6.75 -47.46
N ALA A 167 -1.74 -5.70 -48.24
CA ALA A 167 -2.29 -4.48 -47.67
C ALA A 167 -3.71 -4.69 -47.15
N ALA A 168 -4.43 -5.68 -47.69
CA ALA A 168 -5.73 -6.01 -47.16
C ALA A 168 -5.61 -6.51 -45.73
N GLY A 169 -4.56 -7.25 -45.42
CA GLY A 169 -4.38 -7.75 -44.07
C GLY A 169 -4.14 -6.64 -43.06
N LEU A 170 -3.32 -5.66 -43.42
CA LEU A 170 -3.04 -4.57 -42.50
C LEU A 170 -4.29 -3.75 -42.23
N SER A 171 -5.08 -3.48 -43.25
CA SER A 171 -6.35 -2.79 -43.03
C SER A 171 -7.28 -3.63 -42.18
N ASN A 172 -7.29 -4.94 -42.42
CA ASN A 172 -8.16 -5.85 -41.65
C ASN A 172 -7.78 -5.83 -40.18
N ILE A 173 -6.50 -6.03 -39.86
CA ILE A 173 -6.07 -6.08 -38.47
C ILE A 173 -6.15 -4.70 -37.83
N ILE A 174 -6.11 -3.64 -38.62
CA ILE A 174 -6.45 -2.32 -38.10
C ILE A 174 -7.95 -2.24 -37.84
N GLY A 175 -8.76 -2.86 -38.71
CA GLY A 175 -10.20 -2.76 -38.60
C GLY A 175 -10.79 -3.49 -37.41
N VAL A 176 -9.98 -4.29 -36.70
CA VAL A 176 -10.46 -5.08 -35.57
C VAL A 176 -9.95 -4.46 -34.28
N ILE A 177 -8.75 -3.87 -34.32
CA ILE A 177 -8.26 -3.13 -33.17
C ILE A 177 -9.15 -1.94 -32.88
N VAL A 178 -9.59 -1.26 -33.93
CA VAL A 178 -10.52 -0.14 -33.78
C VAL A 178 -11.83 -0.63 -33.17
N TYR A 179 -12.37 -1.72 -33.71
CA TYR A 179 -13.65 -2.23 -33.22
C TYR A 179 -13.56 -2.65 -31.76
N ILE A 180 -12.47 -3.31 -31.38
CA ILE A 180 -12.32 -3.74 -30.00
C ILE A 180 -12.09 -2.56 -29.07
N SER A 181 -11.22 -1.63 -29.47
CA SER A 181 -10.93 -0.49 -28.62
C SER A 181 -12.15 0.43 -28.49
N ALA A 182 -13.04 0.43 -29.48
CA ALA A 182 -14.22 1.27 -29.42
C ALA A 182 -15.27 0.71 -28.47
N ASN A 183 -15.41 -0.61 -28.44
CA ASN A 183 -16.44 -1.23 -27.61
C ASN A 183 -16.17 -1.01 -26.11
N ALA A 184 -14.92 -0.85 -25.73
CA ALA A 184 -14.58 -0.74 -24.32
C ALA A 184 -15.02 0.61 -23.75
N GLY A 185 -15.31 0.61 -22.45
CA GLY A 185 -15.67 1.83 -21.75
C GLY A 185 -15.15 1.80 -20.33
N GLU A 186 -15.01 2.99 -19.76
CA GLU A 186 -14.50 3.15 -18.40
C GLU A 186 -13.09 2.59 -18.27
N LYS A 196 -18.57 -5.56 -13.74
CA LYS A 196 -17.84 -6.61 -14.45
C LYS A 196 -18.75 -7.29 -15.48
N ASN A 197 -19.00 -6.58 -16.58
CA ASN A 197 -19.84 -7.14 -17.63
C ASN A 197 -19.08 -8.21 -18.42
N HIS A 198 -19.84 -9.05 -19.12
CA HIS A 198 -19.31 -10.18 -19.86
C HIS A 198 -19.83 -10.13 -21.28
N TYR A 199 -18.93 -10.31 -22.25
CA TYR A 199 -19.26 -10.32 -23.66
C TYR A 199 -18.67 -11.57 -24.30
N SER A 200 -19.01 -11.76 -25.57
CA SER A 200 -18.50 -12.88 -26.35
C SER A 200 -18.51 -12.50 -27.81
N TYR A 201 -17.63 -13.14 -28.57
CA TYR A 201 -17.45 -12.85 -29.98
C TYR A 201 -18.12 -13.92 -30.82
N GLY A 202 -18.72 -13.51 -31.91
CA GLY A 202 -19.54 -14.37 -32.73
C GLY A 202 -18.76 -15.08 -33.81
N TRP A 203 -19.45 -15.38 -34.90
CA TRP A 203 -18.88 -16.09 -36.04
C TRP A 203 -18.66 -15.23 -37.26
N SER A 204 -19.25 -14.03 -37.30
CA SER A 204 -18.87 -13.06 -38.33
C SER A 204 -17.52 -12.45 -38.00
N PHE A 205 -17.18 -12.39 -36.72
CA PHE A 205 -15.84 -11.95 -36.31
C PHE A 205 -14.78 -12.86 -36.90
N TYR A 206 -14.95 -14.17 -36.72
CA TYR A 206 -13.99 -15.13 -37.23
C TYR A 206 -13.97 -15.18 -38.75
N PHE A 207 -15.08 -14.82 -39.40
CA PHE A 207 -15.08 -14.72 -40.85
C PHE A 207 -14.11 -13.65 -41.32
N GLY A 208 -14.05 -12.52 -40.61
CA GLY A 208 -13.03 -11.53 -40.90
C GLY A 208 -11.63 -12.03 -40.58
N GLY A 209 -11.51 -12.95 -39.63
CA GLY A 209 -10.21 -13.50 -39.30
C GLY A 209 -9.63 -14.33 -40.41
N LEU A 210 -10.45 -15.18 -41.04
CA LEU A 210 -9.97 -16.01 -42.14
C LEU A 210 -9.55 -15.15 -43.31
N SER A 211 -10.30 -14.08 -43.59
CA SER A 211 -9.93 -13.16 -44.67
C SER A 211 -8.55 -12.56 -44.46
N PHE A 212 -8.12 -12.41 -43.20
CA PHE A 212 -6.74 -12.02 -42.95
C PHE A 212 -5.78 -13.14 -43.27
N ILE A 213 -6.09 -14.36 -42.82
CA ILE A 213 -5.20 -15.49 -43.04
C ILE A 213 -5.10 -15.80 -44.52
N LEU A 214 -6.24 -15.90 -45.21
CA LEU A 214 -6.21 -16.20 -46.63
C LEU A 214 -5.51 -15.12 -47.41
N ALA A 215 -5.77 -13.85 -47.08
CA ALA A 215 -5.16 -12.75 -47.81
C ALA A 215 -3.64 -12.77 -47.67
N GLU A 216 -3.15 -13.11 -46.48
CA GLU A 216 -1.71 -13.17 -46.28
C GLU A 216 -1.11 -14.38 -46.97
N VAL A 217 -1.85 -15.48 -47.06
CA VAL A 217 -1.39 -16.65 -47.81
C VAL A 217 -1.25 -16.32 -49.29
N ILE A 218 -2.29 -15.75 -49.90
CA ILE A 218 -2.24 -15.51 -51.33
C ILE A 218 -1.25 -14.39 -51.67
N GLY A 219 -0.87 -13.56 -50.70
CA GLY A 219 0.24 -12.65 -50.91
C GLY A 219 1.55 -13.39 -51.04
N VAL A 220 1.70 -14.48 -50.31
CA VAL A 220 2.92 -15.29 -50.40
C VAL A 220 2.97 -16.00 -51.75
N LEU A 221 1.86 -16.62 -52.14
CA LEU A 221 1.85 -17.37 -53.40
C LEU A 221 2.04 -16.45 -54.60
N ALA A 222 1.40 -15.29 -54.58
CA ALA A 222 1.53 -14.36 -55.70
C ALA A 222 2.96 -13.88 -55.86
N VAL A 223 3.64 -13.65 -54.73
CA VAL A 223 5.05 -13.27 -54.78
C VAL A 223 5.88 -14.43 -55.31
N ASN A 224 5.60 -15.65 -54.84
CA ASN A 224 6.30 -16.83 -55.32
C ASN A 224 6.09 -17.02 -56.81
N ILE A 225 4.90 -16.67 -57.31
CA ILE A 225 4.66 -16.70 -58.75
C ILE A 225 5.55 -15.68 -59.45
N TYR A 226 5.61 -14.47 -58.91
CA TYR A 226 6.42 -13.42 -59.52
C TYR A 226 7.91 -13.79 -59.48
N ILE A 227 8.33 -14.45 -58.40
CA ILE A 227 9.70 -14.95 -58.34
C ILE A 227 9.93 -16.00 -59.41
N GLU A 228 9.04 -16.99 -59.48
CA GLU A 228 9.20 -18.07 -60.45
C GLU A 228 9.14 -17.53 -61.88
N ARG A 229 8.23 -16.61 -62.14
CA ARG A 229 8.12 -16.04 -63.49
C ARG A 229 9.38 -15.28 -63.87
N SER A 230 9.94 -14.50 -62.94
CA SER A 230 11.12 -13.70 -63.26
C SER A 230 12.32 -14.59 -63.57
N ARG A 231 12.51 -15.67 -62.82
CA ARG A 231 13.65 -16.54 -63.06
C ARG A 231 13.57 -17.19 -64.43
N GLU A 232 12.36 -17.59 -64.84
CA GLU A 232 12.18 -18.13 -66.18
C GLU A 232 12.52 -17.10 -67.25
N ALA A 233 12.34 -15.82 -66.95
CA ALA A 233 12.70 -14.73 -67.85
C ALA A 233 14.11 -14.20 -67.63
N HIS A 234 14.89 -14.82 -66.73
CA HIS A 234 16.25 -14.38 -66.48
C HIS A 234 17.06 -15.50 -65.83
N ASN B 414 -33.51 -39.43 50.61
CA ASN B 414 -32.97 -38.95 49.33
C ASN B 414 -34.11 -38.54 48.40
N ARG B 415 -34.12 -37.25 48.04
CA ARG B 415 -35.11 -36.68 47.14
C ARG B 415 -34.43 -36.27 45.84
N THR B 416 -34.95 -36.78 44.72
CA THR B 416 -34.38 -36.44 43.42
C THR B 416 -34.63 -34.98 43.10
N TYR B 417 -33.68 -34.37 42.40
CA TYR B 417 -33.68 -32.95 42.10
C TYR B 417 -33.85 -32.73 40.61
N ILE B 418 -34.62 -31.71 40.26
CA ILE B 418 -34.93 -31.39 38.87
C ILE B 418 -33.80 -30.53 38.31
N VAL B 419 -33.60 -30.60 36.99
CA VAL B 419 -32.44 -30.03 36.33
C VAL B 419 -32.83 -29.00 35.27
N THR B 420 -33.83 -29.32 34.45
CA THR B 420 -34.40 -28.37 33.49
C THR B 420 -33.36 -27.84 32.51
N THR B 421 -32.89 -28.75 31.65
CA THR B 421 -31.95 -28.38 30.60
C THR B 421 -32.70 -27.67 29.48
N ILE B 422 -32.01 -27.47 28.35
CA ILE B 422 -32.65 -27.01 27.12
C ILE B 422 -31.90 -27.66 25.96
N LEU B 423 -32.62 -27.91 24.87
CA LEU B 423 -32.15 -28.75 23.78
C LEU B 423 -31.22 -28.04 22.81
N GLU B 424 -30.63 -26.91 23.18
CA GLU B 424 -29.73 -26.22 22.28
C GLU B 424 -28.46 -27.04 22.08
N ASP B 425 -27.96 -27.00 20.86
CA ASP B 425 -26.86 -27.83 20.39
C ASP B 425 -25.52 -27.18 20.70
N PRO B 426 -24.51 -27.90 21.20
CA PRO B 426 -24.36 -29.29 21.65
C PRO B 426 -24.52 -29.50 23.16
N TYR B 427 -25.08 -28.51 23.85
CA TYR B 427 -25.17 -28.60 25.30
C TYR B 427 -26.06 -29.76 25.72
N VAL B 428 -27.19 -29.92 25.06
CA VAL B 428 -28.00 -31.13 25.18
C VAL B 428 -28.49 -31.54 23.80
N MET B 429 -28.37 -32.83 23.49
CA MET B 429 -28.81 -33.39 22.23
C MET B 429 -29.65 -34.63 22.50
N LEU B 430 -30.73 -34.76 21.76
CA LEU B 430 -31.45 -36.03 21.71
C LEU B 430 -30.60 -37.04 20.97
N LYS B 431 -30.50 -38.25 21.52
CA LYS B 431 -29.60 -39.25 20.97
C LYS B 431 -30.03 -39.64 19.56
N LYS B 432 -29.16 -40.44 18.91
CA LYS B 432 -29.41 -40.83 17.52
C LYS B 432 -30.72 -41.59 17.39
N ASN B 433 -31.00 -42.50 18.33
CA ASN B 433 -32.27 -43.22 18.41
C ASN B 433 -32.68 -43.22 19.87
N ALA B 434 -33.50 -42.24 20.25
CA ALA B 434 -33.90 -42.04 21.63
C ALA B 434 -35.19 -42.76 22.02
N ASN B 435 -35.90 -43.33 21.06
CA ASN B 435 -37.22 -43.90 21.37
C ASN B 435 -37.10 -45.09 22.31
N GLN B 436 -36.13 -45.97 22.08
CA GLN B 436 -35.96 -47.12 22.97
C GLN B 436 -35.36 -46.72 24.30
N PHE B 437 -34.52 -45.69 24.31
CA PHE B 437 -33.89 -45.23 25.54
C PHE B 437 -34.90 -44.51 26.43
N GLU B 438 -34.56 -44.40 27.71
CA GLU B 438 -35.42 -43.75 28.69
C GLU B 438 -34.55 -43.11 29.76
N GLY B 439 -35.17 -42.22 30.53
CA GLY B 439 -34.48 -41.55 31.61
C GLY B 439 -33.42 -40.58 31.11
N ASN B 440 -32.48 -40.27 32.00
CA ASN B 440 -31.40 -39.35 31.67
C ASN B 440 -30.51 -39.87 30.55
N ASP B 441 -30.51 -41.19 30.30
CA ASP B 441 -29.77 -41.74 29.18
C ASP B 441 -30.40 -41.41 27.83
N ARG B 442 -31.59 -40.82 27.83
CA ARG B 442 -32.20 -40.35 26.59
C ARG B 442 -31.41 -39.21 25.96
N TYR B 443 -30.55 -38.53 26.71
CA TYR B 443 -29.89 -37.31 26.28
C TYR B 443 -28.37 -37.46 26.37
N GLU B 444 -27.68 -36.57 25.67
CA GLU B 444 -26.23 -36.44 25.78
C GLU B 444 -25.85 -35.00 25.49
N GLY B 445 -24.68 -34.62 25.94
CA GLY B 445 -24.16 -33.29 25.66
C GLY B 445 -23.18 -32.85 26.73
N TYR B 446 -22.62 -31.66 26.49
CA TYR B 446 -21.70 -31.05 27.45
C TYR B 446 -22.37 -30.86 28.80
N CYS B 447 -23.59 -30.31 28.79
CA CYS B 447 -24.29 -30.04 30.03
C CYS B 447 -24.67 -31.32 30.75
N VAL B 448 -24.92 -32.40 30.02
CA VAL B 448 -25.31 -33.65 30.67
C VAL B 448 -24.14 -34.22 31.46
N GLU B 449 -22.96 -34.26 30.84
CA GLU B 449 -21.79 -34.75 31.55
C GLU B 449 -21.41 -33.81 32.69
N LEU B 450 -21.60 -32.51 32.49
CA LEU B 450 -21.38 -31.57 33.59
C LEU B 450 -22.30 -31.89 34.76
N ALA B 451 -23.57 -32.17 34.48
CA ALA B 451 -24.51 -32.49 35.54
C ALA B 451 -24.15 -33.80 36.22
N ALA B 452 -23.64 -34.76 35.45
CA ALA B 452 -23.17 -36.01 36.05
C ALA B 452 -22.04 -35.75 37.02
N GLU B 453 -21.06 -34.96 36.61
CA GLU B 453 -19.93 -34.63 37.48
C GLU B 453 -20.40 -33.86 38.71
N ILE B 454 -21.34 -32.93 38.52
CA ILE B 454 -21.87 -32.14 39.61
C ILE B 454 -22.58 -33.03 40.62
N ALA B 455 -23.40 -33.96 40.13
CA ALA B 455 -24.10 -34.88 41.02
C ALA B 455 -23.12 -35.77 41.77
N LYS B 456 -22.06 -36.21 41.08
CA LYS B 456 -21.04 -37.02 41.73
C LYS B 456 -20.38 -36.26 42.87
N HIS B 457 -20.01 -35.00 42.62
CA HIS B 457 -19.31 -34.23 43.64
C HIS B 457 -20.23 -33.87 44.79
N VAL B 458 -21.43 -33.37 44.49
CA VAL B 458 -22.34 -32.92 45.54
C VAL B 458 -22.89 -34.12 46.30
N GLY B 459 -23.32 -35.16 45.57
CA GLY B 459 -23.83 -36.37 46.18
C GLY B 459 -25.33 -36.48 46.18
N TYR B 460 -25.97 -36.14 45.05
CA TYR B 460 -27.40 -36.31 44.86
C TYR B 460 -27.65 -37.05 43.55
N SER B 461 -28.93 -37.28 43.27
CA SER B 461 -29.38 -37.98 42.08
C SER B 461 -30.38 -37.10 41.34
N TYR B 462 -30.24 -37.01 40.02
CA TYR B 462 -30.91 -36.01 39.22
C TYR B 462 -31.78 -36.65 38.15
N ARG B 463 -32.81 -35.91 37.72
CA ARG B 463 -33.75 -36.34 36.70
C ARG B 463 -33.92 -35.18 35.72
N LEU B 464 -33.41 -35.36 34.51
CA LEU B 464 -33.34 -34.25 33.55
C LEU B 464 -34.73 -33.89 33.03
N GLU B 465 -34.79 -32.74 32.37
CA GLU B 465 -36.06 -32.17 31.93
C GLU B 465 -35.77 -31.06 30.94
N ILE B 466 -36.66 -30.90 29.97
CA ILE B 466 -36.66 -29.79 29.03
C ILE B 466 -37.78 -28.84 29.42
N VAL B 467 -37.52 -27.54 29.31
CA VAL B 467 -38.59 -26.57 29.51
C VAL B 467 -39.63 -26.74 28.42
N SER B 468 -40.90 -26.74 28.81
CA SER B 468 -41.98 -26.83 27.83
C SER B 468 -41.96 -25.61 26.91
N ASP B 469 -41.66 -24.43 27.47
CA ASP B 469 -41.66 -23.22 26.67
C ASP B 469 -40.56 -23.27 25.61
N GLY B 470 -39.41 -23.85 25.96
CA GLY B 470 -38.32 -23.96 25.01
C GLY B 470 -37.45 -22.73 24.90
N LYS B 471 -37.29 -21.98 25.99
CA LYS B 471 -36.52 -20.75 25.99
C LYS B 471 -35.75 -20.63 27.30
N TYR B 472 -34.80 -19.69 27.32
CA TYR B 472 -33.88 -19.55 28.44
C TYR B 472 -34.50 -18.75 29.57
N GLY B 473 -34.85 -17.49 29.30
CA GLY B 473 -35.40 -16.63 30.33
C GLY B 473 -35.64 -15.21 29.89
N ALA B 474 -36.76 -14.64 30.34
CA ALA B 474 -37.10 -13.27 30.01
C ALA B 474 -38.22 -12.81 30.92
N ARG B 475 -38.24 -11.51 31.18
CA ARG B 475 -39.25 -10.87 32.01
C ARG B 475 -40.38 -10.39 31.12
N ASP B 476 -41.59 -10.90 31.37
CA ASP B 476 -42.76 -10.40 30.66
C ASP B 476 -43.09 -9.02 31.20
N PRO B 477 -43.07 -7.95 30.38
CA PRO B 477 -43.20 -6.60 30.97
C PRO B 477 -44.59 -6.34 31.53
N ASP B 478 -45.61 -6.56 30.73
CA ASP B 478 -46.98 -6.30 31.19
C ASP B 478 -47.40 -7.33 32.24
N THR B 479 -47.15 -8.62 31.97
CA THR B 479 -47.53 -9.66 32.90
C THR B 479 -46.64 -9.69 34.13
N LYS B 480 -45.44 -9.14 34.07
CA LYS B 480 -44.48 -9.19 35.17
C LYS B 480 -44.18 -10.63 35.57
N ALA B 481 -43.93 -11.46 34.55
CA ALA B 481 -43.71 -12.89 34.73
C ALA B 481 -42.38 -13.30 34.10
N TRP B 482 -41.71 -14.25 34.74
CA TRP B 482 -40.50 -14.86 34.21
C TRP B 482 -40.85 -16.08 33.37
N ASN B 483 -40.27 -16.18 32.19
CA ASN B 483 -40.51 -17.29 31.29
C ASN B 483 -39.33 -18.25 31.28
N GLY B 484 -39.56 -19.44 30.72
CA GLY B 484 -38.47 -20.38 30.50
C GLY B 484 -37.87 -20.93 31.78
N MET B 485 -36.56 -21.21 31.73
CA MET B 485 -35.89 -21.86 32.83
C MET B 485 -35.91 -21.00 34.08
N VAL B 486 -35.73 -19.69 33.91
CA VAL B 486 -35.78 -18.78 35.05
C VAL B 486 -37.14 -18.88 35.73
N GLY B 487 -38.20 -18.93 34.94
CA GLY B 487 -39.52 -19.11 35.51
C GLY B 487 -39.67 -20.42 36.25
N GLU B 488 -39.14 -21.50 35.67
CA GLU B 488 -39.21 -22.80 36.33
C GLU B 488 -38.38 -22.83 37.61
N LEU B 489 -37.39 -21.95 37.74
CA LEU B 489 -36.59 -21.90 38.96
C LEU B 489 -37.28 -21.07 40.04
N VAL B 490 -37.80 -19.90 39.66
CA VAL B 490 -38.41 -19.01 40.65
C VAL B 490 -39.69 -19.64 41.21
N TYR B 491 -40.49 -20.28 40.36
CA TYR B 491 -41.81 -20.76 40.74
C TYR B 491 -41.79 -22.21 41.21
N GLY B 492 -40.65 -22.70 41.69
CA GLY B 492 -40.59 -23.98 42.37
C GLY B 492 -40.68 -25.20 41.48
N ARG B 493 -40.83 -25.03 40.16
CA ARG B 493 -40.85 -26.18 39.27
C ARG B 493 -39.47 -26.78 39.04
N ALA B 494 -38.41 -26.13 39.50
CA ALA B 494 -37.04 -26.53 39.21
C ALA B 494 -36.16 -26.24 40.41
N ASP B 495 -35.15 -27.10 40.59
CA ASP B 495 -34.15 -26.94 41.62
C ASP B 495 -32.77 -26.56 41.09
N VAL B 496 -32.48 -26.85 39.81
CA VAL B 496 -31.19 -26.59 39.20
C VAL B 496 -31.46 -26.14 37.76
N ALA B 497 -30.43 -25.56 37.14
CA ALA B 497 -30.48 -25.21 35.72
C ALA B 497 -29.06 -25.30 35.18
N VAL B 498 -28.75 -26.41 34.52
CA VAL B 498 -27.40 -26.68 34.06
C VAL B 498 -27.13 -26.09 32.68
N ALA B 499 -28.16 -25.73 31.92
CA ALA B 499 -28.02 -25.24 30.56
C ALA B 499 -27.22 -23.95 30.50
N PRO B 500 -26.87 -23.48 29.30
CA PRO B 500 -26.19 -22.17 29.22
C PRO B 500 -27.11 -21.01 29.51
N LEU B 501 -26.94 -20.43 30.70
CA LEU B 501 -27.66 -19.24 31.11
C LEU B 501 -26.65 -18.11 31.23
N THR B 502 -26.70 -17.17 30.29
CA THR B 502 -25.83 -16.01 30.35
C THR B 502 -26.11 -15.22 31.62
N ILE B 503 -25.05 -14.85 32.32
CA ILE B 503 -25.18 -14.14 33.58
C ILE B 503 -25.55 -12.70 33.28
N THR B 504 -26.65 -12.23 33.88
CA THR B 504 -27.15 -10.89 33.68
C THR B 504 -27.54 -10.29 35.02
N LEU B 505 -27.87 -9.00 35.00
CA LEU B 505 -28.30 -8.31 36.21
C LEU B 505 -29.71 -8.70 36.61
N VAL B 506 -30.61 -8.80 35.63
CA VAL B 506 -32.00 -9.13 35.93
C VAL B 506 -32.12 -10.56 36.46
N ARG B 507 -31.37 -11.49 35.85
CA ARG B 507 -31.44 -12.87 36.31
C ARG B 507 -30.83 -13.02 37.70
N GLU B 508 -29.70 -12.37 37.95
CA GLU B 508 -29.00 -12.53 39.22
C GLU B 508 -29.78 -11.91 40.37
N GLU B 509 -30.67 -10.96 40.09
CA GLU B 509 -31.51 -10.39 41.15
C GLU B 509 -32.39 -11.44 41.78
N VAL B 510 -33.01 -12.29 40.95
CA VAL B 510 -34.06 -13.19 41.40
C VAL B 510 -33.58 -14.62 41.66
N ILE B 511 -32.45 -15.03 41.07
CA ILE B 511 -31.89 -16.36 41.27
C ILE B 511 -30.40 -16.24 41.47
N ASP B 512 -29.81 -17.32 42.01
CA ASP B 512 -28.40 -17.36 42.36
C ASP B 512 -27.64 -18.13 41.29
N PHE B 513 -26.59 -17.49 40.75
CA PHE B 513 -25.74 -18.09 39.74
C PHE B 513 -24.46 -18.61 40.39
N SER B 514 -23.99 -19.75 39.88
CA SER B 514 -22.67 -20.24 40.25
C SER B 514 -21.62 -19.46 39.49
N LYS B 515 -20.36 -19.75 39.77
CA LYS B 515 -19.29 -19.15 39.00
C LYS B 515 -19.30 -19.73 37.59
N PRO B 516 -18.85 -18.97 36.59
CA PRO B 516 -19.02 -19.44 35.21
C PRO B 516 -18.18 -20.66 34.90
N PHE B 517 -18.77 -21.59 34.16
CA PHE B 517 -18.07 -22.75 33.64
C PHE B 517 -17.65 -22.58 32.19
N MET B 518 -17.98 -21.46 31.56
CA MET B 518 -17.51 -21.20 30.20
C MET B 518 -17.64 -19.71 29.94
N SER B 519 -16.50 -19.07 29.67
CA SER B 519 -16.44 -17.65 29.36
C SER B 519 -16.41 -17.47 27.85
N LEU B 520 -17.07 -16.43 27.36
CA LEU B 520 -17.29 -16.26 25.94
C LEU B 520 -17.52 -14.79 25.63
N GLY B 521 -18.01 -14.52 24.42
CA GLY B 521 -18.36 -13.18 24.02
C GLY B 521 -18.80 -13.16 22.58
N ILE B 522 -18.97 -11.96 22.07
CA ILE B 522 -19.37 -11.76 20.67
C ILE B 522 -18.12 -11.85 19.80
N SER B 523 -18.29 -12.46 18.63
CA SER B 523 -17.18 -12.76 17.74
C SER B 523 -17.68 -12.67 16.30
N ILE B 524 -16.71 -12.57 15.38
CA ILE B 524 -16.97 -12.39 13.96
C ILE B 524 -16.85 -13.73 13.26
N MET B 525 -17.82 -14.02 12.41
CA MET B 525 -17.93 -15.25 11.64
C MET B 525 -17.86 -14.88 10.17
N ILE B 526 -16.92 -15.45 9.44
CA ILE B 526 -16.71 -15.14 8.03
C ILE B 526 -16.67 -16.42 7.22
N LYS B 527 -16.94 -16.29 5.92
CA LYS B 527 -16.75 -17.40 5.02
C LYS B 527 -15.27 -17.72 4.91
N LYS B 528 -14.93 -18.99 5.07
CA LYS B 528 -13.53 -19.39 5.08
C LYS B 528 -12.92 -19.11 3.70
N PRO B 529 -11.74 -18.49 3.63
CA PRO B 529 -11.10 -18.35 2.31
C PRO B 529 -10.83 -19.71 1.69
N GLN B 530 -11.12 -19.83 0.40
CA GLN B 530 -10.95 -21.10 -0.29
C GLN B 530 -9.47 -21.36 -0.52
N LYS B 531 -9.17 -22.53 -1.08
CA LYS B 531 -7.80 -22.83 -1.47
C LYS B 531 -7.29 -21.84 -2.51
N SER B 532 -8.20 -21.33 -3.35
CA SER B 532 -7.85 -20.37 -4.40
C SER B 532 -6.81 -20.97 -5.35
N LYS B 533 -7.20 -22.03 -6.03
CA LYS B 533 -6.32 -22.69 -6.97
C LYS B 533 -5.99 -21.69 -8.09
N PRO B 534 -4.72 -21.38 -8.36
CA PRO B 534 -4.43 -20.33 -9.35
C PRO B 534 -4.96 -20.63 -10.73
N GLY B 535 -4.96 -21.89 -11.12
CA GLY B 535 -5.48 -22.29 -12.42
C GLY B 535 -4.40 -22.35 -13.47
N VAL B 536 -4.56 -23.30 -14.39
CA VAL B 536 -3.64 -23.41 -15.51
C VAL B 536 -3.89 -22.25 -16.46
N PHE B 537 -2.83 -21.81 -17.13
CA PHE B 537 -2.89 -20.68 -18.05
C PHE B 537 -3.33 -19.41 -17.31
N SER B 538 -2.81 -19.23 -16.10
CA SER B 538 -2.98 -18.00 -15.35
C SER B 538 -1.86 -17.00 -15.59
N PHE B 539 -0.73 -17.45 -16.13
CA PHE B 539 0.34 -16.53 -16.50
C PHE B 539 -0.04 -15.60 -17.63
N LEU B 540 -1.11 -15.93 -18.38
CA LEU B 540 -1.63 -15.04 -19.41
C LEU B 540 -2.52 -13.94 -18.84
N ASP B 541 -2.87 -14.00 -17.56
CA ASP B 541 -3.80 -13.03 -16.98
C ASP B 541 -3.36 -11.58 -17.12
N PRO B 542 -2.09 -11.21 -16.97
CA PRO B 542 -1.72 -9.78 -17.08
C PRO B 542 -2.09 -9.12 -18.38
N LEU B 543 -2.32 -9.88 -19.45
CA LEU B 543 -2.70 -9.34 -20.75
C LEU B 543 -3.97 -10.01 -21.22
N ALA B 544 -4.85 -9.23 -21.81
CA ALA B 544 -6.13 -9.74 -22.25
C ALA B 544 -5.96 -10.70 -23.42
N TYR B 545 -7.02 -11.48 -23.65
CA TYR B 545 -7.05 -12.44 -24.75
C TYR B 545 -6.87 -11.74 -26.09
N GLU B 546 -7.48 -10.57 -26.24
CA GLU B 546 -7.38 -9.82 -27.48
C GLU B 546 -5.95 -9.42 -27.77
N ILE B 547 -5.19 -9.05 -26.74
CA ILE B 547 -3.81 -8.63 -26.96
C ILE B 547 -2.98 -9.80 -27.48
N TRP B 548 -3.12 -10.97 -26.86
CA TRP B 548 -2.36 -12.13 -27.31
C TRP B 548 -2.71 -12.50 -28.74
N MET B 549 -3.99 -12.52 -29.07
CA MET B 549 -4.36 -12.94 -30.41
C MET B 549 -3.93 -11.90 -31.44
N CYS B 550 -4.02 -10.61 -31.11
CA CYS B 550 -3.53 -9.59 -32.02
C CYS B 550 -2.03 -9.65 -32.16
N ILE B 551 -1.32 -10.08 -31.11
CA ILE B 551 0.12 -10.32 -31.23
C ILE B 551 0.38 -11.39 -32.27
N VAL B 552 -0.39 -12.48 -32.22
CA VAL B 552 -0.20 -13.57 -33.17
C VAL B 552 -0.43 -13.07 -34.60
N PHE B 553 -1.55 -12.37 -34.81
CA PHE B 553 -1.88 -11.92 -36.15
C PHE B 553 -0.88 -10.88 -36.67
N ALA B 554 -0.40 -10.01 -35.78
CA ALA B 554 0.61 -9.04 -36.16
C ALA B 554 1.94 -9.72 -36.47
N TYR B 555 2.27 -10.78 -35.76
CA TYR B 555 3.46 -11.55 -36.07
C TYR B 555 3.38 -12.14 -37.47
N ILE B 556 2.22 -12.68 -37.83
CA ILE B 556 2.03 -13.20 -39.17
C ILE B 556 2.18 -12.09 -40.21
N GLY B 557 1.54 -10.95 -39.96
CA GLY B 557 1.62 -9.85 -40.90
C GLY B 557 3.03 -9.33 -41.09
N VAL B 558 3.77 -9.21 -39.99
CA VAL B 558 5.15 -8.73 -40.04
C VAL B 558 6.01 -9.70 -40.82
N SER B 559 5.85 -11.00 -40.57
CA SER B 559 6.64 -11.99 -41.28
C SER B 559 6.37 -11.93 -42.78
N VAL B 560 5.11 -11.83 -43.15
CA VAL B 560 4.77 -11.77 -44.58
C VAL B 560 5.32 -10.51 -45.22
N VAL B 561 5.23 -9.37 -44.53
CA VAL B 561 5.70 -8.13 -45.10
C VAL B 561 7.22 -8.16 -45.27
N LEU B 562 7.91 -8.73 -44.28
CA LEU B 562 9.36 -8.87 -44.39
C LEU B 562 9.74 -9.75 -45.55
N PHE B 563 9.05 -10.89 -45.70
CA PHE B 563 9.31 -11.77 -46.82
C PHE B 563 9.09 -11.08 -48.15
N LEU B 564 8.00 -10.31 -48.25
CA LEU B 564 7.73 -9.55 -49.47
C LEU B 564 8.88 -8.59 -49.77
N VAL B 565 9.10 -7.63 -48.89
CA VAL B 565 10.09 -6.59 -49.18
C VAL B 565 11.52 -7.08 -49.21
N SER B 566 11.78 -8.35 -48.85
CA SER B 566 13.10 -8.94 -49.01
C SER B 566 13.20 -9.88 -50.21
N ARG B 567 12.07 -10.35 -50.75
CA ARG B 567 12.06 -11.29 -51.87
C ARG B 567 11.04 -10.86 -52.91
N PHE B 568 11.10 -9.59 -53.30
CA PHE B 568 10.32 -9.04 -54.40
C PHE B 568 11.16 -8.46 -55.50
N SER B 569 12.38 -8.01 -55.20
CA SER B 569 13.21 -7.31 -56.17
C SER B 569 14.11 -8.33 -56.88
N PRO B 570 13.97 -8.53 -58.20
CA PRO B 570 14.90 -9.46 -58.86
C PRO B 570 16.34 -9.01 -58.79
N TYR B 571 16.59 -7.70 -58.66
CA TYR B 571 17.96 -7.18 -58.65
C TYR B 571 18.76 -7.69 -57.46
N GLU B 572 18.10 -8.07 -56.37
CA GLU B 572 18.72 -8.77 -55.25
C GLU B 572 18.22 -10.20 -55.09
N TRP B 573 17.32 -10.67 -55.95
CA TRP B 573 16.74 -12.01 -55.84
C TRP B 573 17.50 -13.01 -56.70
N HIS B 574 17.57 -12.79 -58.01
CA HIS B 574 18.18 -13.80 -58.87
C HIS B 574 19.70 -13.86 -58.71
N SER B 575 20.31 -12.91 -58.04
CA SER B 575 21.76 -12.92 -57.84
C SER B 575 22.17 -14.12 -57.00
N SER B 590 22.27 -12.73 -52.39
CA SER B 590 20.84 -12.52 -52.31
C SER B 590 20.38 -12.53 -50.86
N ASN B 591 19.08 -12.33 -50.66
CA ASN B 591 18.50 -12.34 -49.32
C ASN B 591 18.11 -13.76 -48.92
N GLU B 592 18.39 -14.10 -47.67
CA GLU B 592 17.98 -15.38 -47.10
C GLU B 592 16.59 -15.33 -46.50
N PHE B 593 15.89 -14.19 -46.59
CA PHE B 593 14.64 -13.97 -45.88
C PHE B 593 13.48 -14.50 -46.73
N GLY B 594 13.33 -15.83 -46.71
CA GLY B 594 12.12 -16.45 -47.16
C GLY B 594 11.04 -16.35 -46.12
N ILE B 595 9.90 -16.96 -46.43
CA ILE B 595 8.77 -16.92 -45.50
C ILE B 595 9.11 -17.63 -44.21
N PHE B 596 9.75 -18.80 -44.31
CA PHE B 596 10.03 -19.59 -43.12
C PHE B 596 11.06 -18.93 -42.24
N ASN B 597 12.16 -18.46 -42.84
CA ASN B 597 13.16 -17.72 -42.07
C ASN B 597 12.62 -16.40 -41.57
N SER B 598 11.66 -15.80 -42.28
CA SER B 598 11.05 -14.56 -41.80
C SER B 598 10.23 -14.82 -40.54
N LEU B 599 9.44 -15.89 -40.54
CA LEU B 599 8.71 -16.26 -39.34
C LEU B 599 9.66 -16.56 -38.19
N TRP B 600 10.77 -17.24 -38.49
CA TRP B 600 11.77 -17.51 -37.46
C TRP B 600 12.35 -16.23 -36.91
N PHE B 601 12.66 -15.27 -37.78
CA PHE B 601 13.23 -14.00 -37.34
C PHE B 601 12.25 -13.24 -36.46
N SER B 602 10.99 -13.19 -36.86
CA SER B 602 9.99 -12.49 -36.06
C SER B 602 9.81 -13.15 -34.70
N LEU B 603 9.76 -14.48 -34.67
CA LEU B 603 9.60 -15.18 -33.42
C LEU B 603 10.79 -14.96 -32.50
N GLY B 604 11.99 -14.97 -33.06
CA GLY B 604 13.16 -14.67 -32.24
C GLY B 604 13.17 -13.25 -31.73
N ALA B 605 12.74 -12.31 -32.58
CA ALA B 605 12.69 -10.91 -32.17
C ALA B 605 11.71 -10.70 -31.03
N PHE B 606 10.54 -11.34 -31.10
CA PHE B 606 9.54 -11.14 -30.06
C PHE B 606 10.02 -11.62 -28.71
N MET B 607 10.90 -12.62 -28.68
CA MET B 607 11.38 -13.21 -27.43
C MET B 607 12.73 -12.64 -27.00
N GLN B 608 13.18 -11.56 -27.63
CA GLN B 608 14.44 -10.91 -27.31
C GLN B 608 15.63 -11.84 -27.50
N GLN B 609 15.49 -12.82 -28.39
CA GLN B 609 16.56 -13.72 -28.77
C GLN B 609 16.98 -13.41 -30.21
N GLY B 610 18.27 -13.24 -30.42
CA GLY B 610 18.75 -12.99 -31.75
C GLY B 610 18.67 -14.23 -32.62
N CYS B 611 18.73 -14.00 -33.93
CA CYS B 611 18.72 -15.04 -34.94
C CYS B 611 20.02 -14.97 -35.73
N ASP B 612 20.25 -15.99 -36.56
CA ASP B 612 21.46 -16.05 -37.36
C ASP B 612 21.47 -15.05 -38.50
N ILE B 613 20.35 -14.36 -38.77
CA ILE B 613 20.23 -13.44 -39.88
C ILE B 613 19.69 -12.11 -39.37
N SER B 614 19.83 -11.09 -40.22
CA SER B 614 19.28 -9.78 -39.92
C SER B 614 19.08 -9.06 -41.25
N PRO B 615 18.05 -8.21 -41.38
CA PRO B 615 17.84 -7.53 -42.66
C PRO B 615 18.99 -6.60 -43.03
N ARG B 616 19.22 -6.47 -44.33
CA ARG B 616 20.23 -5.58 -44.88
C ARG B 616 19.63 -4.43 -45.68
N SER B 617 18.38 -4.57 -46.14
CA SER B 617 17.70 -3.51 -46.86
C SER B 617 17.11 -2.49 -45.89
N LEU B 618 16.65 -1.37 -46.45
CA LEU B 618 16.00 -0.36 -45.63
C LEU B 618 14.61 -0.80 -45.20
N SER B 619 13.87 -1.46 -46.09
CA SER B 619 12.51 -1.89 -45.78
C SER B 619 12.50 -2.93 -44.68
N GLY B 620 13.29 -4.00 -44.85
CA GLY B 620 13.38 -5.02 -43.82
C GLY B 620 13.87 -4.47 -42.50
N ARG B 621 14.73 -3.46 -42.55
CA ARG B 621 15.26 -2.89 -41.31
C ARG B 621 14.22 -2.03 -40.61
N ILE B 622 13.41 -1.29 -41.36
CA ILE B 622 12.29 -0.58 -40.77
C ILE B 622 11.33 -1.55 -40.09
N VAL B 623 11.02 -2.64 -40.79
CA VAL B 623 10.09 -3.64 -40.26
C VAL B 623 10.66 -4.23 -38.97
N GLY B 624 11.94 -4.60 -39.00
CA GLY B 624 12.55 -5.18 -37.83
C GLY B 624 12.57 -4.23 -36.65
N GLY B 625 12.91 -2.96 -36.91
CA GLY B 625 12.96 -2.00 -35.82
C GLY B 625 11.62 -1.76 -35.18
N VAL B 626 10.57 -1.63 -35.98
CA VAL B 626 9.27 -1.32 -35.40
C VAL B 626 8.73 -2.55 -34.66
N TRP B 627 8.98 -3.75 -35.19
CA TRP B 627 8.61 -4.97 -34.49
C TRP B 627 9.37 -5.08 -33.16
N TRP B 628 10.63 -4.64 -33.15
CA TRP B 628 11.41 -4.66 -31.93
C TRP B 628 10.82 -3.73 -30.88
N PHE B 629 10.38 -2.54 -31.33
CA PHE B 629 9.72 -1.60 -30.43
C PHE B 629 8.47 -2.20 -29.82
N PHE B 630 7.63 -2.78 -30.67
CA PHE B 630 6.44 -3.50 -30.22
C PHE B 630 6.78 -4.53 -29.16
N THR B 631 7.79 -5.34 -29.43
CA THR B 631 8.21 -6.39 -28.50
C THR B 631 8.60 -5.81 -27.16
N LEU B 632 9.40 -4.74 -27.18
CA LEU B 632 9.89 -4.13 -25.94
C LEU B 632 8.72 -3.66 -25.10
N ILE B 633 7.81 -2.91 -25.73
CA ILE B 633 6.67 -2.37 -24.99
C ILE B 633 5.83 -3.48 -24.41
N ILE B 634 5.57 -4.52 -25.20
CA ILE B 634 4.67 -5.56 -24.76
C ILE B 634 5.27 -6.34 -23.60
N ILE B 635 6.56 -6.65 -23.67
CA ILE B 635 7.16 -7.43 -22.59
C ILE B 635 7.25 -6.62 -21.32
N SER B 636 7.61 -5.34 -21.43
CA SER B 636 7.66 -4.51 -20.24
C SER B 636 6.27 -4.38 -19.62
N SER B 637 5.23 -4.31 -20.46
CA SER B 637 3.88 -4.25 -19.95
C SER B 637 3.51 -5.52 -19.20
N TYR B 638 3.85 -6.67 -19.77
CA TYR B 638 3.56 -7.95 -19.10
C TYR B 638 4.25 -8.02 -17.75
N THR B 639 5.56 -7.74 -17.72
CA THR B 639 6.31 -7.82 -16.48
C THR B 639 5.76 -6.87 -15.43
N ALA B 640 5.48 -5.63 -15.82
CA ALA B 640 5.01 -4.63 -14.87
C ALA B 640 3.64 -4.98 -14.32
N ASN B 641 2.72 -5.38 -15.19
CA ASN B 641 1.38 -5.72 -14.72
C ASN B 641 1.40 -6.95 -13.85
N LEU B 642 2.26 -7.93 -14.17
CA LEU B 642 2.38 -9.09 -13.30
C LEU B 642 2.91 -8.70 -11.94
N ALA B 643 3.91 -7.81 -11.89
CA ALA B 643 4.42 -7.34 -10.62
C ALA B 643 3.32 -6.65 -9.83
N ALA B 644 2.48 -5.87 -10.50
CA ALA B 644 1.37 -5.23 -9.83
C ALA B 644 0.39 -6.25 -9.27
N PHE B 645 0.07 -7.28 -10.06
CA PHE B 645 -0.81 -8.35 -9.59
C PHE B 645 -0.29 -8.96 -8.31
N LEU B 646 0.98 -9.38 -8.31
CA LEU B 646 1.51 -10.10 -7.16
C LEU B 646 1.64 -9.17 -5.96
N THR B 647 2.03 -7.92 -6.19
CA THR B 647 2.14 -6.97 -5.09
C THR B 647 0.79 -6.73 -4.45
N VAL B 648 -0.25 -6.48 -5.27
CA VAL B 648 -1.57 -6.20 -4.74
C VAL B 648 -2.09 -7.42 -3.99
N GLU B 649 -1.94 -8.61 -4.57
CA GLU B 649 -2.36 -9.81 -3.87
C GLU B 649 -1.56 -10.06 -2.60
N ARG B 650 -0.40 -9.43 -2.45
CA ARG B 650 0.37 -9.63 -1.23
C ARG B 650 -0.08 -8.68 -0.13
N MET B 651 -0.49 -7.47 -0.48
CA MET B 651 -0.89 -6.48 0.52
C MET B 651 -2.31 -6.64 1.02
N VAL B 652 -3.02 -7.70 0.63
CA VAL B 652 -4.36 -7.92 1.16
C VAL B 652 -4.25 -8.18 2.66
N SER B 653 -4.93 -7.36 3.45
CA SER B 653 -4.98 -7.53 4.89
C SER B 653 -6.31 -8.17 5.25
N PRO B 654 -6.36 -9.44 5.65
CA PRO B 654 -7.64 -10.01 6.04
C PRO B 654 -8.16 -9.36 7.31
N ILE B 655 -9.48 -9.46 7.49
CA ILE B 655 -10.10 -8.92 8.69
C ILE B 655 -9.54 -9.65 9.90
N GLU B 656 -9.19 -8.89 10.94
CA GLU B 656 -8.64 -9.45 12.17
C GLU B 656 -9.25 -8.85 13.43
N SER B 657 -10.24 -7.96 13.31
CA SER B 657 -10.80 -7.27 14.46
C SER B 657 -12.09 -6.59 14.01
N ALA B 658 -12.76 -5.94 14.97
CA ALA B 658 -13.98 -5.22 14.67
C ALA B 658 -13.71 -3.83 14.13
N GLU B 659 -12.62 -3.19 14.59
CA GLU B 659 -12.30 -1.86 14.09
C GLU B 659 -12.02 -1.87 12.60
N ASP B 660 -11.48 -2.98 12.08
CA ASP B 660 -11.30 -3.10 10.64
C ASP B 660 -12.64 -3.06 9.92
N LEU B 661 -13.65 -3.74 10.46
CA LEU B 661 -14.99 -3.69 9.88
C LEU B 661 -15.60 -2.30 10.04
N ALA B 662 -15.27 -1.61 11.13
CA ALA B 662 -15.80 -0.27 11.35
C ALA B 662 -15.25 0.71 10.32
N LYS B 663 -13.95 0.65 10.08
CA LYS B 663 -13.33 1.57 9.13
C LYS B 663 -13.81 1.30 7.71
N GLN B 664 -13.76 0.04 7.29
CA GLN B 664 -14.17 -0.33 5.95
C GLN B 664 -15.69 -0.46 5.87
N THR B 665 -16.20 -0.51 4.64
CA THR B 665 -17.61 -0.73 4.38
C THR B 665 -17.88 -1.66 3.21
N GLU B 666 -16.85 -2.23 2.58
CA GLU B 666 -17.07 -3.09 1.43
C GLU B 666 -17.76 -4.37 1.82
N ILE B 667 -17.39 -4.95 2.95
CA ILE B 667 -17.97 -6.20 3.43
C ILE B 667 -19.11 -5.88 4.39
N ALA B 668 -20.25 -6.52 4.18
CA ALA B 668 -21.41 -6.30 5.03
C ALA B 668 -21.32 -7.17 6.28
N TYR B 669 -22.13 -6.83 7.28
CA TYR B 669 -22.14 -7.59 8.51
C TYR B 669 -23.40 -7.25 9.30
N GLY B 670 -23.95 -8.26 9.97
CA GLY B 670 -25.16 -8.09 10.76
C GLY B 670 -25.27 -9.13 11.84
N THR B 671 -26.36 -9.06 12.60
CA THR B 671 -26.56 -9.83 13.82
C THR B 671 -27.91 -10.56 13.74
N LEU B 672 -28.28 -11.18 14.86
CA LEU B 672 -29.62 -11.73 15.06
C LEU B 672 -30.46 -10.67 15.78
N GLU B 673 -31.56 -10.28 15.15
CA GLU B 673 -32.34 -9.16 15.69
C GLU B 673 -33.14 -9.57 16.92
N ALA B 674 -33.58 -10.81 17.00
CA ALA B 674 -34.38 -11.25 18.15
C ALA B 674 -33.58 -11.20 19.44
N GLY B 675 -32.31 -11.59 19.39
CA GLY B 675 -31.53 -11.83 20.58
C GLY B 675 -30.99 -10.55 21.21
N SER B 676 -30.16 -10.75 22.24
CA SER B 676 -29.57 -9.67 23.00
C SER B 676 -28.32 -9.09 22.36
N THR B 677 -27.87 -9.66 21.23
CA THR B 677 -26.75 -9.07 20.51
C THR B 677 -27.09 -7.66 20.04
N LYS B 678 -28.24 -7.50 19.38
CA LYS B 678 -28.69 -6.17 19.04
C LYS B 678 -28.98 -5.35 20.29
N GLU B 679 -29.38 -6.01 21.38
CA GLU B 679 -29.52 -5.29 22.64
C GLU B 679 -28.19 -4.74 23.11
N PHE B 680 -27.09 -5.44 22.81
CA PHE B 680 -25.77 -4.95 23.15
C PHE B 680 -25.32 -3.84 22.21
N PHE B 681 -25.73 -3.90 20.94
CA PHE B 681 -25.24 -2.93 19.96
C PHE B 681 -26.03 -1.63 19.99
N ARG B 682 -27.35 -1.68 20.21
CA ARG B 682 -28.13 -0.46 20.26
C ARG B 682 -27.70 0.42 21.42
N ARG B 683 -27.31 -0.18 22.52
CA ARG B 683 -26.95 0.51 23.74
C ARG B 683 -25.46 0.83 23.83
N SER B 684 -24.64 0.23 22.97
CA SER B 684 -23.20 0.37 23.10
C SER B 684 -22.77 1.82 22.92
N LYS B 685 -21.84 2.25 23.78
CA LYS B 685 -21.40 3.64 23.84
C LYS B 685 -19.99 3.85 23.31
N ILE B 686 -19.23 2.78 23.07
CA ILE B 686 -17.90 2.94 22.50
C ILE B 686 -18.04 3.42 21.06
N ALA B 687 -17.03 4.16 20.59
CA ALA B 687 -17.10 4.77 19.27
C ALA B 687 -17.21 3.71 18.19
N VAL B 688 -16.44 2.62 18.31
CA VAL B 688 -16.44 1.57 17.31
C VAL B 688 -17.83 0.97 17.17
N PHE B 689 -18.34 0.39 18.25
CA PHE B 689 -19.61 -0.34 18.18
C PHE B 689 -20.76 0.61 17.86
N GLU B 690 -20.67 1.88 18.27
CA GLU B 690 -21.66 2.85 17.85
C GLU B 690 -21.62 3.04 16.34
N LYS B 691 -20.42 3.09 15.76
CA LYS B 691 -20.29 3.20 14.31
C LYS B 691 -20.89 1.98 13.62
N MET B 692 -20.61 0.80 14.14
CA MET B 692 -21.16 -0.43 13.57
C MET B 692 -22.69 -0.44 13.67
N TRP B 693 -23.22 0.05 14.79
CA TRP B 693 -24.67 0.10 14.95
C TRP B 693 -25.30 1.08 13.98
N THR B 694 -24.65 2.22 13.75
CA THR B 694 -25.16 3.17 12.77
C THR B 694 -25.19 2.56 11.39
N TYR B 695 -24.14 1.82 11.03
CA TYR B 695 -24.13 1.14 9.73
C TYR B 695 -25.22 0.08 9.66
N MET B 696 -25.49 -0.60 10.78
CA MET B 696 -26.27 -1.83 10.75
C MET B 696 -27.70 -1.58 10.25
N LYS B 697 -28.40 -0.63 10.87
CA LYS B 697 -29.79 -0.38 10.51
C LYS B 697 -29.92 0.43 9.23
N SER B 698 -28.92 1.23 8.89
CA SER B 698 -29.00 2.05 7.69
C SER B 698 -28.94 1.22 6.42
N ALA B 699 -28.22 0.10 6.44
CA ALA B 699 -27.96 -0.64 5.22
C ALA B 699 -29.23 -1.32 4.71
N GLU B 700 -29.14 -1.80 3.49
CA GLU B 700 -30.22 -2.51 2.81
C GLU B 700 -29.63 -3.71 2.09
N PRO B 701 -30.46 -4.74 1.79
CA PRO B 701 -31.88 -4.89 2.10
C PRO B 701 -32.11 -5.31 3.55
N SER B 702 -31.27 -6.22 4.04
CA SER B 702 -31.30 -6.58 5.46
C SER B 702 -29.98 -7.27 5.78
N VAL B 703 -29.09 -6.56 6.48
CA VAL B 703 -27.91 -7.24 7.03
C VAL B 703 -28.34 -8.23 8.09
N PHE B 704 -29.39 -7.92 8.84
CA PHE B 704 -29.91 -8.82 9.86
C PHE B 704 -30.52 -10.05 9.20
N VAL B 705 -30.70 -11.09 10.01
CA VAL B 705 -31.22 -12.37 9.54
C VAL B 705 -32.04 -12.99 10.66
N ARG B 706 -33.13 -13.68 10.29
CA ARG B 706 -34.10 -14.14 11.28
C ARG B 706 -33.51 -15.17 12.23
N THR B 707 -32.72 -16.10 11.70
CA THR B 707 -32.23 -17.25 12.46
C THR B 707 -30.74 -17.43 12.20
N THR B 708 -30.03 -17.95 13.21
CA THR B 708 -28.58 -18.07 13.11
C THR B 708 -28.17 -19.05 12.01
N GLU B 709 -28.97 -20.10 11.78
CA GLU B 709 -28.69 -20.99 10.66
C GLU B 709 -28.79 -20.24 9.34
N GLU B 710 -29.76 -19.33 9.24
CA GLU B 710 -29.90 -18.52 8.03
C GLU B 710 -28.70 -17.62 7.85
N GLY B 711 -28.19 -17.04 8.94
CA GLY B 711 -26.98 -16.24 8.84
C GLY B 711 -25.78 -17.05 8.42
N MET B 712 -25.64 -18.26 8.97
CA MET B 712 -24.57 -19.17 8.58
C MET B 712 -24.62 -19.44 7.09
N ILE B 713 -25.78 -19.88 6.58
CA ILE B 713 -25.84 -20.27 5.18
C ILE B 713 -25.77 -19.04 4.28
N ARG B 714 -26.19 -17.88 4.77
CA ARG B 714 -26.05 -16.65 4.00
C ARG B 714 -24.58 -16.27 3.85
N VAL B 715 -23.81 -16.37 4.94
CA VAL B 715 -22.39 -16.08 4.87
C VAL B 715 -21.71 -17.09 3.95
N ARG B 716 -22.15 -18.33 4.00
CA ARG B 716 -21.61 -19.33 3.08
C ARG B 716 -21.93 -18.97 1.63
N LYS B 717 -23.13 -18.45 1.39
CA LYS B 717 -23.54 -18.11 0.02
C LYS B 717 -23.03 -16.75 -0.42
N SER B 718 -22.78 -15.83 0.52
CA SER B 718 -22.38 -14.47 0.16
C SER B 718 -21.03 -14.40 -0.51
N LYS B 719 -20.23 -15.46 -0.47
CA LYS B 719 -18.90 -15.47 -1.09
C LYS B 719 -17.98 -14.46 -0.42
N GLY B 720 -17.94 -14.51 0.91
CA GLY B 720 -17.04 -13.67 1.68
C GLY B 720 -17.46 -12.22 1.82
N LYS B 721 -18.64 -11.85 1.35
CA LYS B 721 -19.11 -10.47 1.40
C LYS B 721 -19.99 -10.16 2.59
N TYR B 722 -20.28 -11.14 3.45
CA TYR B 722 -21.09 -10.95 4.65
C TYR B 722 -20.39 -11.58 5.84
N ALA B 723 -20.40 -10.89 6.97
CA ALA B 723 -19.75 -11.34 8.19
C ALA B 723 -20.78 -11.33 9.32
N TYR B 724 -21.15 -12.51 9.79
CA TYR B 724 -22.12 -12.62 10.86
C TYR B 724 -21.45 -12.35 12.20
N LEU B 725 -22.23 -11.93 13.18
CA LEU B 725 -21.76 -11.67 14.52
C LEU B 725 -22.50 -12.59 15.49
N LEU B 726 -21.76 -13.31 16.31
CA LEU B 726 -22.31 -14.50 16.95
C LEU B 726 -21.55 -14.76 18.24
N GLU B 727 -22.16 -15.52 19.14
CA GLU B 727 -21.44 -15.99 20.31
C GLU B 727 -20.25 -16.84 19.88
N SER B 728 -19.18 -16.78 20.69
CA SER B 728 -17.96 -17.51 20.37
C SER B 728 -18.22 -19.01 20.28
N THR B 729 -19.05 -19.53 21.18
CA THR B 729 -19.22 -20.97 21.29
C THR B 729 -19.86 -21.55 20.04
N MET B 730 -20.93 -20.93 19.56
CA MET B 730 -21.57 -21.45 18.36
C MET B 730 -20.70 -21.22 17.14
N ASN B 731 -19.91 -20.16 17.12
CA ASN B 731 -18.98 -19.95 16.02
C ASN B 731 -17.96 -21.07 15.95
N GLU B 732 -17.37 -21.42 17.10
CA GLU B 732 -16.42 -22.54 17.14
C GLU B 732 -17.10 -23.84 16.77
N TYR B 733 -18.33 -24.04 17.24
CA TYR B 733 -19.06 -25.27 16.95
C TYR B 733 -19.29 -25.42 15.47
N ILE B 734 -19.78 -24.35 14.83
CA ILE B 734 -20.01 -24.35 13.39
C ILE B 734 -18.69 -24.55 12.65
N GLU B 735 -17.59 -24.03 13.20
CA GLU B 735 -16.30 -24.17 12.55
C GLU B 735 -15.84 -25.62 12.49
N GLN B 736 -16.44 -26.52 13.26
CA GLN B 736 -16.14 -27.95 13.24
C GLN B 736 -17.38 -28.78 12.91
N ARG B 737 -18.16 -28.32 11.94
CA ARG B 737 -19.26 -29.08 11.36
C ARG B 737 -19.27 -28.92 9.85
N LYS B 738 -19.42 -30.04 9.15
CA LYS B 738 -19.49 -30.01 7.70
C LYS B 738 -20.75 -29.27 7.26
N PRO B 739 -20.67 -28.37 6.27
CA PRO B 739 -19.53 -27.91 5.47
C PRO B 739 -18.70 -26.86 6.20
N CYS B 740 -17.42 -27.15 6.47
CA CYS B 740 -16.56 -26.20 7.17
C CYS B 740 -16.04 -25.14 6.21
N ASP B 741 -16.98 -24.31 5.75
CA ASP B 741 -16.68 -23.12 4.95
C ASP B 741 -16.83 -21.85 5.77
N THR B 742 -16.63 -21.93 7.09
CA THR B 742 -16.79 -20.82 8.00
C THR B 742 -15.60 -20.75 8.94
N MET B 743 -15.37 -19.56 9.49
CA MET B 743 -14.23 -19.33 10.36
C MET B 743 -14.55 -18.23 11.35
N LYS B 744 -14.20 -18.48 12.61
CA LYS B 744 -14.17 -17.43 13.63
C LYS B 744 -12.92 -16.61 13.43
N VAL B 745 -13.06 -15.29 13.47
CA VAL B 745 -11.95 -14.38 13.22
C VAL B 745 -11.91 -13.33 14.31
N GLY B 746 -10.70 -12.94 14.69
CA GLY B 746 -10.51 -11.95 15.72
C GLY B 746 -10.74 -12.52 17.10
N GLY B 747 -10.65 -11.63 18.08
CA GLY B 747 -10.92 -11.96 19.46
C GLY B 747 -12.39 -11.77 19.78
N ASN B 748 -12.68 -11.70 21.08
CA ASN B 748 -14.04 -11.53 21.57
C ASN B 748 -14.29 -10.06 21.87
N LEU B 749 -15.37 -9.53 21.31
CA LEU B 749 -15.69 -8.11 21.48
C LEU B 749 -15.99 -7.78 22.94
N ASP B 750 -16.75 -8.63 23.61
CA ASP B 750 -17.10 -8.48 25.01
C ASP B 750 -16.68 -9.74 25.78
N SER B 751 -17.05 -9.77 27.05
CA SER B 751 -16.76 -10.91 27.92
C SER B 751 -18.01 -11.22 28.74
N LYS B 752 -18.44 -12.47 28.67
CA LYS B 752 -19.59 -12.95 29.41
C LYS B 752 -19.29 -14.36 29.88
N GLY B 753 -20.23 -14.94 30.62
CA GLY B 753 -20.04 -16.29 31.11
C GLY B 753 -21.33 -17.03 31.33
N TYR B 754 -21.43 -18.23 30.75
CA TYR B 754 -22.53 -19.11 31.10
C TYR B 754 -22.32 -19.64 32.51
N GLY B 755 -23.43 -19.95 33.18
CA GLY B 755 -23.35 -20.37 34.57
C GLY B 755 -24.53 -21.21 34.97
N ILE B 756 -24.35 -21.94 36.05
CA ILE B 756 -25.37 -22.78 36.65
C ILE B 756 -26.17 -21.93 37.62
N ALA B 757 -27.50 -22.13 37.61
CA ALA B 757 -28.41 -21.35 38.41
C ALA B 757 -29.15 -22.24 39.40
N THR B 758 -29.54 -21.64 40.52
CA THR B 758 -30.33 -22.28 41.54
C THR B 758 -31.29 -21.24 42.10
N PRO B 759 -32.40 -21.67 42.70
CA PRO B 759 -33.32 -20.70 43.28
C PRO B 759 -32.73 -20.03 44.51
N LYS B 760 -33.27 -18.86 44.82
CA LYS B 760 -32.78 -18.07 45.95
C LYS B 760 -32.90 -18.85 47.25
N GLY B 761 -31.83 -18.85 48.03
CA GLY B 761 -31.84 -19.47 49.34
C GLY B 761 -31.74 -20.97 49.35
N SER B 762 -31.52 -21.61 48.20
CA SER B 762 -31.38 -23.05 48.17
C SER B 762 -30.13 -23.49 48.91
N ALA B 763 -30.22 -24.67 49.53
CA ALA B 763 -29.06 -25.28 50.19
C ALA B 763 -28.03 -25.81 49.21
N LEU B 764 -28.35 -25.87 47.92
CA LEU B 764 -27.51 -26.48 46.91
C LEU B 764 -26.53 -25.50 46.26
N ARG B 765 -26.53 -24.23 46.67
CA ARG B 765 -25.74 -23.22 45.99
C ARG B 765 -24.25 -23.46 46.20
N GLY B 766 -23.84 -23.64 47.45
CA GLY B 766 -22.44 -23.72 47.81
C GLY B 766 -21.72 -24.90 47.18
N PRO B 767 -22.25 -26.11 47.37
CA PRO B 767 -21.63 -27.27 46.73
C PRO B 767 -21.56 -27.14 45.22
N VAL B 768 -22.59 -26.56 44.60
CA VAL B 768 -22.60 -26.40 43.16
C VAL B 768 -21.45 -25.49 42.71
N ASN B 769 -21.33 -24.33 43.36
CA ASN B 769 -20.28 -23.39 42.99
C ASN B 769 -18.91 -23.99 43.22
N LEU B 770 -18.70 -24.63 44.37
CA LEU B 770 -17.39 -25.21 44.67
C LEU B 770 -17.05 -26.32 43.71
N ALA B 771 -18.04 -27.12 43.31
CA ALA B 771 -17.77 -28.21 42.39
C ALA B 771 -17.45 -27.67 41.00
N VAL B 772 -18.14 -26.61 40.57
CA VAL B 772 -17.83 -26.00 39.28
C VAL B 772 -16.39 -25.51 39.29
N LEU B 773 -15.98 -24.83 40.35
CA LEU B 773 -14.61 -24.35 40.42
C LEU B 773 -13.63 -25.51 40.44
N LYS B 774 -13.91 -26.54 41.24
CA LYS B 774 -13.01 -27.68 41.36
C LYS B 774 -12.81 -28.37 40.01
N LEU B 775 -13.89 -28.46 39.23
CA LEU B 775 -13.75 -28.97 37.87
C LEU B 775 -12.93 -28.01 37.01
N SER B 776 -13.09 -26.70 37.22
CA SER B 776 -12.40 -25.74 36.37
C SER B 776 -10.88 -25.77 36.57
N GLU B 777 -10.42 -25.83 37.83
CA GLU B 777 -8.99 -25.99 38.06
C GLU B 777 -8.47 -27.30 37.47
N GLN B 778 -9.22 -28.39 37.62
CA GLN B 778 -8.93 -29.58 36.85
C GLN B 778 -9.25 -29.32 35.38
N GLY B 779 -8.88 -30.28 34.54
CA GLY B 779 -9.05 -30.10 33.11
C GLY B 779 -10.39 -30.59 32.61
N VAL B 780 -11.35 -30.79 33.52
CA VAL B 780 -12.59 -31.48 33.17
C VAL B 780 -13.40 -30.67 32.19
N LEU B 781 -13.60 -29.38 32.47
CA LEU B 781 -14.40 -28.56 31.56
C LEU B 781 -13.70 -28.39 30.22
N ASP B 782 -12.38 -28.17 30.25
CA ASP B 782 -11.63 -28.09 29.01
C ASP B 782 -11.70 -29.41 28.26
N LYS B 783 -11.63 -30.53 28.98
CA LYS B 783 -11.73 -31.84 28.35
C LYS B 783 -13.07 -32.00 27.66
N LEU B 784 -14.16 -31.63 28.34
CA LEU B 784 -15.49 -31.79 27.76
C LEU B 784 -15.68 -30.87 26.56
N LYS B 785 -15.15 -29.66 26.64
CA LYS B 785 -15.24 -28.74 25.51
C LYS B 785 -14.50 -29.31 24.31
N SER B 786 -13.27 -29.77 24.52
CA SER B 786 -12.51 -30.38 23.42
C SER B 786 -13.21 -31.62 22.89
N LYS B 787 -13.91 -32.34 23.76
CA LYS B 787 -14.64 -33.52 23.33
C LYS B 787 -15.79 -33.16 22.40
N TRP B 788 -16.63 -32.21 22.82
CA TRP B 788 -17.87 -31.95 22.11
C TRP B 788 -17.75 -30.90 21.01
N TRP B 789 -16.63 -30.20 20.90
CA TRP B 789 -16.39 -29.24 19.83
C TRP B 789 -15.39 -29.71 18.80
N TYR B 790 -14.36 -30.43 19.21
CA TYR B 790 -13.25 -30.83 18.34
C TYR B 790 -13.19 -32.33 18.08
N ASP B 791 -13.34 -33.17 19.11
CA ASP B 791 -13.24 -34.60 18.90
C ASP B 791 -14.38 -35.11 18.03
N LYS B 792 -15.56 -34.50 18.15
CA LYS B 792 -16.67 -34.75 17.22
C LYS B 792 -16.65 -33.79 16.04
N GLY B 793 -15.48 -33.26 15.69
CA GLY B 793 -15.37 -32.40 14.54
C GLY B 793 -15.52 -33.18 13.26
N GLU B 794 -16.58 -32.89 12.49
CA GLU B 794 -16.80 -33.61 11.24
C GLU B 794 -15.67 -33.37 10.26
N CYS B 795 -15.19 -32.13 10.17
CA CYS B 795 -14.09 -31.76 9.30
C CYS B 795 -12.73 -31.71 10.02
N GLY B 796 -12.68 -32.09 11.28
CA GLY B 796 -11.42 -32.13 12.01
C GLY B 796 -10.77 -30.77 12.17
N SER B 797 -9.60 -30.74 12.82
CA SER B 797 -8.85 -29.51 13.05
C SER B 797 -7.52 -29.52 12.30
N LYS B 798 -6.66 -30.48 12.58
CA LYS B 798 -5.34 -30.57 11.95
C LYS B 798 -4.55 -29.27 12.09
N ASP B 799 -4.66 -28.65 13.27
CA ASP B 799 -4.15 -27.30 13.49
C ASP B 799 -4.77 -26.34 12.47
N SER B 800 -6.09 -26.19 12.58
CA SER B 800 -6.89 -25.55 11.54
C SER B 800 -6.46 -24.11 11.33
N GLY B 801 -6.49 -23.67 10.06
CA GLY B 801 -6.11 -22.34 9.68
C GLY B 801 -4.64 -22.14 9.37
N SER B 802 -3.80 -23.14 9.62
CA SER B 802 -2.38 -23.02 9.32
C SER B 802 -2.17 -22.96 7.81
N LYS B 803 -1.04 -22.38 7.41
CA LYS B 803 -0.73 -22.19 6.00
C LYS B 803 0.78 -22.05 5.86
N ASP B 804 1.24 -22.17 4.61
CA ASP B 804 2.66 -21.95 4.33
C ASP B 804 3.06 -20.52 4.62
N LYS B 805 2.17 -19.57 4.36
CA LYS B 805 2.43 -18.15 4.58
C LYS B 805 3.66 -17.68 3.79
N THR B 806 3.80 -18.20 2.58
CA THR B 806 4.89 -17.86 1.68
C THR B 806 4.30 -17.29 0.39
N SER B 807 4.87 -16.17 -0.06
CA SER B 807 4.45 -15.52 -1.30
C SER B 807 5.28 -15.97 -2.51
N ALA B 808 6.23 -16.89 -2.32
CA ALA B 808 7.01 -17.39 -3.44
C ALA B 808 6.11 -18.07 -4.45
N LEU B 809 6.38 -17.82 -5.73
CA LEU B 809 5.59 -18.42 -6.79
C LEU B 809 5.74 -19.93 -6.78
N SER B 810 4.65 -20.61 -7.08
CA SER B 810 4.55 -22.05 -7.00
C SER B 810 4.29 -22.63 -8.38
N LEU B 811 4.52 -23.93 -8.50
CA LEU B 811 4.37 -24.61 -9.78
C LEU B 811 2.92 -24.59 -10.27
N SER B 812 1.95 -24.34 -9.39
CA SER B 812 0.58 -24.21 -9.84
C SER B 812 0.38 -22.97 -10.70
N ASN B 813 1.14 -21.91 -10.42
CA ASN B 813 0.97 -20.67 -11.16
C ASN B 813 1.45 -20.82 -12.60
N VAL B 814 2.56 -21.52 -12.80
CA VAL B 814 3.25 -21.57 -14.09
C VAL B 814 3.25 -22.99 -14.63
N ALA B 815 2.17 -23.73 -14.37
CA ALA B 815 2.09 -25.09 -14.90
C ALA B 815 1.79 -25.11 -16.39
N GLY B 816 0.98 -24.13 -16.85
CA GLY B 816 0.58 -24.13 -18.24
C GLY B 816 1.74 -23.99 -19.20
N VAL B 817 2.77 -23.24 -18.81
CA VAL B 817 3.91 -23.07 -19.71
C VAL B 817 4.74 -24.35 -19.77
N PHE B 818 4.85 -25.08 -18.67
CA PHE B 818 5.48 -26.40 -18.71
C PHE B 818 4.69 -27.34 -19.62
N TYR B 819 3.36 -27.31 -19.53
CA TYR B 819 2.55 -28.15 -20.40
C TYR B 819 2.75 -27.76 -21.86
N ILE B 820 2.86 -26.46 -22.12
CA ILE B 820 3.11 -25.98 -23.48
C ILE B 820 4.46 -26.49 -23.97
N LEU B 821 5.46 -26.44 -23.10
CA LEU B 821 6.79 -26.93 -23.47
C LEU B 821 6.74 -28.41 -23.83
N ILE B 822 6.04 -29.20 -23.02
CA ILE B 822 5.96 -30.64 -23.28
C ILE B 822 5.23 -30.90 -24.59
N GLY B 823 4.13 -30.18 -24.82
CA GLY B 823 3.40 -30.35 -26.08
C GLY B 823 4.24 -29.98 -27.28
N GLY B 824 5.03 -28.90 -27.16
CA GLY B 824 5.89 -28.50 -28.26
C GLY B 824 6.98 -29.52 -28.53
N LEU B 825 7.55 -30.10 -27.48
CA LEU B 825 8.56 -31.14 -27.69
C LEU B 825 7.96 -32.37 -28.36
N GLY B 826 6.76 -32.78 -27.94
CA GLY B 826 6.11 -33.90 -28.59
C GLY B 826 5.81 -33.63 -30.04
N LEU B 827 5.31 -32.42 -30.33
CA LEU B 827 5.05 -32.05 -31.73
C LEU B 827 6.34 -32.02 -32.53
N ALA B 828 7.44 -31.59 -31.92
CA ALA B 828 8.72 -31.55 -32.60
C ALA B 828 9.19 -32.96 -32.94
N MET B 829 9.06 -33.90 -32.01
CA MET B 829 9.45 -35.28 -32.30
C MET B 829 8.58 -35.87 -33.41
N LEU B 830 7.28 -35.60 -33.36
CA LEU B 830 6.37 -36.08 -34.40
C LEU B 830 6.76 -35.52 -35.76
N VAL B 831 7.05 -34.23 -35.83
CA VAL B 831 7.43 -33.61 -37.09
C VAL B 831 8.80 -34.12 -37.55
N ALA B 832 9.67 -34.48 -36.61
CA ALA B 832 10.94 -35.08 -37.01
C ALA B 832 10.73 -36.43 -37.66
N LEU B 833 9.82 -37.24 -37.10
CA LEU B 833 9.47 -38.50 -37.74
C LEU B 833 8.91 -38.27 -39.14
N ILE B 834 8.03 -37.28 -39.27
CA ILE B 834 7.43 -36.99 -40.57
C ILE B 834 8.49 -36.53 -41.57
N GLU B 835 9.43 -35.70 -41.11
CA GLU B 835 10.52 -35.24 -41.97
C GLU B 835 11.38 -36.42 -42.42
N PHE B 836 11.69 -37.33 -41.50
CA PHE B 836 12.48 -38.50 -41.86
C PHE B 836 11.76 -39.34 -42.91
N CYS B 837 10.46 -39.56 -42.72
CA CYS B 837 9.70 -40.35 -43.69
C CYS B 837 9.65 -39.66 -45.04
N TYR B 838 9.47 -38.34 -45.05
CA TYR B 838 9.41 -37.61 -46.32
C TYR B 838 10.74 -37.64 -47.04
N LYS B 839 11.84 -37.49 -46.31
CA LYS B 839 13.16 -37.46 -46.94
C LYS B 839 13.56 -38.84 -47.44
N SER B 840 13.35 -39.86 -46.62
CA SER B 840 13.71 -41.22 -47.04
C SER B 840 12.85 -41.67 -48.22
N ARG B 841 11.56 -41.39 -48.17
CA ARG B 841 10.65 -41.77 -49.25
C ARG B 841 9.27 -41.16 -49.03
N VAL C 416 -15.28 0.35 53.14
CA VAL C 416 -14.48 1.13 54.08
C VAL C 416 -13.00 0.92 53.79
N VAL C 417 -12.48 -0.22 54.24
CA VAL C 417 -11.08 -0.56 54.05
C VAL C 417 -10.95 -1.32 52.73
N VAL C 418 -10.47 -0.65 51.70
CA VAL C 418 -10.29 -1.24 50.38
C VAL C 418 -8.87 -1.77 50.32
N THR C 419 -8.68 -3.01 50.76
CA THR C 419 -7.38 -3.65 50.63
C THR C 419 -7.03 -3.82 49.16
N THR C 420 -5.75 -3.61 48.84
CA THR C 420 -5.30 -3.60 47.46
C THR C 420 -3.80 -3.91 47.46
N ILE C 421 -3.29 -4.25 46.28
CA ILE C 421 -1.87 -4.43 46.04
C ILE C 421 -1.49 -3.60 44.81
N LEU C 422 -0.21 -3.28 44.71
CA LEU C 422 0.30 -2.38 43.68
C LEU C 422 0.91 -3.22 42.56
N GLU C 423 0.29 -3.15 41.38
CA GLU C 423 0.78 -3.79 40.17
C GLU C 423 0.17 -3.07 38.98
N SER C 424 1.01 -2.62 38.07
CA SER C 424 0.51 -1.79 36.99
C SER C 424 -0.31 -2.64 36.01
N PRO C 425 -1.38 -2.08 35.42
CA PRO C 425 -2.04 -0.79 35.63
C PRO C 425 -3.13 -0.84 36.69
N TYR C 426 -3.15 -1.89 37.50
CA TYR C 426 -4.22 -2.04 38.48
C TYR C 426 -4.07 -1.03 39.61
N VAL C 427 -2.87 -0.92 40.17
CA VAL C 427 -2.52 0.12 41.13
C VAL C 427 -1.04 0.42 40.96
N MET C 428 -0.73 1.68 40.68
CA MET C 428 0.64 2.16 40.57
C MET C 428 0.71 3.52 41.23
N MET C 429 1.78 3.75 42.00
CA MET C 429 1.92 4.99 42.73
C MET C 429 1.93 6.18 41.78
N LYS C 430 1.15 7.20 42.10
CA LYS C 430 1.12 8.40 41.29
C LYS C 430 2.42 9.19 41.48
N LYS C 431 2.76 9.96 40.45
CA LYS C 431 3.95 10.81 40.51
C LYS C 431 3.85 11.79 41.69
N ASN C 432 2.65 12.30 41.97
CA ASN C 432 2.41 13.18 43.10
C ASN C 432 2.12 12.38 44.37
N HIS C 433 3.00 11.44 44.70
CA HIS C 433 2.78 10.59 45.85
C HIS C 433 2.87 11.38 47.15
N GLU C 434 3.77 12.37 47.20
CA GLU C 434 4.04 13.08 48.44
C GLU C 434 3.05 14.20 48.68
N MET C 435 2.90 15.11 47.71
CA MET C 435 2.07 16.29 47.94
C MET C 435 0.59 15.92 48.05
N LEU C 436 0.15 14.93 47.30
CA LEU C 436 -1.21 14.39 47.39
C LEU C 436 -1.18 13.10 48.19
N GLU C 437 -2.13 12.97 49.12
CA GLU C 437 -2.17 11.86 50.06
C GLU C 437 -3.56 11.24 50.08
N GLY C 438 -3.60 9.94 50.36
CA GLY C 438 -4.87 9.24 50.53
C GLY C 438 -5.34 8.62 49.23
N ASN C 439 -6.61 8.88 48.90
CA ASN C 439 -7.21 8.26 47.72
C ASN C 439 -6.49 8.67 46.44
N GLU C 440 -6.17 9.96 46.30
CA GLU C 440 -5.49 10.45 45.11
C GLU C 440 -4.01 10.06 45.08
N ARG C 441 -3.48 9.51 46.17
CA ARG C 441 -2.09 9.05 46.16
C ARG C 441 -1.88 7.94 45.15
N TYR C 442 -2.83 7.02 45.04
CA TYR C 442 -2.74 5.85 44.16
C TYR C 442 -3.56 6.08 42.89
N GLU C 443 -3.20 5.33 41.85
CA GLU C 443 -3.96 5.35 40.61
C GLU C 443 -3.79 4.03 39.89
N GLY C 444 -4.77 3.70 39.06
CA GLY C 444 -4.72 2.49 38.27
C GLY C 444 -6.10 2.09 37.79
N TYR C 445 -6.19 0.86 37.30
CA TYR C 445 -7.46 0.34 36.81
C TYR C 445 -8.40 0.05 37.96
N CYS C 446 -7.89 -0.57 39.03
CA CYS C 446 -8.69 -0.81 40.21
C CYS C 446 -9.09 0.49 40.89
N VAL C 447 -8.23 1.50 40.85
CA VAL C 447 -8.52 2.77 41.51
C VAL C 447 -9.72 3.42 40.87
N ASP C 448 -9.77 3.42 39.54
CA ASP C 448 -10.94 3.94 38.87
C ASP C 448 -12.17 3.13 39.21
N LEU C 449 -12.03 1.80 39.27
CA LEU C 449 -13.18 0.91 39.43
C LEU C 449 -13.87 1.14 40.76
N ALA C 450 -13.10 1.26 41.84
CA ALA C 450 -13.70 1.36 43.17
C ALA C 450 -14.58 2.60 43.29
N ALA C 451 -14.35 3.61 42.46
CA ALA C 451 -15.23 4.78 42.45
C ALA C 451 -16.64 4.40 42.02
N GLU C 452 -16.77 3.64 40.93
CA GLU C 452 -18.11 3.29 40.47
C GLU C 452 -18.76 2.24 41.35
N ILE C 453 -17.97 1.36 41.97
CA ILE C 453 -18.54 0.41 42.92
C ILE C 453 -19.13 1.16 44.10
N ALA C 454 -18.36 2.11 44.65
CA ALA C 454 -18.85 2.90 45.76
C ALA C 454 -19.91 3.89 45.32
N LYS C 455 -19.89 4.33 44.07
CA LYS C 455 -20.96 5.19 43.59
C LYS C 455 -22.28 4.44 43.55
N HIS C 456 -22.26 3.18 43.12
CA HIS C 456 -23.47 2.38 43.10
C HIS C 456 -23.91 2.03 44.52
N CYS C 457 -22.99 1.55 45.35
CA CYS C 457 -23.33 1.19 46.72
C CYS C 457 -23.53 2.42 47.59
N GLY C 458 -22.66 3.42 47.46
CA GLY C 458 -22.70 4.62 48.26
C GLY C 458 -21.73 4.64 49.42
N PHE C 459 -21.14 3.51 49.78
CA PHE C 459 -20.33 3.42 50.98
C PHE C 459 -19.04 4.22 50.83
N LYS C 460 -18.54 4.70 51.97
CA LYS C 460 -17.25 5.39 52.02
C LYS C 460 -16.11 4.39 51.91
N TYR C 461 -15.02 4.83 51.27
CA TYR C 461 -13.86 3.98 51.10
C TYR C 461 -12.59 4.82 51.16
N LYS C 462 -11.51 4.17 51.59
CA LYS C 462 -10.18 4.78 51.64
C LYS C 462 -9.20 3.81 50.99
N LEU C 463 -8.34 4.35 50.11
CA LEU C 463 -7.36 3.51 49.44
C LEU C 463 -6.40 2.91 50.46
N THR C 464 -6.18 1.60 50.36
CA THR C 464 -5.32 0.87 51.28
C THR C 464 -4.49 -0.12 50.49
N ILE C 465 -3.24 -0.29 50.91
CA ILE C 465 -2.30 -1.24 50.32
C ILE C 465 -2.08 -2.37 51.31
N VAL C 466 -2.05 -3.60 50.81
CA VAL C 466 -1.68 -4.73 51.65
C VAL C 466 -0.23 -4.55 52.08
N GLY C 467 0.03 -4.71 53.38
CA GLY C 467 1.39 -4.58 53.87
C GLY C 467 2.30 -5.65 53.31
N ASP C 468 1.80 -6.87 53.23
CA ASP C 468 2.57 -8.02 52.77
C ASP C 468 2.23 -8.31 51.32
N GLY C 469 3.26 -8.49 50.50
CA GLY C 469 3.10 -8.54 49.05
C GLY C 469 2.41 -9.79 48.53
N LYS C 470 2.26 -10.82 49.34
CA LYS C 470 1.57 -12.02 48.87
C LYS C 470 0.10 -11.74 48.64
N TYR C 471 -0.49 -12.53 47.73
CA TYR C 471 -1.90 -12.41 47.42
C TYR C 471 -2.75 -13.16 48.42
N GLY C 472 -2.47 -14.45 48.61
CA GLY C 472 -3.15 -15.24 49.61
C GLY C 472 -2.97 -16.73 49.42
N ALA C 473 -2.73 -17.44 50.52
CA ALA C 473 -2.56 -18.89 50.50
C ALA C 473 -2.43 -19.37 51.93
N ARG C 474 -2.63 -20.68 52.09
CA ARG C 474 -2.55 -21.33 53.39
C ARG C 474 -1.26 -22.13 53.48
N ASP C 475 -0.48 -21.85 54.52
CA ASP C 475 0.75 -22.61 54.74
C ASP C 475 0.43 -24.07 55.02
N ALA C 476 1.28 -24.96 54.51
CA ALA C 476 1.05 -26.39 54.67
C ALA C 476 1.13 -26.85 56.12
N ASP C 477 1.75 -26.06 57.00
CA ASP C 477 1.90 -26.40 58.41
C ASP C 477 1.14 -25.45 59.32
N THR C 478 1.37 -24.15 59.21
CA THR C 478 0.74 -23.20 60.12
C THR C 478 -0.76 -23.10 59.89
N LYS C 479 -1.20 -23.21 58.64
CA LYS C 479 -2.61 -23.06 58.25
C LYS C 479 -3.15 -21.70 58.70
N ILE C 480 -2.54 -20.65 58.12
CA ILE C 480 -3.03 -19.29 58.25
C ILE C 480 -2.96 -18.63 56.88
N TRP C 481 -3.74 -17.58 56.71
CA TRP C 481 -3.85 -16.90 55.43
C TRP C 481 -2.94 -15.69 55.45
N ASN C 482 -2.02 -15.64 54.51
CA ASN C 482 -1.09 -14.52 54.37
C ASN C 482 -1.63 -13.50 53.38
N GLY C 483 -0.97 -12.35 53.33
CA GLY C 483 -1.23 -11.40 52.28
C GLY C 483 -2.61 -10.75 52.39
N MET C 484 -3.14 -10.41 51.21
CA MET C 484 -4.33 -9.57 51.13
C MET C 484 -5.57 -10.29 51.66
N VAL C 485 -5.69 -11.58 51.37
CA VAL C 485 -6.86 -12.33 51.83
C VAL C 485 -6.84 -12.47 53.34
N GLY C 486 -5.64 -12.66 53.92
CA GLY C 486 -5.54 -12.73 55.36
C GLY C 486 -6.07 -11.50 56.07
N GLU C 487 -6.03 -10.35 55.39
CA GLU C 487 -6.68 -9.16 55.94
C GLU C 487 -8.18 -9.38 56.08
N LEU C 488 -8.80 -9.98 55.06
CA LEU C 488 -10.25 -10.10 55.02
C LEU C 488 -10.76 -11.20 55.94
N VAL C 489 -10.02 -12.31 56.05
CA VAL C 489 -10.44 -13.39 56.92
C VAL C 489 -10.48 -12.94 58.37
N TYR C 490 -9.43 -12.24 58.81
CA TYR C 490 -9.27 -11.81 60.19
C TYR C 490 -9.88 -10.44 60.44
N GLY C 491 -10.74 -9.95 59.55
CA GLY C 491 -11.47 -8.73 59.80
C GLY C 491 -10.66 -7.46 59.71
N LYS C 492 -9.41 -7.54 59.24
CA LYS C 492 -8.59 -6.33 59.10
C LYS C 492 -9.18 -5.38 58.08
N ALA C 493 -10.03 -5.85 57.18
CA ALA C 493 -10.67 -5.02 56.17
C ALA C 493 -12.01 -5.66 55.82
N ASP C 494 -12.69 -5.08 54.82
CA ASP C 494 -14.01 -5.54 54.41
C ASP C 494 -14.18 -5.77 52.92
N ILE C 495 -13.20 -5.39 52.09
CA ILE C 495 -13.30 -5.57 50.64
C ILE C 495 -11.89 -5.59 50.07
N ALA C 496 -11.74 -6.26 48.92
CA ALA C 496 -10.47 -6.29 48.19
C ALA C 496 -10.77 -6.11 46.71
N ILE C 497 -10.76 -4.85 46.27
CA ILE C 497 -10.87 -4.52 44.86
C ILE C 497 -9.44 -4.62 44.32
N ALA C 498 -9.09 -5.81 43.85
CA ALA C 498 -7.71 -6.12 43.50
C ALA C 498 -7.71 -7.31 42.54
N PRO C 499 -6.59 -7.56 41.86
CA PRO C 499 -6.53 -8.65 40.87
C PRO C 499 -6.30 -10.02 41.51
N LEU C 500 -7.38 -10.58 42.09
CA LEU C 500 -7.33 -11.84 42.81
C LEU C 500 -8.09 -12.89 42.00
N THR C 501 -7.40 -13.98 41.65
CA THR C 501 -8.02 -15.03 40.85
C THR C 501 -9.02 -15.80 41.69
N ILE C 502 -10.13 -16.17 41.06
CA ILE C 502 -11.12 -17.01 41.71
C ILE C 502 -10.63 -18.44 41.70
N THR C 503 -10.62 -19.07 42.87
CA THR C 503 -10.08 -20.40 43.03
C THR C 503 -10.82 -21.10 44.17
N LEU C 504 -10.75 -22.43 44.16
CA LEU C 504 -11.48 -23.23 45.13
C LEU C 504 -11.03 -22.91 46.56
N VAL C 505 -9.72 -22.93 46.80
CA VAL C 505 -9.20 -22.75 48.16
C VAL C 505 -9.56 -21.38 48.71
N ARG C 506 -9.65 -20.37 47.83
CA ARG C 506 -10.01 -19.03 48.26
C ARG C 506 -11.51 -18.85 48.41
N GLU C 507 -12.33 -19.65 47.72
CA GLU C 507 -13.77 -19.53 47.81
C GLU C 507 -14.32 -20.14 49.10
N GLU C 508 -13.67 -21.18 49.62
CA GLU C 508 -14.17 -21.84 50.82
C GLU C 508 -14.21 -20.91 52.03
N VAL C 509 -13.31 -19.93 52.07
CA VAL C 509 -13.14 -19.09 53.26
C VAL C 509 -13.69 -17.68 53.06
N ILE C 510 -13.79 -17.19 51.82
CA ILE C 510 -14.35 -15.88 51.54
C ILE C 510 -15.26 -15.97 50.32
N ASP C 511 -16.09 -14.95 50.16
CA ASP C 511 -17.12 -14.92 49.13
C ASP C 511 -16.69 -13.98 48.02
N PHE C 512 -16.43 -14.54 46.84
CA PHE C 512 -15.99 -13.76 45.71
C PHE C 512 -17.18 -13.13 44.99
N SER C 513 -16.86 -12.13 44.18
CA SER C 513 -17.85 -11.52 43.30
C SER C 513 -17.93 -12.34 42.02
N LYS C 514 -18.62 -11.82 41.03
CA LYS C 514 -18.56 -12.39 39.69
C LYS C 514 -17.35 -11.81 38.97
N PRO C 515 -16.86 -12.49 37.93
CA PRO C 515 -15.62 -12.03 37.28
C PRO C 515 -15.82 -10.70 36.57
N PHE C 516 -14.98 -9.72 36.91
CA PHE C 516 -14.99 -8.43 36.24
C PHE C 516 -13.97 -8.33 35.13
N MET C 517 -13.09 -9.32 34.99
CA MET C 517 -12.23 -9.39 33.81
C MET C 517 -11.86 -10.84 33.59
N SER C 518 -12.26 -11.40 32.46
CA SER C 518 -11.94 -12.77 32.14
C SER C 518 -10.46 -12.85 31.73
N LEU C 519 -9.93 -14.07 31.75
CA LEU C 519 -8.49 -14.23 31.83
C LEU C 519 -8.09 -15.56 31.22
N GLY C 520 -6.79 -15.71 31.01
CA GLY C 520 -6.23 -16.98 30.63
C GLY C 520 -4.72 -16.88 30.48
N ILE C 521 -4.08 -18.03 30.57
CA ILE C 521 -2.67 -18.13 30.22
C ILE C 521 -2.50 -17.89 28.73
N SER C 522 -1.43 -17.19 28.38
CA SER C 522 -1.17 -16.81 26.99
C SER C 522 0.28 -17.07 26.61
N ILE C 523 0.68 -16.60 25.44
CA ILE C 523 2.04 -16.78 24.92
C ILE C 523 2.60 -15.41 24.59
N MET C 524 3.88 -15.22 24.90
CA MET C 524 4.60 -13.98 24.64
C MET C 524 5.78 -14.31 23.75
N ILE C 525 5.96 -13.52 22.69
CA ILE C 525 7.07 -13.69 21.76
C ILE C 525 7.67 -12.33 21.44
N LYS C 526 8.88 -12.36 20.92
CA LYS C 526 9.46 -11.16 20.32
C LYS C 526 8.76 -10.87 19.01
N LYS C 527 8.68 -9.58 18.67
CA LYS C 527 8.06 -9.21 17.41
C LYS C 527 8.89 -9.79 16.27
N PRO C 528 8.26 -10.44 15.26
CA PRO C 528 9.06 -11.03 14.19
C PRO C 528 9.71 -9.96 13.33
N GLN C 529 11.01 -9.78 13.48
CA GLN C 529 11.73 -8.72 12.82
C GLN C 529 12.14 -9.15 11.42
N LYS C 530 12.57 -8.18 10.61
CA LYS C 530 13.16 -8.48 9.31
C LYS C 530 14.45 -9.26 9.53
N SER C 531 14.47 -10.51 9.11
CA SER C 531 15.60 -11.37 9.39
C SER C 531 16.81 -10.93 8.58
N LYS C 532 17.98 -11.33 9.06
CA LYS C 532 19.21 -11.11 8.31
C LYS C 532 19.10 -11.88 7.00
N PRO C 533 19.36 -11.24 5.85
CA PRO C 533 19.16 -11.95 4.58
C PRO C 533 20.22 -13.03 4.39
N GLY C 534 19.78 -14.21 4.01
CA GLY C 534 20.68 -15.33 3.86
C GLY C 534 21.24 -15.43 2.46
N VAL C 535 22.38 -16.11 2.36
CA VAL C 535 22.88 -16.45 1.04
C VAL C 535 21.88 -17.41 0.39
N PHE C 536 21.84 -17.39 -0.93
CA PHE C 536 20.82 -18.09 -1.70
C PHE C 536 19.42 -17.58 -1.37
N SER C 537 19.32 -16.32 -0.96
CA SER C 537 18.04 -15.64 -0.85
C SER C 537 17.51 -15.20 -2.21
N PHE C 538 18.38 -15.10 -3.21
CA PHE C 538 17.92 -14.72 -4.54
C PHE C 538 17.01 -15.77 -5.16
N LEU C 539 17.01 -17.00 -4.64
CA LEU C 539 16.08 -18.02 -5.09
C LEU C 539 14.70 -17.91 -4.46
N ASP C 540 14.54 -17.04 -3.47
CA ASP C 540 13.27 -16.96 -2.75
C ASP C 540 12.05 -16.66 -3.63
N PRO C 541 12.13 -15.79 -4.65
CA PRO C 541 10.93 -15.53 -5.48
C PRO C 541 10.33 -16.76 -6.13
N LEU C 542 11.10 -17.83 -6.33
CA LEU C 542 10.62 -19.04 -6.99
C LEU C 542 10.88 -20.23 -6.08
N ALA C 543 9.85 -21.04 -5.89
CA ALA C 543 9.97 -22.19 -5.02
C ALA C 543 10.92 -23.23 -5.61
N TYR C 544 11.43 -24.08 -4.74
CA TYR C 544 12.38 -25.11 -5.16
C TYR C 544 11.79 -26.07 -6.17
N GLU C 545 10.46 -26.19 -6.22
CA GLU C 545 9.83 -27.02 -7.24
C GLU C 545 10.09 -26.45 -8.63
N ILE C 546 10.02 -25.13 -8.78
CA ILE C 546 10.22 -24.51 -10.09
C ILE C 546 11.68 -24.63 -10.51
N TRP C 547 12.60 -24.33 -9.59
CA TRP C 547 14.02 -24.43 -9.90
C TRP C 547 14.39 -25.85 -10.28
N MET C 548 13.87 -26.83 -9.56
CA MET C 548 14.15 -28.22 -9.87
C MET C 548 13.56 -28.62 -11.22
N CYS C 549 12.35 -28.14 -11.52
CA CYS C 549 11.72 -28.49 -12.78
C CYS C 549 12.23 -27.67 -13.95
N ILE C 550 12.91 -26.55 -13.69
CA ILE C 550 13.60 -25.84 -14.77
C ILE C 550 14.74 -26.69 -15.30
N VAL C 551 15.50 -27.31 -14.39
CA VAL C 551 16.68 -28.07 -14.81
C VAL C 551 16.27 -29.26 -15.66
N PHE C 552 15.24 -29.99 -15.25
CA PHE C 552 14.81 -31.16 -16.01
C PHE C 552 14.32 -30.74 -17.39
N ALA C 553 13.65 -29.59 -17.48
CA ALA C 553 13.25 -29.08 -18.79
C ALA C 553 14.46 -28.68 -19.61
N TYR C 554 15.47 -28.08 -18.97
CA TYR C 554 16.70 -27.74 -19.67
C TYR C 554 17.39 -28.99 -20.19
N ILE C 555 17.45 -30.04 -19.38
CA ILE C 555 17.92 -31.34 -19.85
C ILE C 555 17.02 -31.89 -20.93
N GLY C 556 15.70 -31.79 -20.72
CA GLY C 556 14.76 -32.36 -21.67
C GLY C 556 14.82 -31.71 -23.04
N VAL C 557 14.96 -30.38 -23.05
CA VAL C 557 14.99 -29.66 -24.33
C VAL C 557 16.29 -29.95 -25.06
N SER C 558 17.42 -29.94 -24.34
CA SER C 558 18.70 -30.15 -24.98
C SER C 558 18.80 -31.55 -25.57
N VAL C 559 18.25 -32.54 -24.86
CA VAL C 559 18.21 -33.90 -25.37
C VAL C 559 17.35 -33.96 -26.63
N VAL C 560 16.16 -33.38 -26.57
CA VAL C 560 15.24 -33.48 -27.70
C VAL C 560 15.79 -32.77 -28.92
N LEU C 561 16.59 -31.71 -28.72
CA LEU C 561 17.21 -31.04 -29.85
C LEU C 561 18.31 -31.91 -30.47
N PHE C 562 18.99 -32.71 -29.65
CA PHE C 562 20.02 -33.60 -30.16
C PHE C 562 19.41 -34.72 -31.00
N LEU C 563 18.37 -35.37 -30.48
CA LEU C 563 17.75 -36.48 -31.19
C LEU C 563 17.15 -36.01 -32.51
N VAL C 564 16.49 -34.86 -32.50
CA VAL C 564 15.89 -34.32 -33.71
C VAL C 564 16.97 -33.99 -34.74
N SER C 565 18.06 -33.38 -34.30
CA SER C 565 19.08 -32.92 -35.23
C SER C 565 19.94 -34.05 -35.78
N ARG C 566 20.03 -35.19 -35.07
CA ARG C 566 20.81 -36.31 -35.55
C ARG C 566 19.98 -37.28 -36.38
N PHE C 567 18.83 -37.69 -35.87
CA PHE C 567 17.96 -38.60 -36.62
C PHE C 567 17.44 -37.95 -37.89
N SER C 568 17.13 -36.66 -37.83
CA SER C 568 16.56 -35.91 -38.95
C SER C 568 17.39 -34.65 -39.18
N PRO C 569 18.63 -34.80 -39.67
CA PRO C 569 19.49 -33.63 -39.84
C PRO C 569 19.07 -32.78 -41.04
N TYR C 570 19.81 -31.71 -41.30
CA TYR C 570 19.57 -30.87 -42.46
C TYR C 570 20.00 -31.59 -43.74
N GLU C 591 25.88 -27.73 -36.01
CA GLU C 591 26.02 -29.16 -35.89
C GLU C 591 24.98 -29.74 -34.94
N PHE C 592 24.80 -29.08 -33.79
CA PHE C 592 23.81 -29.45 -32.79
C PHE C 592 24.03 -30.87 -32.27
N GLY C 593 25.19 -31.06 -31.66
CA GLY C 593 25.43 -32.23 -30.84
C GLY C 593 24.81 -32.03 -29.47
N ILE C 594 25.16 -32.95 -28.57
CA ILE C 594 24.68 -32.83 -27.19
C ILE C 594 25.34 -31.65 -26.50
N PHE C 595 26.63 -31.44 -26.76
CA PHE C 595 27.37 -30.40 -26.05
C PHE C 595 26.96 -29.02 -26.53
N ASN C 596 26.66 -28.88 -27.82
CA ASN C 596 26.20 -27.60 -28.35
C ASN C 596 24.73 -27.35 -28.04
N SER C 597 23.94 -28.41 -27.89
CA SER C 597 22.53 -28.24 -27.56
C SER C 597 22.36 -27.75 -26.13
N LEU C 598 23.18 -28.23 -25.21
CA LEU C 598 23.16 -27.72 -23.85
C LEU C 598 23.58 -26.26 -23.79
N TRP C 599 24.42 -25.84 -24.74
CA TRP C 599 24.84 -24.45 -24.80
C TRP C 599 23.71 -23.56 -25.35
N PHE C 600 23.01 -24.04 -26.37
CA PHE C 600 21.94 -23.27 -26.97
C PHE C 600 20.82 -23.03 -25.97
N SER C 601 20.43 -24.07 -25.24
CA SER C 601 19.34 -23.95 -24.27
C SER C 601 19.75 -23.01 -23.14
N LEU C 602 20.98 -23.11 -22.67
CA LEU C 602 21.45 -22.24 -21.59
C LEU C 602 21.47 -20.79 -22.05
N GLY C 603 22.00 -20.53 -23.25
CA GLY C 603 22.03 -19.18 -23.76
C GLY C 603 20.66 -18.61 -24.07
N ALA C 604 19.67 -19.48 -24.29
CA ALA C 604 18.31 -19.02 -24.43
C ALA C 604 17.67 -18.69 -23.09
N PHE C 605 18.09 -19.36 -22.02
CA PHE C 605 17.51 -19.09 -20.70
C PHE C 605 17.94 -17.75 -20.16
N MET C 606 19.14 -17.30 -20.51
CA MET C 606 19.70 -16.05 -20.02
C MET C 606 19.54 -14.90 -21.00
N ARG C 607 18.69 -15.07 -22.02
CA ARG C 607 18.41 -14.04 -23.03
C ARG C 607 19.65 -13.64 -23.81
N GLN C 608 20.69 -14.47 -23.81
CA GLN C 608 21.92 -14.18 -24.52
C GLN C 608 21.88 -14.73 -25.94
N GLY C 609 22.82 -14.25 -26.74
CA GLY C 609 22.82 -14.57 -28.15
C GLY C 609 23.36 -15.96 -28.44
N CYS C 610 22.48 -16.83 -28.94
CA CYS C 610 22.91 -18.16 -29.36
C CYS C 610 23.88 -18.04 -30.53
N ASP C 611 24.98 -18.79 -30.43
CA ASP C 611 25.96 -18.80 -31.52
C ASP C 611 25.37 -19.40 -32.78
N ILE C 612 24.47 -20.37 -32.63
CA ILE C 612 23.83 -21.06 -33.75
C ILE C 612 22.33 -21.03 -33.51
N SER C 613 21.58 -21.33 -34.57
CA SER C 613 20.14 -21.45 -34.51
C SER C 613 19.70 -22.69 -35.27
N PRO C 614 18.61 -23.33 -34.86
CA PRO C 614 18.10 -24.45 -35.66
C PRO C 614 17.67 -23.99 -37.05
N ARG C 615 17.90 -24.87 -38.02
CA ARG C 615 17.55 -24.63 -39.41
C ARG C 615 16.43 -25.53 -39.90
N SER C 616 16.05 -26.53 -39.12
CA SER C 616 14.92 -27.41 -39.42
C SER C 616 13.66 -26.93 -38.71
N LEU C 617 12.52 -27.40 -39.20
CA LEU C 617 11.25 -27.08 -38.55
C LEU C 617 11.17 -27.71 -37.17
N SER C 618 11.62 -28.96 -37.03
CA SER C 618 11.50 -29.65 -35.76
C SER C 618 12.43 -29.04 -34.72
N GLY C 619 13.61 -28.59 -35.14
CA GLY C 619 14.50 -27.91 -34.22
C GLY C 619 14.02 -26.52 -33.87
N ARG C 620 13.28 -25.88 -34.77
CA ARG C 620 12.77 -24.54 -34.51
C ARG C 620 11.56 -24.54 -33.61
N ILE C 621 10.74 -25.59 -33.67
CA ILE C 621 9.61 -25.71 -32.76
C ILE C 621 10.10 -25.90 -31.33
N VAL C 622 11.22 -26.60 -31.17
CA VAL C 622 11.78 -26.78 -29.83
C VAL C 622 12.32 -25.48 -29.30
N GLY C 623 12.96 -24.69 -30.15
CA GLY C 623 13.53 -23.44 -29.71
C GLY C 623 12.48 -22.42 -29.30
N GLY C 624 11.38 -22.36 -30.06
CA GLY C 624 10.36 -21.37 -29.76
C GLY C 624 9.71 -21.57 -28.42
N VAL C 625 9.32 -22.81 -28.12
CA VAL C 625 8.66 -23.09 -26.85
C VAL C 625 9.62 -22.89 -25.69
N TRP C 626 10.88 -23.24 -25.88
CA TRP C 626 11.89 -22.92 -24.87
C TRP C 626 12.03 -21.41 -24.72
N TRP C 627 12.00 -20.68 -25.84
CA TRP C 627 12.10 -19.23 -25.79
C TRP C 627 10.88 -18.63 -25.09
N PHE C 628 9.70 -19.14 -25.39
CA PHE C 628 8.48 -18.69 -24.72
C PHE C 628 8.54 -19.01 -23.24
N PHE C 629 9.06 -20.20 -22.91
CA PHE C 629 9.12 -20.63 -21.52
C PHE C 629 9.97 -19.70 -20.68
N THR C 630 11.10 -19.26 -21.22
CA THR C 630 12.00 -18.39 -20.48
C THR C 630 11.37 -17.04 -20.21
N LEU C 631 10.72 -16.48 -21.22
CA LEU C 631 10.18 -15.13 -21.15
C LEU C 631 9.19 -15.02 -19.99
N ILE C 632 8.40 -16.07 -19.75
CA ILE C 632 7.50 -16.08 -18.61
C ILE C 632 8.28 -16.18 -17.31
N ILE C 633 9.30 -17.02 -17.30
CA ILE C 633 9.99 -17.34 -16.05
C ILE C 633 10.83 -16.16 -15.57
N ILE C 634 11.53 -15.51 -16.50
CA ILE C 634 12.35 -14.36 -16.12
C ILE C 634 11.46 -13.23 -15.61
N SER C 635 10.35 -12.98 -16.29
CA SER C 635 9.44 -11.94 -15.84
C SER C 635 8.80 -12.31 -14.51
N SER C 636 8.48 -13.59 -14.33
CA SER C 636 7.92 -14.03 -13.06
C SER C 636 8.89 -13.83 -11.91
N TYR C 637 10.16 -14.14 -12.12
CA TYR C 637 11.17 -13.88 -11.11
C TYR C 637 11.27 -12.39 -10.82
N THR C 638 11.38 -11.59 -11.88
CA THR C 638 11.55 -10.15 -11.70
C THR C 638 10.29 -9.52 -11.09
N ALA C 639 9.12 -10.04 -11.45
CA ALA C 639 7.88 -9.48 -10.93
C ALA C 639 7.70 -9.79 -9.45
N ASN C 640 7.87 -11.05 -9.06
CA ASN C 640 7.66 -11.42 -7.67
C ASN C 640 8.71 -10.82 -6.76
N LEU C 641 9.95 -10.68 -7.24
CA LEU C 641 10.98 -10.03 -6.45
C LEU C 641 10.60 -8.60 -6.13
N ALA C 642 9.99 -7.90 -7.08
CA ALA C 642 9.54 -6.53 -6.82
C ALA C 642 8.49 -6.51 -5.73
N ALA C 643 7.71 -7.57 -5.60
CA ALA C 643 6.81 -7.70 -4.47
C ALA C 643 7.58 -8.00 -3.18
N PHE C 644 8.61 -8.84 -3.27
CA PHE C 644 9.40 -9.18 -2.09
C PHE C 644 10.05 -7.96 -1.47
N LEU C 645 10.43 -6.99 -2.30
CA LEU C 645 11.10 -5.78 -1.83
C LEU C 645 10.13 -4.65 -1.57
N THR C 646 9.03 -4.58 -2.32
CA THR C 646 8.10 -3.48 -2.16
C THR C 646 7.30 -3.61 -0.87
N VAL C 647 6.94 -4.84 -0.51
CA VAL C 647 6.05 -5.13 0.61
C VAL C 647 6.77 -6.04 1.59
N GLU C 648 6.73 -5.66 2.86
CA GLU C 648 7.23 -6.47 3.95
C GLU C 648 6.05 -7.21 4.57
N ARG C 649 6.13 -8.54 4.59
CA ARG C 649 5.08 -9.38 5.15
C ARG C 649 5.76 -10.41 6.06
N MET C 650 5.73 -10.15 7.35
CA MET C 650 6.40 -10.99 8.34
C MET C 650 5.34 -11.79 9.08
N VAL C 651 5.45 -13.11 9.01
CA VAL C 651 4.49 -14.02 9.64
C VAL C 651 5.17 -14.67 10.83
N SER C 652 4.43 -14.78 11.93
CA SER C 652 4.99 -15.34 13.13
C SER C 652 5.32 -16.83 12.93
N PRO C 653 6.34 -17.35 13.60
CA PRO C 653 6.61 -18.79 13.48
C PRO C 653 5.47 -19.65 14.00
N ILE C 654 4.74 -19.14 14.99
CA ILE C 654 3.67 -19.88 15.66
C ILE C 654 2.43 -19.02 15.75
N GLU C 655 1.29 -19.68 15.92
CA GLU C 655 0.01 -19.00 16.13
C GLU C 655 -0.82 -19.70 17.18
N SER C 656 -0.25 -20.63 17.94
CA SER C 656 -0.98 -21.45 18.90
C SER C 656 0.04 -22.13 19.80
N ALA C 657 -0.43 -23.08 20.60
CA ALA C 657 0.43 -23.89 21.45
C ALA C 657 0.75 -25.25 20.86
N GLU C 658 -0.12 -25.76 19.98
CA GLU C 658 0.22 -26.98 19.25
C GLU C 658 1.50 -26.76 18.45
N ASP C 659 1.60 -25.64 17.74
CA ASP C 659 2.78 -25.32 16.98
C ASP C 659 4.00 -25.07 17.87
N LEU C 660 3.78 -24.80 19.16
CA LEU C 660 4.88 -24.51 20.07
C LEU C 660 5.44 -25.77 20.72
N SER C 661 4.65 -26.83 20.82
CA SER C 661 5.11 -28.07 21.44
C SER C 661 5.72 -29.02 20.42
N LYS C 662 5.17 -29.07 19.20
CA LYS C 662 5.72 -29.94 18.16
C LYS C 662 7.17 -29.57 17.86
N GLN C 663 7.43 -28.30 17.61
CA GLN C 663 8.76 -27.84 17.28
C GLN C 663 9.67 -27.90 18.51
N THR C 664 10.97 -27.73 18.26
CA THR C 664 11.99 -27.74 19.31
C THR C 664 13.00 -26.61 19.20
N GLU C 665 12.99 -25.82 18.13
CA GLU C 665 13.94 -24.74 18.00
C GLU C 665 13.70 -23.65 19.05
N ILE C 666 12.44 -23.31 19.28
CA ILE C 666 12.06 -22.23 20.20
C ILE C 666 11.83 -22.82 21.58
N ALA C 667 12.25 -22.10 22.61
CA ALA C 667 12.12 -22.51 24.00
C ALA C 667 10.96 -21.76 24.66
N TYR C 668 10.59 -22.23 25.85
CA TYR C 668 9.51 -21.60 26.59
C TYR C 668 9.60 -21.95 28.06
N GLY C 669 9.26 -20.97 28.91
CA GLY C 669 9.41 -21.11 30.35
C GLY C 669 8.36 -20.31 31.11
N THR C 670 8.25 -20.62 32.40
CA THR C 670 7.37 -19.91 33.32
C THR C 670 8.14 -19.53 34.58
N LEU C 671 7.46 -18.80 35.46
CA LEU C 671 8.04 -18.46 36.74
C LEU C 671 8.29 -19.72 37.56
N ASP C 672 9.35 -19.67 38.38
CA ASP C 672 9.71 -20.84 39.18
C ASP C 672 8.66 -21.14 40.24
N SER C 673 7.97 -20.12 40.74
CA SER C 673 6.93 -20.28 41.77
C SER C 673 5.70 -19.52 41.31
N GLY C 674 4.70 -20.26 40.83
CA GLY C 674 3.46 -19.64 40.41
C GLY C 674 2.48 -20.72 39.97
N SER C 675 1.23 -20.27 39.77
CA SER C 675 0.19 -21.21 39.35
C SER C 675 0.45 -21.75 37.96
N THR C 676 1.14 -20.98 37.11
CA THR C 676 1.35 -21.41 35.73
C THR C 676 2.17 -22.69 35.67
N LYS C 677 3.22 -22.79 36.49
CA LYS C 677 3.96 -24.04 36.57
C LYS C 677 3.07 -25.15 37.12
N GLU C 678 2.25 -24.83 38.12
CA GLU C 678 1.34 -25.82 38.69
C GLU C 678 0.33 -26.30 37.66
N PHE C 679 -0.17 -25.39 36.84
CA PHE C 679 -1.21 -25.76 35.87
C PHE C 679 -0.69 -26.79 34.88
N PHE C 680 0.55 -26.64 34.43
CA PHE C 680 1.13 -27.63 33.53
C PHE C 680 1.45 -28.93 34.28
N ARG C 681 1.76 -28.82 35.57
CA ARG C 681 2.10 -30.01 36.34
C ARG C 681 0.90 -30.94 36.47
N ARG C 682 -0.24 -30.41 36.92
CA ARG C 682 -1.42 -31.23 37.14
C ARG C 682 -2.22 -31.50 35.88
N SER C 683 -1.89 -30.85 34.76
CA SER C 683 -2.66 -31.04 33.54
C SER C 683 -2.50 -32.45 33.02
N LYS C 684 -3.61 -33.00 32.52
CA LYS C 684 -3.64 -34.32 31.91
C LYS C 684 -3.91 -34.28 30.42
N ILE C 685 -4.11 -33.09 29.84
CA ILE C 685 -4.26 -32.99 28.40
C ILE C 685 -2.91 -33.30 27.75
N ALA C 686 -2.96 -33.94 26.58
CA ALA C 686 -1.75 -34.43 25.96
C ALA C 686 -0.77 -33.31 25.62
N VAL C 687 -1.30 -32.18 25.14
CA VAL C 687 -0.41 -31.12 24.67
C VAL C 687 0.31 -30.47 25.84
N PHE C 688 -0.40 -30.21 26.93
CA PHE C 688 0.22 -29.53 28.06
C PHE C 688 1.07 -30.48 28.90
N ASP C 689 0.74 -31.77 28.88
CA ASP C 689 1.63 -32.76 29.45
C ASP C 689 2.93 -32.82 28.66
N LYS C 690 2.84 -32.69 27.34
CA LYS C 690 4.04 -32.69 26.50
C LYS C 690 4.93 -31.51 26.84
N MET C 691 4.34 -30.35 27.11
CA MET C 691 5.15 -29.19 27.49
C MET C 691 5.92 -29.47 28.77
N TRP C 692 5.24 -30.04 29.77
CA TRP C 692 5.86 -30.20 31.09
C TRP C 692 7.08 -31.10 31.03
N THR C 693 7.12 -32.05 30.09
CA THR C 693 8.33 -32.83 29.89
C THR C 693 9.50 -31.92 29.49
N TYR C 694 9.24 -31.01 28.54
CA TYR C 694 10.27 -30.06 28.12
C TYR C 694 10.69 -29.16 29.27
N MET C 695 9.72 -28.66 30.04
CA MET C 695 10.01 -27.58 30.98
C MET C 695 10.97 -28.05 32.08
N ARG C 696 10.73 -29.24 32.63
CA ARG C 696 11.62 -29.76 33.65
C ARG C 696 12.94 -30.21 33.05
N SER C 697 12.90 -30.82 31.86
CA SER C 697 14.09 -31.27 31.16
C SER C 697 14.71 -30.11 30.37
N ALA C 698 15.09 -29.08 31.11
CA ALA C 698 15.57 -27.82 30.55
C ALA C 698 17.07 -27.72 30.71
N GLU C 699 17.77 -27.44 29.61
CA GLU C 699 19.22 -27.36 29.59
C GLU C 699 19.62 -26.24 28.63
N PRO C 700 19.80 -25.01 29.14
CA PRO C 700 19.67 -24.47 30.51
C PRO C 700 18.22 -24.35 30.95
N SER C 701 18.00 -23.89 32.18
CA SER C 701 16.66 -23.83 32.75
C SER C 701 15.80 -22.85 31.98
N VAL C 702 14.60 -23.30 31.62
CA VAL C 702 13.63 -22.41 30.98
C VAL C 702 13.03 -21.46 32.00
N PHE C 703 12.96 -21.86 33.26
CA PHE C 703 12.23 -21.10 34.24
C PHE C 703 13.02 -19.85 34.65
N VAL C 704 12.32 -18.96 35.35
CA VAL C 704 12.89 -17.69 35.81
C VAL C 704 12.33 -17.42 37.21
N ARG C 705 12.91 -16.41 37.86
CA ARG C 705 12.50 -16.04 39.21
C ARG C 705 11.44 -14.95 39.21
N THR C 706 11.36 -14.15 38.15
CA THR C 706 10.37 -13.08 38.08
C THR C 706 10.07 -12.78 36.62
N THR C 707 8.93 -12.10 36.41
CA THR C 707 8.45 -11.86 35.05
C THR C 707 9.42 -10.99 34.26
N ALA C 708 10.18 -10.12 34.93
CA ALA C 708 11.12 -9.27 34.22
C ALA C 708 12.21 -10.10 33.56
N GLU C 709 12.63 -11.20 34.21
CA GLU C 709 13.61 -12.09 33.60
C GLU C 709 13.05 -12.72 32.33
N GLY C 710 11.81 -13.17 32.36
CA GLY C 710 11.19 -13.75 31.17
C GLY C 710 11.01 -12.75 30.06
N VAL C 711 10.71 -11.50 30.40
CA VAL C 711 10.57 -10.46 29.39
C VAL C 711 11.91 -10.25 28.69
N ALA C 712 12.99 -10.12 29.46
CA ALA C 712 14.31 -9.89 28.88
C ALA C 712 14.76 -11.08 28.05
N ARG C 713 14.52 -12.30 28.54
CA ARG C 713 14.96 -13.49 27.81
C ARG C 713 14.26 -13.58 26.45
N VAL C 714 13.01 -13.15 26.38
CA VAL C 714 12.32 -13.05 25.09
C VAL C 714 12.91 -11.90 24.28
N ARG C 715 13.21 -10.78 24.93
CA ARG C 715 13.73 -9.61 24.22
C ARG C 715 15.18 -9.79 23.78
N LYS C 716 15.86 -10.86 24.21
CA LYS C 716 17.26 -11.10 23.89
C LYS C 716 17.49 -12.37 23.09
N SER C 717 16.60 -13.36 23.20
CA SER C 717 16.79 -14.62 22.49
C SER C 717 16.54 -14.50 20.99
N LYS C 718 16.02 -13.36 20.52
CA LYS C 718 15.83 -13.12 19.08
C LYS C 718 14.87 -14.14 18.48
N GLY C 719 13.76 -14.38 19.18
CA GLY C 719 12.72 -15.25 18.69
C GLY C 719 12.90 -16.72 19.00
N LYS C 720 13.82 -17.07 19.90
CA LYS C 720 14.04 -18.45 20.33
C LYS C 720 13.46 -18.75 21.70
N TYR C 721 12.74 -17.80 22.32
CA TYR C 721 12.12 -17.99 23.62
C TYR C 721 10.68 -17.50 23.56
N ALA C 722 9.79 -18.22 24.23
CA ALA C 722 8.35 -17.92 24.25
C ALA C 722 7.86 -18.00 25.68
N TYR C 723 7.61 -16.85 26.29
CA TYR C 723 7.25 -16.78 27.69
C TYR C 723 5.75 -16.96 27.88
N LEU C 724 5.37 -17.90 28.73
CA LEU C 724 3.98 -18.22 29.02
C LEU C 724 3.57 -17.50 30.30
N LEU C 725 2.57 -16.64 30.19
CA LEU C 725 2.11 -15.84 31.32
C LEU C 725 0.61 -15.57 31.15
N GLU C 726 0.09 -14.65 31.95
CA GLU C 726 -1.31 -14.28 31.89
C GLU C 726 -1.57 -13.29 30.75
N SER C 727 -2.81 -13.28 30.28
CA SER C 727 -3.16 -12.51 29.09
C SER C 727 -3.15 -11.01 29.31
N THR C 728 -3.03 -10.53 30.55
CA THR C 728 -3.16 -9.11 30.85
C THR C 728 -1.82 -8.41 30.89
N MET C 729 -0.82 -9.00 31.55
CA MET C 729 0.53 -8.46 31.47
C MET C 729 1.03 -8.44 30.04
N ASN C 730 0.74 -9.51 29.29
CA ASN C 730 1.13 -9.56 27.89
C ASN C 730 0.47 -8.47 27.08
N GLU C 731 -0.81 -8.19 27.34
CA GLU C 731 -1.49 -7.12 26.63
C GLU C 731 -0.97 -5.76 27.05
N TYR C 732 -0.66 -5.58 28.33
CA TYR C 732 -0.09 -4.32 28.80
C TYR C 732 1.31 -4.12 28.25
N ILE C 733 2.15 -5.15 28.38
CA ILE C 733 3.53 -5.08 27.90
C ILE C 733 3.56 -4.84 26.41
N GLU C 734 2.63 -5.44 25.67
CA GLU C 734 2.59 -5.25 24.23
C GLU C 734 2.34 -3.79 23.85
N GLN C 735 1.73 -3.01 24.75
CA GLN C 735 1.41 -1.62 24.50
C GLN C 735 2.36 -0.65 25.20
N ARG C 736 3.43 -1.14 25.81
CA ARG C 736 4.46 -0.31 26.43
C ARG C 736 5.72 -0.32 25.59
N LYS C 737 6.55 0.70 25.80
CA LYS C 737 7.84 0.76 25.13
C LYS C 737 8.75 -0.34 25.67
N PRO C 738 9.72 -0.83 24.87
CA PRO C 738 10.09 -0.44 23.51
C PRO C 738 9.16 -0.93 22.40
N CYS C 739 8.04 -1.57 22.77
CA CYS C 739 7.10 -2.13 21.82
C CYS C 739 7.79 -3.19 20.96
N ASP C 740 8.30 -4.22 21.63
CA ASP C 740 9.12 -5.25 21.02
C ASP C 740 8.46 -6.62 20.97
N THR C 741 7.36 -6.83 21.70
CA THR C 741 6.74 -8.13 21.87
C THR C 741 5.28 -8.09 21.41
N MET C 742 4.67 -9.27 21.33
CA MET C 742 3.24 -9.37 21.10
C MET C 742 2.70 -10.59 21.83
N LYS C 743 1.38 -10.57 22.03
CA LYS C 743 0.62 -11.71 22.50
C LYS C 743 0.13 -12.49 21.28
N VAL C 744 0.48 -13.77 21.21
CA VAL C 744 0.15 -14.62 20.08
C VAL C 744 -0.75 -15.75 20.56
N GLY C 745 -1.65 -16.17 19.69
CA GLY C 745 -2.50 -17.30 19.97
C GLY C 745 -3.65 -16.95 20.89
N GLY C 746 -4.46 -17.96 21.16
CA GLY C 746 -5.56 -17.84 22.09
C GLY C 746 -5.09 -18.01 23.52
N ASN C 747 -6.01 -18.42 24.38
CA ASN C 747 -5.75 -18.60 25.80
C ASN C 747 -5.89 -20.07 26.15
N LEU C 748 -4.92 -20.59 26.89
CA LEU C 748 -4.88 -22.01 27.18
C LEU C 748 -5.86 -22.40 28.27
N ASP C 749 -6.08 -21.52 29.23
CA ASP C 749 -6.97 -21.74 30.36
C ASP C 749 -7.95 -20.59 30.45
N SER C 750 -9.07 -20.84 31.11
CA SER C 750 -10.07 -19.81 31.40
C SER C 750 -10.11 -19.60 32.91
N LYS C 751 -9.93 -18.36 33.34
CA LYS C 751 -10.05 -17.98 34.73
C LYS C 751 -10.42 -16.50 34.77
N GLY C 752 -10.66 -15.99 35.97
CA GLY C 752 -11.08 -14.61 36.11
C GLY C 752 -10.66 -14.02 37.43
N TYR C 753 -10.62 -12.69 37.46
CA TYR C 753 -10.39 -11.94 38.68
C TYR C 753 -11.74 -11.55 39.28
N GLY C 754 -11.83 -11.62 40.59
CA GLY C 754 -13.08 -11.31 41.27
C GLY C 754 -12.92 -10.52 42.55
N ILE C 755 -13.79 -9.53 42.74
CA ILE C 755 -13.82 -8.81 44.00
C ILE C 755 -14.21 -9.74 45.13
N ALA C 756 -13.57 -9.55 46.27
CA ALA C 756 -13.71 -10.41 47.43
C ALA C 756 -14.28 -9.65 48.61
N THR C 757 -15.08 -10.34 49.42
CA THR C 757 -15.57 -9.84 50.69
C THR C 757 -15.50 -10.99 51.70
N PRO C 758 -15.45 -10.69 53.00
CA PRO C 758 -15.40 -11.77 53.98
C PRO C 758 -16.71 -12.54 54.03
N LYS C 759 -16.63 -13.71 54.64
CA LYS C 759 -17.82 -14.53 54.86
C LYS C 759 -18.79 -13.80 55.78
N GLY C 760 -19.97 -13.49 55.25
CA GLY C 760 -20.97 -12.79 56.03
C GLY C 760 -20.77 -11.28 56.01
N SER C 761 -20.76 -10.69 54.83
CA SER C 761 -20.64 -9.26 54.64
C SER C 761 -21.88 -8.74 53.94
N SER C 762 -22.44 -7.64 54.44
CA SER C 762 -23.56 -6.99 53.78
C SER C 762 -23.17 -6.42 52.42
N LEU C 763 -21.87 -6.17 52.21
CA LEU C 763 -21.38 -5.68 50.92
C LEU C 763 -21.42 -6.75 49.83
N GLY C 764 -21.63 -8.02 50.19
CA GLY C 764 -21.43 -9.09 49.22
C GLY C 764 -22.34 -8.99 48.02
N THR C 765 -23.62 -8.74 48.25
CA THR C 765 -24.61 -8.72 47.17
C THR C 765 -24.55 -7.44 46.33
N PRO C 766 -24.31 -6.24 46.88
CA PRO C 766 -24.14 -5.08 45.98
C PRO C 766 -23.01 -5.23 44.98
N VAL C 767 -21.81 -5.59 45.44
CA VAL C 767 -20.67 -5.72 44.53
C VAL C 767 -20.94 -6.82 43.52
N ASN C 768 -21.58 -7.91 43.95
CA ASN C 768 -22.01 -8.93 43.02
C ASN C 768 -23.00 -8.38 42.00
N LEU C 769 -23.79 -7.39 42.40
CA LEU C 769 -24.77 -6.76 41.52
C LEU C 769 -24.23 -5.51 40.83
N ALA C 770 -23.08 -4.99 41.26
CA ALA C 770 -22.50 -3.78 40.69
C ALA C 770 -21.57 -4.08 39.52
N VAL C 771 -20.71 -5.09 39.67
CA VAL C 771 -19.76 -5.43 38.62
C VAL C 771 -20.51 -5.83 37.36
N LEU C 772 -21.64 -6.51 37.51
CA LEU C 772 -22.48 -6.78 36.35
C LEU C 772 -22.98 -5.48 35.75
N LYS C 773 -23.57 -4.61 36.59
CA LYS C 773 -24.15 -3.35 36.11
C LYS C 773 -23.13 -2.53 35.33
N LEU C 774 -21.88 -2.58 35.74
CA LEU C 774 -20.81 -2.01 34.93
C LEU C 774 -20.60 -2.83 33.66
N SER C 775 -20.69 -4.16 33.77
CA SER C 775 -20.32 -5.03 32.67
C SER C 775 -21.28 -4.90 31.49
N GLU C 776 -22.60 -4.99 31.72
CA GLU C 776 -23.52 -4.74 30.60
C GLU C 776 -23.36 -3.32 30.09
N GLN C 777 -23.25 -2.34 31.00
CA GLN C 777 -23.15 -0.95 30.58
C GLN C 777 -21.93 -0.68 29.72
N GLY C 778 -20.88 -1.49 29.86
CA GLY C 778 -19.66 -1.30 29.09
C GLY C 778 -18.62 -0.45 29.76
N VAL C 779 -18.74 -0.20 31.06
CA VAL C 779 -17.76 0.63 31.75
C VAL C 779 -16.42 -0.09 31.80
N LEU C 780 -16.42 -1.36 32.16
CA LEU C 780 -15.18 -2.12 32.31
C LEU C 780 -14.41 -2.19 31.00
N ASP C 781 -15.12 -2.24 29.87
CA ASP C 781 -14.45 -2.17 28.59
C ASP C 781 -13.74 -0.85 28.40
N LYS C 782 -14.39 0.25 28.80
CA LYS C 782 -13.78 1.57 28.62
C LYS C 782 -12.53 1.73 29.47
N LEU C 783 -12.56 1.24 30.70
CA LEU C 783 -11.36 1.26 31.53
C LEU C 783 -10.29 0.35 30.95
N LYS C 784 -10.70 -0.80 30.40
CA LYS C 784 -9.75 -1.69 29.76
C LYS C 784 -9.03 -0.98 28.63
N ASN C 785 -9.78 -0.27 27.80
CA ASN C 785 -9.17 0.51 26.74
C ASN C 785 -8.33 1.65 27.30
N LYS C 786 -8.77 2.24 28.42
CA LYS C 786 -8.09 3.41 28.95
C LYS C 786 -6.67 3.08 29.42
N TRP C 787 -6.51 1.98 30.14
CA TRP C 787 -5.24 1.67 30.80
C TRP C 787 -4.34 0.75 29.98
N TRP C 788 -4.82 0.17 28.87
CA TRP C 788 -4.02 -0.71 28.02
C TRP C 788 -3.81 -0.12 26.64
N TYR C 789 -4.89 0.20 25.92
CA TYR C 789 -4.80 0.60 24.52
C TYR C 789 -4.68 2.11 24.38
N ASP C 790 -5.67 2.85 24.86
CA ASP C 790 -5.50 4.29 25.01
C ASP C 790 -4.41 4.54 26.05
N LYS C 791 -3.75 5.68 25.93
CA LYS C 791 -2.50 5.92 26.67
C LYS C 791 -1.47 4.86 26.29
N GLY C 792 -1.47 4.48 25.02
CA GLY C 792 -0.63 3.41 24.51
C GLY C 792 0.52 3.97 23.70
N GLU C 793 1.73 3.55 24.08
CA GLU C 793 2.94 4.10 23.49
C GLU C 793 3.24 3.56 22.09
N CYS C 794 2.65 2.42 21.72
CA CYS C 794 2.98 1.74 20.47
C CYS C 794 2.03 2.09 19.32
N GLY C 795 1.12 3.04 19.52
CA GLY C 795 0.21 3.44 18.48
C GLY C 795 -1.03 2.60 18.31
N ALA C 796 -1.09 1.42 18.95
CA ALA C 796 -2.23 0.52 18.98
C ALA C 796 -2.53 -0.15 17.64
N LYS C 797 -1.73 0.10 16.61
CA LYS C 797 -2.00 -0.52 15.31
C LYS C 797 -0.75 -0.37 14.45
N ASP C 798 -0.69 -1.19 13.40
CA ASP C 798 0.42 -1.12 12.45
C ASP C 798 0.38 0.12 11.57
N SER C 799 -0.71 0.88 11.60
CA SER C 799 -0.80 2.08 10.78
C SER C 799 0.21 3.13 11.21
N GLY C 800 0.63 3.11 12.47
CA GLY C 800 1.68 4.02 12.91
C GLY C 800 2.97 3.82 12.14
N SER C 801 3.33 2.56 11.89
CA SER C 801 4.47 2.25 11.04
C SER C 801 4.11 2.47 9.57
N LYS C 802 5.14 2.70 8.75
CA LYS C 802 4.99 2.95 7.32
C LYS C 802 6.01 2.13 6.55
N GLU C 803 5.68 1.83 5.30
CA GLU C 803 6.60 1.08 4.45
C GLU C 803 7.84 1.89 4.13
N LYS C 804 8.95 1.19 3.94
CA LYS C 804 10.20 1.83 3.57
C LYS C 804 11.05 0.83 2.81
N THR C 805 11.99 1.36 2.03
CA THR C 805 12.86 0.57 1.17
C THR C 805 14.30 0.73 1.60
N SER C 806 15.12 -0.21 1.15
CA SER C 806 16.56 -0.18 1.38
C SER C 806 17.26 -0.65 0.12
N ALA C 807 18.34 0.05 -0.23
CA ALA C 807 19.17 -0.40 -1.34
C ALA C 807 19.74 -1.78 -1.03
N LEU C 808 19.73 -2.65 -2.04
CA LEU C 808 20.26 -3.98 -1.86
C LEU C 808 21.74 -3.94 -1.49
N SER C 809 22.11 -4.74 -0.52
CA SER C 809 23.47 -4.83 -0.02
C SER C 809 24.10 -6.13 -0.50
N LEU C 810 25.42 -6.20 -0.32
CA LEU C 810 26.16 -7.38 -0.77
C LEU C 810 25.67 -8.64 -0.08
N SER C 811 25.19 -8.54 1.15
CA SER C 811 24.65 -9.69 1.86
C SER C 811 23.43 -10.25 1.13
N ASN C 812 22.67 -9.40 0.45
CA ASN C 812 21.48 -9.87 -0.25
C ASN C 812 21.85 -10.81 -1.40
N VAL C 813 22.93 -10.48 -2.13
CA VAL C 813 23.27 -11.15 -3.37
C VAL C 813 24.70 -11.68 -3.30
N ALA C 814 25.15 -12.07 -2.11
CA ALA C 814 26.47 -12.68 -1.98
C ALA C 814 26.47 -14.11 -2.46
N GLY C 815 25.31 -14.76 -2.52
CA GLY C 815 25.28 -16.14 -2.95
C GLY C 815 25.66 -16.33 -4.40
N VAL C 816 25.40 -15.32 -5.23
CA VAL C 816 25.69 -15.41 -6.65
C VAL C 816 27.09 -14.95 -6.98
N PHE C 817 27.75 -14.23 -6.08
CA PHE C 817 29.19 -14.01 -6.20
C PHE C 817 29.96 -15.28 -5.86
N TYR C 818 29.54 -15.99 -4.81
CA TYR C 818 30.17 -17.24 -4.46
C TYR C 818 29.99 -18.27 -5.57
N ILE C 819 28.80 -18.34 -6.14
CA ILE C 819 28.54 -19.24 -7.26
C ILE C 819 29.45 -18.89 -8.43
N LEU C 820 29.61 -17.60 -8.70
CA LEU C 820 30.49 -17.16 -9.77
C LEU C 820 31.92 -17.61 -9.51
N VAL C 821 32.50 -17.15 -8.40
CA VAL C 821 33.89 -17.46 -8.11
C VAL C 821 34.10 -18.95 -7.95
N GLY C 822 33.07 -19.68 -7.53
CA GLY C 822 33.17 -21.14 -7.52
C GLY C 822 33.24 -21.72 -8.90
N GLY C 823 32.48 -21.15 -9.84
CA GLY C 823 32.51 -21.64 -11.20
C GLY C 823 33.84 -21.39 -11.90
N LEU C 824 34.47 -20.25 -11.61
CA LEU C 824 35.75 -19.95 -12.23
C LEU C 824 36.83 -20.91 -11.77
N GLY C 825 36.87 -21.21 -10.47
CA GLY C 825 37.81 -22.21 -9.99
C GLY C 825 37.59 -23.56 -10.61
N LEU C 826 36.31 -23.90 -10.85
CA LEU C 826 36.00 -25.15 -11.55
C LEU C 826 36.51 -25.10 -12.99
N ALA C 827 36.35 -23.96 -13.66
CA ALA C 827 36.73 -23.86 -15.06
C ALA C 827 38.23 -24.05 -15.23
N MET C 828 39.03 -23.39 -14.40
CA MET C 828 40.47 -23.60 -14.45
C MET C 828 40.81 -25.05 -14.11
N LEU C 829 40.12 -25.61 -13.12
CA LEU C 829 40.38 -27.00 -12.73
C LEU C 829 40.07 -27.95 -13.88
N VAL C 830 38.97 -27.72 -14.59
CA VAL C 830 38.61 -28.59 -15.70
C VAL C 830 39.61 -28.45 -16.83
N ALA C 831 40.12 -27.24 -17.04
CA ALA C 831 41.03 -27.00 -18.15
C ALA C 831 42.34 -27.76 -17.97
N LEU C 832 42.88 -27.75 -16.75
CA LEU C 832 44.12 -28.50 -16.49
C LEU C 832 43.92 -29.99 -16.70
N ILE C 833 42.75 -30.50 -16.32
CA ILE C 833 42.42 -31.90 -16.58
C ILE C 833 42.45 -32.17 -18.09
N GLU C 834 41.88 -31.26 -18.87
CA GLU C 834 41.98 -31.37 -20.32
C GLU C 834 43.43 -31.27 -20.77
N PHE C 835 44.21 -30.40 -20.12
CA PHE C 835 45.60 -30.22 -20.49
C PHE C 835 46.40 -31.50 -20.26
N CYS C 836 46.31 -32.06 -19.06
CA CYS C 836 47.05 -33.28 -18.75
C CYS C 836 46.57 -34.44 -19.60
N TYR C 837 45.26 -34.55 -19.79
CA TYR C 837 44.72 -35.57 -20.69
C TYR C 837 45.24 -35.36 -22.12
N LYS C 838 45.17 -34.12 -22.61
CA LYS C 838 45.62 -33.85 -23.97
C LYS C 838 47.12 -34.10 -24.12
N SER C 839 47.89 -33.90 -23.05
CA SER C 839 49.31 -34.19 -23.11
C SER C 839 49.56 -35.69 -23.25
N ARG C 840 48.77 -36.50 -22.57
CA ARG C 840 48.93 -37.96 -22.64
C ARG C 840 48.44 -38.49 -23.99
N VAL D 416 -40.78 29.87 22.44
CA VAL D 416 -42.14 29.38 22.27
C VAL D 416 -42.37 28.92 20.84
N VAL D 417 -42.52 29.86 19.93
CA VAL D 417 -42.74 29.58 18.52
C VAL D 417 -41.38 29.53 17.83
N VAL D 418 -40.90 28.33 17.55
CA VAL D 418 -39.60 28.14 16.90
C VAL D 418 -39.87 28.04 15.40
N THR D 419 -39.90 29.19 14.73
CA THR D 419 -40.03 29.20 13.28
C THR D 419 -38.82 28.53 12.65
N THR D 420 -39.07 27.77 11.59
CA THR D 420 -38.04 26.96 10.96
C THR D 420 -38.46 26.69 9.52
N ILE D 421 -37.49 26.24 8.72
CA ILE D 421 -37.75 25.78 7.36
C ILE D 421 -37.11 24.40 7.22
N LEU D 422 -37.59 23.64 6.24
CA LEU D 422 -37.18 22.25 6.03
C LEU D 422 -36.13 22.19 4.93
N GLU D 423 -34.91 21.81 5.30
CA GLU D 423 -33.82 21.58 4.36
C GLU D 423 -32.83 20.64 5.04
N SER D 424 -32.51 19.54 4.37
CA SER D 424 -31.67 18.54 5.00
C SER D 424 -30.24 19.06 5.15
N PRO D 425 -29.54 18.71 6.24
CA PRO D 425 -29.93 17.99 7.45
C PRO D 425 -30.44 18.91 8.55
N TYR D 426 -30.75 20.16 8.21
CA TYR D 426 -31.18 21.12 9.23
C TYR D 426 -32.56 20.76 9.77
N VAL D 427 -33.51 20.54 8.87
CA VAL D 427 -34.82 20.01 9.20
C VAL D 427 -35.31 19.16 8.04
N MET D 428 -35.63 17.90 8.32
CA MET D 428 -36.19 16.99 7.34
C MET D 428 -37.25 16.16 8.04
N MET D 429 -38.38 15.97 7.35
CA MET D 429 -39.51 15.24 7.93
C MET D 429 -39.10 13.83 8.31
N LYS D 430 -39.45 13.43 9.53
CA LYS D 430 -39.14 12.08 9.97
C LYS D 430 -40.03 11.07 9.25
N LYS D 431 -39.53 9.85 9.13
CA LYS D 431 -40.31 8.78 8.51
C LYS D 431 -41.62 8.55 9.25
N ASN D 432 -41.61 8.71 10.57
CA ASN D 432 -42.81 8.60 11.39
C ASN D 432 -43.54 9.94 11.48
N HIS D 433 -43.81 10.55 10.32
CA HIS D 433 -44.45 11.86 10.30
C HIS D 433 -45.88 11.78 10.81
N GLU D 434 -46.58 10.69 10.52
CA GLU D 434 -48.00 10.61 10.83
C GLU D 434 -48.25 10.14 12.26
N MET D 435 -47.65 9.00 12.65
CA MET D 435 -47.97 8.43 13.95
C MET D 435 -47.42 9.30 15.08
N LEU D 436 -46.26 9.91 14.88
CA LEU D 436 -45.68 10.86 15.82
C LEU D 436 -45.94 12.28 15.33
N GLU D 437 -46.35 13.15 16.25
CA GLU D 437 -46.77 14.51 15.92
C GLU D 437 -46.07 15.50 16.85
N GLY D 438 -45.85 16.70 16.32
CA GLY D 438 -45.31 17.79 17.13
C GLY D 438 -43.81 17.86 17.02
N ASN D 439 -43.14 17.93 18.19
CA ASN D 439 -41.69 18.09 18.21
C ASN D 439 -40.98 16.91 17.56
N GLU D 440 -41.42 15.69 17.87
CA GLU D 440 -40.80 14.50 17.30
C GLU D 440 -41.17 14.29 15.84
N ARG D 441 -42.11 15.06 15.29
CA ARG D 441 -42.44 14.96 13.89
C ARG D 441 -41.25 15.30 13.00
N TYR D 442 -40.50 16.33 13.38
CA TYR D 442 -39.37 16.83 12.61
C TYR D 442 -38.05 16.34 13.20
N GLU D 443 -37.01 16.34 12.37
CA GLU D 443 -35.68 16.00 12.83
C GLU D 443 -34.65 16.68 11.94
N GLY D 444 -33.46 16.90 12.50
CA GLY D 444 -32.38 17.51 11.75
C GLY D 444 -31.34 18.09 12.69
N TYR D 445 -30.45 18.89 12.10
CA TYR D 445 -29.39 19.53 12.88
C TYR D 445 -29.96 20.62 13.76
N CYS D 446 -30.85 21.44 13.20
CA CYS D 446 -31.52 22.48 13.98
C CYS D 446 -32.40 21.87 15.06
N VAL D 447 -33.04 20.73 14.76
CA VAL D 447 -33.95 20.11 15.72
C VAL D 447 -33.18 19.69 16.97
N ASP D 448 -32.01 19.10 16.78
CA ASP D 448 -31.18 18.76 17.93
C ASP D 448 -30.76 20.01 18.68
N LEU D 449 -30.40 21.07 17.93
CA LEU D 449 -29.82 22.26 18.54
C LEU D 449 -30.81 22.95 19.48
N ALA D 450 -32.06 23.08 19.06
CA ALA D 450 -33.03 23.83 19.85
C ALA D 450 -33.26 23.18 21.21
N ALA D 451 -32.98 21.89 21.34
CA ALA D 451 -33.05 21.24 22.64
C ALA D 451 -32.05 21.84 23.62
N GLU D 452 -30.79 22.00 23.19
CA GLU D 452 -29.79 22.53 24.12
C GLU D 452 -29.97 24.02 24.35
N ILE D 453 -30.48 24.75 23.35
CA ILE D 453 -30.77 26.16 23.56
C ILE D 453 -31.85 26.31 24.62
N ALA D 454 -32.92 25.53 24.49
CA ALA D 454 -33.99 25.57 25.47
C ALA D 454 -33.57 24.93 26.79
N LYS D 455 -32.64 23.98 26.75
CA LYS D 455 -32.14 23.43 28.01
C LYS D 455 -31.38 24.49 28.79
N HIS D 456 -30.57 25.30 28.11
CA HIS D 456 -29.85 26.36 28.78
C HIS D 456 -30.80 27.46 29.24
N CYS D 457 -31.69 27.91 28.36
CA CYS D 457 -32.62 28.97 28.72
C CYS D 457 -33.74 28.44 29.62
N GLY D 458 -34.28 27.26 29.31
CA GLY D 458 -35.38 26.68 30.04
C GLY D 458 -36.74 26.87 29.41
N PHE D 459 -36.86 27.76 28.43
CA PHE D 459 -38.17 28.11 27.89
C PHE D 459 -38.78 26.95 27.11
N LYS D 460 -40.11 26.91 27.09
CA LYS D 460 -40.85 25.93 26.31
C LYS D 460 -40.81 26.28 24.84
N TYR D 461 -40.80 25.26 23.98
CA TYR D 461 -40.77 25.46 22.55
C TYR D 461 -41.56 24.36 21.85
N LYS D 462 -42.10 24.72 20.69
CA LYS D 462 -42.83 23.79 19.83
C LYS D 462 -42.28 23.92 18.41
N LEU D 463 -42.01 22.79 17.77
CA LEU D 463 -41.49 22.81 16.41
C LEU D 463 -42.51 23.45 15.48
N THR D 464 -42.04 24.39 14.65
CA THR D 464 -42.89 25.10 13.72
C THR D 464 -42.16 25.26 12.39
N ILE D 465 -42.92 25.16 11.31
CA ILE D 465 -42.40 25.33 9.95
C ILE D 465 -42.96 26.63 9.41
N VAL D 466 -42.11 27.39 8.72
CA VAL D 466 -42.58 28.57 8.01
C VAL D 466 -43.52 28.12 6.91
N GLY D 467 -44.69 28.77 6.84
CA GLY D 467 -45.64 28.42 5.80
C GLY D 467 -45.11 28.72 4.41
N ASP D 468 -44.44 29.86 4.26
CA ASP D 468 -43.92 30.29 2.97
C ASP D 468 -42.44 29.97 2.88
N GLY D 469 -42.03 29.37 1.76
CA GLY D 469 -40.70 28.80 1.64
C GLY D 469 -39.57 29.81 1.57
N LYS D 470 -39.87 31.09 1.36
CA LYS D 470 -38.80 32.07 1.30
C LYS D 470 -38.16 32.25 2.67
N TYR D 471 -36.89 32.66 2.66
CA TYR D 471 -36.15 32.91 3.89
C TYR D 471 -36.46 34.30 4.44
N GLY D 472 -36.29 35.34 3.62
CA GLY D 472 -36.63 36.68 4.02
C GLY D 472 -36.02 37.73 3.13
N ALA D 473 -36.81 38.75 2.78
CA ALA D 473 -36.34 39.85 1.95
C ALA D 473 -37.46 40.87 1.84
N ARG D 474 -37.09 42.09 1.44
CA ARG D 474 -38.02 43.20 1.30
C ARG D 474 -38.29 43.43 -0.18
N ASP D 475 -39.56 43.42 -0.56
CA ASP D 475 -39.93 43.71 -1.93
C ASP D 475 -39.54 45.13 -2.29
N ALA D 476 -39.11 45.33 -3.53
CA ALA D 476 -38.65 46.65 -3.97
C ALA D 476 -39.79 47.66 -4.02
N ASP D 477 -41.04 47.22 -4.04
CA ASP D 477 -42.20 48.11 -4.09
C ASP D 477 -43.05 48.03 -2.83
N THR D 478 -43.48 46.83 -2.44
CA THR D 478 -44.38 46.71 -1.29
C THR D 478 -43.68 47.04 0.02
N LYS D 479 -42.40 46.70 0.14
CA LYS D 479 -41.62 46.89 1.36
C LYS D 479 -42.28 46.17 2.55
N ILE D 480 -42.36 44.86 2.41
CA ILE D 480 -42.77 43.97 3.49
C ILE D 480 -41.84 42.77 3.50
N TRP D 481 -41.76 42.11 4.65
CA TRP D 481 -40.85 40.98 4.84
C TRP D 481 -41.62 39.69 4.62
N ASN D 482 -41.15 38.89 3.68
CA ASN D 482 -41.75 37.60 3.38
C ASN D 482 -41.04 36.50 4.15
N GLY D 483 -41.64 35.32 4.12
CA GLY D 483 -40.97 34.13 4.61
C GLY D 483 -40.80 34.13 6.12
N MET D 484 -39.70 33.50 6.55
CA MET D 484 -39.50 33.19 7.95
C MET D 484 -39.27 34.45 8.78
N VAL D 485 -38.52 35.41 8.23
CA VAL D 485 -38.25 36.63 8.97
C VAL D 485 -39.52 37.45 9.14
N GLY D 486 -40.38 37.46 8.12
CA GLY D 486 -41.65 38.16 8.23
C GLY D 486 -42.50 37.66 9.39
N GLU D 487 -42.33 36.40 9.78
CA GLU D 487 -42.97 35.91 10.99
C GLU D 487 -42.48 36.67 12.22
N LEU D 488 -41.17 36.90 12.29
CA LEU D 488 -40.58 37.48 13.49
C LEU D 488 -40.80 38.99 13.58
N VAL D 489 -40.78 39.69 12.44
CA VAL D 489 -41.01 41.13 12.45
C VAL D 489 -42.41 41.45 12.94
N TYR D 490 -43.41 40.72 12.42
CA TYR D 490 -44.81 40.96 12.73
C TYR D 490 -45.29 40.17 13.95
N GLY D 491 -44.37 39.65 14.77
CA GLY D 491 -44.76 39.03 16.02
C GLY D 491 -45.41 37.68 15.88
N LYS D 492 -45.43 37.09 14.69
CA LYS D 492 -46.01 35.76 14.52
C LYS D 492 -45.25 34.70 15.30
N ALA D 493 -44.00 34.97 15.67
CA ALA D 493 -43.19 34.05 16.44
C ALA D 493 -42.18 34.86 17.24
N ASP D 494 -41.27 34.17 17.93
CA ASP D 494 -40.28 34.80 18.80
C ASP D 494 -38.85 34.34 18.57
N ILE D 495 -38.61 33.31 17.76
CA ILE D 495 -37.26 32.82 17.52
C ILE D 495 -37.26 32.08 16.20
N ALA D 496 -36.09 32.04 15.55
CA ALA D 496 -35.90 31.28 14.31
C ALA D 496 -34.57 30.53 14.42
N ILE D 497 -34.63 29.30 14.90
CA ILE D 497 -33.47 28.41 14.92
C ILE D 497 -33.49 27.76 13.54
N ALA D 498 -32.79 28.37 12.60
CA ALA D 498 -32.87 27.99 11.20
C ALA D 498 -31.62 28.50 10.49
N PRO D 499 -31.35 28.00 9.28
CA PRO D 499 -30.13 28.41 8.55
C PRO D 499 -30.29 29.75 7.82
N LEU D 500 -30.22 30.82 8.58
CA LEU D 500 -30.42 32.18 8.08
C LEU D 500 -29.09 32.92 8.11
N THR D 501 -28.66 33.40 6.95
CA THR D 501 -27.38 34.09 6.86
C THR D 501 -27.47 35.46 7.50
N ILE D 502 -26.41 35.85 8.18
CA ILE D 502 -26.33 37.18 8.77
C ILE D 502 -25.99 38.18 7.67
N THR D 503 -26.80 39.22 7.57
CA THR D 503 -26.66 40.20 6.50
C THR D 503 -27.14 41.56 7.01
N LEU D 504 -26.70 42.61 6.32
CA LEU D 504 -27.01 43.97 6.75
C LEU D 504 -28.52 44.22 6.75
N VAL D 505 -29.19 43.90 5.65
CA VAL D 505 -30.62 44.20 5.51
C VAL D 505 -31.44 43.46 6.55
N ARG D 506 -30.99 42.28 6.96
CA ARG D 506 -31.70 41.51 7.97
C ARG D 506 -31.35 41.95 9.39
N GLU D 507 -30.18 42.57 9.59
CA GLU D 507 -29.80 43.02 10.92
C GLU D 507 -30.51 44.30 11.34
N GLU D 508 -30.83 45.17 10.37
CA GLU D 508 -31.46 46.44 10.70
C GLU D 508 -32.82 46.25 11.37
N VAL D 509 -33.52 45.17 11.06
CA VAL D 509 -34.89 44.98 11.50
C VAL D 509 -35.02 43.93 12.61
N ILE D 510 -34.09 42.99 12.71
CA ILE D 510 -34.10 41.99 13.77
C ILE D 510 -32.69 41.81 14.30
N ASP D 511 -32.60 41.19 15.48
CA ASP D 511 -31.34 41.04 16.21
C ASP D 511 -30.87 39.60 16.08
N PHE D 512 -29.74 39.41 15.40
CA PHE D 512 -29.18 38.10 15.18
C PHE D 512 -28.35 37.65 16.39
N SER D 513 -28.11 36.35 16.45
CA SER D 513 -27.21 35.79 17.44
C SER D 513 -25.78 35.90 16.92
N LYS D 514 -24.85 35.25 17.59
CA LYS D 514 -23.52 35.07 17.03
C LYS D 514 -23.52 33.83 16.13
N PRO D 515 -22.56 33.74 15.21
CA PRO D 515 -22.60 32.63 14.25
C PRO D 515 -22.37 31.29 14.93
N PHE D 516 -23.30 30.36 14.71
CA PHE D 516 -23.18 29.00 15.21
C PHE D 516 -22.60 28.04 14.19
N MET D 517 -22.45 28.47 12.94
CA MET D 517 -21.72 27.68 11.95
C MET D 517 -21.16 28.63 10.92
N SER D 518 -19.84 28.69 10.82
CA SER D 518 -19.20 29.54 9.83
C SER D 518 -19.35 28.91 8.45
N LEU D 519 -19.13 29.72 7.42
CA LEU D 519 -19.65 29.39 6.10
C LEU D 519 -18.80 30.05 5.03
N GLY D 520 -19.04 29.62 3.80
CA GLY D 520 -18.47 30.29 2.66
C GLY D 520 -18.91 29.61 1.38
N ILE D 521 -18.80 30.37 0.29
CA ILE D 521 -19.00 29.79 -1.04
C ILE D 521 -17.85 28.84 -1.32
N SER D 522 -18.15 27.73 -1.99
CA SER D 522 -17.17 26.69 -2.28
C SER D 522 -17.27 26.22 -3.72
N ILE D 523 -16.56 25.15 -4.05
CA ILE D 523 -16.53 24.58 -5.39
C ILE D 523 -16.91 23.12 -5.30
N MET D 524 -17.71 22.67 -6.26
CA MET D 524 -18.17 21.29 -6.35
C MET D 524 -17.71 20.72 -7.69
N ILE D 525 -17.13 19.52 -7.65
CA ILE D 525 -16.65 18.85 -8.85
C ILE D 525 -17.06 17.38 -8.78
N LYS D 526 -17.05 16.74 -9.94
CA LYS D 526 -17.15 15.29 -9.99
C LYS D 526 -15.85 14.67 -9.46
N LYS D 527 -15.98 13.51 -8.85
CA LYS D 527 -14.80 12.83 -8.35
C LYS D 527 -13.89 12.48 -9.53
N PRO D 528 -12.58 12.75 -9.46
CA PRO D 528 -11.73 12.45 -10.62
C PRO D 528 -11.58 10.96 -10.82
N GLN D 529 -12.25 10.43 -11.83
CA GLN D 529 -12.29 9.00 -12.07
C GLN D 529 -11.06 8.55 -12.87
N LYS D 530 -10.87 7.24 -12.94
CA LYS D 530 -9.85 6.67 -13.81
C LYS D 530 -10.23 6.96 -15.25
N SER D 531 -9.43 7.78 -15.92
CA SER D 531 -9.78 8.21 -17.26
C SER D 531 -9.67 7.06 -18.25
N LYS D 532 -10.36 7.20 -19.36
CA LYS D 532 -10.22 6.25 -20.45
C LYS D 532 -8.78 6.29 -20.94
N PRO D 533 -8.09 5.15 -21.06
CA PRO D 533 -6.67 5.21 -21.43
C PRO D 533 -6.52 5.63 -22.90
N GLY D 534 -5.62 6.56 -23.13
CA GLY D 534 -5.41 7.09 -24.45
C GLY D 534 -4.37 6.32 -25.23
N VAL D 535 -4.45 6.43 -26.55
CA VAL D 535 -3.36 5.92 -27.37
C VAL D 535 -2.12 6.73 -27.06
N PHE D 536 -0.96 6.11 -27.23
CA PHE D 536 0.32 6.68 -26.81
C PHE D 536 0.36 6.91 -25.31
N SER D 537 -0.41 6.11 -24.56
CA SER D 537 -0.28 6.06 -23.11
C SER D 537 0.93 5.24 -22.67
N PHE D 538 1.46 4.39 -23.55
CA PHE D 538 2.65 3.62 -23.20
C PHE D 538 3.88 4.50 -23.01
N LEU D 539 3.85 5.75 -23.49
CA LEU D 539 4.93 6.68 -23.25
C LEU D 539 4.84 7.37 -21.89
N ASP D 540 3.73 7.18 -21.17
CA ASP D 540 3.53 7.89 -19.92
C ASP D 540 4.62 7.66 -18.87
N PRO D 541 5.18 6.45 -18.70
CA PRO D 541 6.23 6.27 -17.68
C PRO D 541 7.43 7.17 -17.84
N LEU D 542 7.71 7.68 -19.04
CA LEU D 542 8.86 8.52 -19.31
C LEU D 542 8.40 9.82 -19.93
N ALA D 543 8.89 10.93 -19.39
CA ALA D 543 8.48 12.23 -19.88
C ALA D 543 9.02 12.46 -21.29
N TYR D 544 8.37 13.40 -21.99
CA TYR D 544 8.76 13.70 -23.37
C TYR D 544 10.19 14.22 -23.47
N GLU D 545 10.74 14.75 -22.38
CA GLU D 545 12.14 15.17 -22.40
C GLU D 545 13.06 13.96 -22.59
N ILE D 546 12.75 12.84 -21.94
CA ILE D 546 13.59 11.66 -22.05
C ILE D 546 13.48 11.05 -23.43
N TRP D 547 12.25 10.92 -23.94
CA TRP D 547 12.05 10.37 -25.27
C TRP D 547 12.75 11.21 -26.33
N MET D 548 12.64 12.53 -26.21
CA MET D 548 13.29 13.42 -27.15
C MET D 548 14.81 13.30 -27.05
N CYS D 549 15.34 13.21 -25.83
CA CYS D 549 16.78 13.11 -25.65
C CYS D 549 17.33 11.72 -25.92
N ILE D 550 16.47 10.70 -25.94
CA ILE D 550 16.91 9.37 -26.39
C ILE D 550 17.26 9.43 -27.87
N VAL D 551 16.42 10.09 -28.67
CA VAL D 551 16.62 10.11 -30.11
C VAL D 551 17.92 10.81 -30.46
N PHE D 552 18.18 11.96 -29.83
CA PHE D 552 19.40 12.69 -30.13
C PHE D 552 20.62 11.88 -29.75
N ALA D 553 20.55 11.14 -28.65
CA ALA D 553 21.65 10.25 -28.29
C ALA D 553 21.79 9.12 -29.30
N TYR D 554 20.67 8.59 -29.77
CA TYR D 554 20.72 7.56 -30.81
C TYR D 554 21.37 8.09 -32.08
N ILE D 555 21.00 9.31 -32.48
CA ILE D 555 21.69 9.96 -33.58
C ILE D 555 23.14 10.22 -33.22
N GLY D 556 23.40 10.70 -32.01
CA GLY D 556 24.75 11.05 -31.63
C GLY D 556 25.68 9.85 -31.60
N VAL D 557 25.19 8.72 -31.10
CA VAL D 557 26.03 7.53 -31.01
C VAL D 557 26.31 6.97 -32.39
N SER D 558 25.28 6.91 -33.24
CA SER D 558 25.45 6.33 -34.57
C SER D 558 26.41 7.16 -35.41
N VAL D 559 26.32 8.49 -35.27
CA VAL D 559 27.27 9.36 -35.97
C VAL D 559 28.68 9.12 -35.46
N VAL D 560 28.86 9.10 -34.14
CA VAL D 560 30.19 8.97 -33.57
C VAL D 560 30.81 7.63 -33.92
N LEU D 561 29.99 6.59 -34.11
CA LEU D 561 30.51 5.30 -34.53
C LEU D 561 30.96 5.34 -35.97
N PHE D 562 30.28 6.13 -36.80
CA PHE D 562 30.67 6.27 -38.21
C PHE D 562 32.00 6.99 -38.34
N LEU D 563 32.14 8.12 -37.65
CA LEU D 563 33.37 8.91 -37.75
C LEU D 563 34.56 8.11 -37.24
N VAL D 564 34.39 7.42 -36.12
CA VAL D 564 35.47 6.61 -35.56
C VAL D 564 35.87 5.49 -36.51
N SER D 565 34.88 4.82 -37.11
CA SER D 565 35.16 3.66 -37.94
C SER D 565 35.72 4.03 -39.30
N ARG D 566 35.47 5.24 -39.79
CA ARG D 566 35.99 5.68 -41.08
C ARG D 566 37.35 6.35 -40.95
N PHE D 567 37.46 7.33 -40.04
CA PHE D 567 38.73 8.01 -39.85
C PHE D 567 39.79 7.07 -39.32
N SER D 568 39.41 6.16 -38.43
CA SER D 568 40.33 5.23 -37.78
C SER D 568 39.79 3.81 -37.94
N PRO D 569 39.82 3.27 -39.16
CA PRO D 569 39.27 1.94 -39.40
C PRO D 569 40.16 0.83 -38.84
N TYR D 570 39.75 -0.41 -39.04
CA TYR D 570 40.55 -1.55 -38.63
C TYR D 570 41.77 -1.72 -39.54
N GLU D 591 31.61 -3.29 -41.53
CA GLU D 591 31.95 -2.10 -42.31
C GLU D 591 31.70 -0.83 -41.51
N PHE D 592 30.55 -0.78 -40.86
CA PHE D 592 30.16 0.34 -39.99
C PHE D 592 30.12 1.66 -40.76
N GLY D 593 29.24 1.70 -41.76
CA GLY D 593 28.85 2.95 -42.36
C GLY D 593 27.81 3.65 -41.51
N ILE D 594 27.22 4.69 -42.08
CA ILE D 594 26.17 5.41 -41.37
C ILE D 594 24.92 4.54 -41.29
N PHE D 595 24.61 3.80 -42.34
CA PHE D 595 23.37 3.03 -42.38
C PHE D 595 23.46 1.82 -41.46
N ASN D 596 24.64 1.21 -41.36
CA ASN D 596 24.82 0.09 -40.46
C ASN D 596 24.98 0.54 -39.01
N SER D 597 25.49 1.75 -38.79
CA SER D 597 25.66 2.25 -37.43
C SER D 597 24.31 2.57 -36.80
N LEU D 598 23.38 3.11 -37.60
CA LEU D 598 22.04 3.35 -37.10
C LEU D 598 21.33 2.04 -36.79
N TRP D 599 21.70 0.96 -37.47
CA TRP D 599 21.13 -0.35 -37.19
C TRP D 599 21.69 -0.93 -35.89
N PHE D 600 23.00 -0.78 -35.69
CA PHE D 600 23.63 -1.31 -34.49
C PHE D 600 23.08 -0.66 -33.24
N SER D 601 22.95 0.67 -33.26
CA SER D 601 22.44 1.39 -32.10
C SER D 601 21.00 1.02 -31.82
N LEU D 602 20.18 0.90 -32.86
CA LEU D 602 18.78 0.53 -32.67
C LEU D 602 18.66 -0.87 -32.10
N GLY D 603 19.43 -1.82 -32.63
CA GLY D 603 19.40 -3.17 -32.11
C GLY D 603 19.95 -3.29 -30.71
N ALA D 604 20.80 -2.36 -30.30
CA ALA D 604 21.26 -2.31 -28.93
C ALA D 604 20.21 -1.74 -27.99
N PHE D 605 19.39 -0.81 -28.48
CA PHE D 605 18.36 -0.23 -27.63
C PHE D 605 17.26 -1.23 -27.31
N MET D 606 17.05 -2.20 -28.19
CA MET D 606 15.97 -3.16 -28.05
C MET D 606 16.45 -4.50 -27.52
N ARG D 607 17.67 -4.57 -27.00
CA ARG D 607 18.28 -5.78 -26.45
C ARG D 607 18.38 -6.91 -27.47
N GLN D 608 18.31 -6.59 -28.76
CA GLN D 608 18.37 -7.58 -29.82
C GLN D 608 19.81 -7.78 -30.28
N GLY D 609 20.01 -8.87 -31.01
CA GLY D 609 21.34 -9.25 -31.41
C GLY D 609 21.88 -8.44 -32.56
N CYS D 610 22.92 -7.66 -32.29
CA CYS D 610 23.59 -6.93 -33.34
C CYS D 610 24.21 -7.89 -34.34
N ASP D 611 23.99 -7.63 -35.63
CA ASP D 611 24.59 -8.46 -36.67
C ASP D 611 26.12 -8.36 -36.65
N ILE D 612 26.64 -7.20 -36.29
CA ILE D 612 28.06 -6.93 -36.24
C ILE D 612 28.39 -6.31 -34.90
N SER D 613 29.67 -6.31 -34.56
CA SER D 613 30.19 -5.70 -33.35
C SER D 613 31.42 -4.89 -33.68
N PRO D 614 31.69 -3.80 -32.97
CA PRO D 614 32.95 -3.09 -33.19
C PRO D 614 34.14 -3.96 -32.85
N ARG D 615 35.22 -3.78 -33.61
CA ARG D 615 36.45 -4.51 -33.44
C ARG D 615 37.60 -3.61 -32.97
N SER D 616 37.40 -2.30 -32.98
CA SER D 616 38.37 -1.34 -32.46
C SER D 616 38.03 -0.95 -31.02
N LEU D 617 39.03 -0.41 -30.33
CA LEU D 617 38.81 0.08 -28.97
C LEU D 617 37.87 1.26 -28.96
N SER D 618 38.01 2.18 -29.91
CA SER D 618 37.19 3.37 -29.90
C SER D 618 35.75 3.05 -30.26
N GLY D 619 35.54 2.07 -31.15
CA GLY D 619 34.19 1.64 -31.45
C GLY D 619 33.57 0.85 -30.32
N ARG D 620 34.39 0.16 -29.53
CA ARG D 620 33.89 -0.63 -28.42
C ARG D 620 33.53 0.22 -27.22
N ILE D 621 34.25 1.32 -27.00
CA ILE D 621 33.90 2.24 -25.92
C ILE D 621 32.55 2.89 -26.20
N VAL D 622 32.25 3.15 -27.47
CA VAL D 622 30.96 3.74 -27.81
C VAL D 622 29.85 2.73 -27.58
N GLY D 623 30.09 1.46 -27.92
CA GLY D 623 29.06 0.46 -27.75
C GLY D 623 28.74 0.20 -26.29
N GLY D 624 29.75 0.17 -25.44
CA GLY D 624 29.53 -0.16 -24.04
C GLY D 624 28.66 0.88 -23.34
N VAL D 625 28.98 2.16 -23.52
CA VAL D 625 28.21 3.21 -22.87
C VAL D 625 26.79 3.26 -23.42
N TRP D 626 26.62 3.01 -24.71
CA TRP D 626 25.28 2.86 -25.26
C TRP D 626 24.57 1.66 -24.64
N TRP D 627 25.30 0.56 -24.48
CA TRP D 627 24.71 -0.63 -23.86
C TRP D 627 24.33 -0.37 -22.41
N PHE D 628 25.21 0.31 -21.67
CA PHE D 628 24.88 0.68 -20.29
C PHE D 628 23.69 1.62 -20.25
N PHE D 629 23.64 2.55 -21.20
CA PHE D 629 22.57 3.54 -21.22
C PHE D 629 21.21 2.88 -21.36
N THR D 630 21.12 1.88 -22.24
CA THR D 630 19.85 1.21 -22.49
C THR D 630 19.38 0.45 -21.27
N LEU D 631 20.30 -0.26 -20.61
CA LEU D 631 19.95 -1.12 -19.50
C LEU D 631 19.26 -0.34 -18.38
N ILE D 632 19.70 0.89 -18.16
CA ILE D 632 19.04 1.76 -17.18
C ILE D 632 17.67 2.18 -17.68
N ILE D 633 17.58 2.52 -18.97
CA ILE D 633 16.37 3.12 -19.50
C ILE D 633 15.25 2.09 -19.58
N ILE D 634 15.57 0.88 -20.06
CA ILE D 634 14.56 -0.16 -20.16
C ILE D 634 14.03 -0.53 -18.78
N SER D 635 14.93 -0.67 -17.80
CA SER D 635 14.50 -0.98 -16.45
C SER D 635 13.71 0.16 -15.85
N SER D 636 14.10 1.40 -16.15
CA SER D 636 13.37 2.55 -15.65
C SER D 636 11.95 2.58 -16.20
N TYR D 637 11.79 2.29 -17.49
CA TYR D 637 10.46 2.21 -18.08
C TYR D 637 9.66 1.10 -17.42
N THR D 638 10.25 -0.09 -17.31
CA THR D 638 9.54 -1.23 -16.75
C THR D 638 9.23 -1.02 -15.27
N ALA D 639 10.14 -0.36 -14.56
CA ALA D 639 9.95 -0.14 -13.13
C ALA D 639 8.84 0.86 -12.87
N ASN D 640 8.87 2.01 -13.54
CA ASN D 640 7.87 3.03 -13.29
C ASN D 640 6.50 2.61 -13.77
N LEU D 641 6.43 1.84 -14.86
CA LEU D 641 5.15 1.33 -15.32
C LEU D 641 4.51 0.44 -14.26
N ALA D 642 5.31 -0.36 -13.57
CA ALA D 642 4.78 -1.19 -12.50
C ALA D 642 4.19 -0.34 -11.39
N ALA D 643 4.73 0.85 -11.18
CA ALA D 643 4.11 1.80 -10.27
C ALA D 643 2.82 2.38 -10.86
N PHE D 644 2.82 2.66 -12.16
CA PHE D 644 1.64 3.23 -12.80
C PHE D 644 0.44 2.29 -12.69
N LEU D 645 0.69 0.98 -12.71
CA LEU D 645 -0.38 0.00 -12.65
C LEU D 645 -0.66 -0.47 -11.23
N THR D 646 0.36 -0.50 -10.37
CA THR D 646 0.17 -0.99 -9.02
C THR D 646 -0.61 0.00 -8.18
N VAL D 647 -0.36 1.29 -8.38
CA VAL D 647 -0.91 2.35 -7.54
C VAL D 647 -1.70 3.30 -8.42
N GLU D 648 -2.93 3.59 -8.00
CA GLU D 648 -3.77 4.60 -8.64
C GLU D 648 -3.63 5.90 -7.85
N ARG D 649 -3.21 6.96 -8.53
CA ARG D 649 -3.04 8.28 -7.93
C ARG D 649 -3.70 9.29 -8.84
N MET D 650 -4.92 9.70 -8.48
CA MET D 650 -5.72 10.61 -9.28
C MET D 650 -5.71 11.97 -8.60
N VAL D 651 -5.22 12.97 -9.32
CA VAL D 651 -5.11 14.34 -8.83
C VAL D 651 -6.16 15.19 -9.52
N SER D 652 -6.81 16.04 -8.74
CA SER D 652 -7.87 16.87 -9.27
C SER D 652 -7.29 17.86 -10.29
N PRO D 653 -8.06 18.25 -11.32
CA PRO D 653 -7.55 19.28 -12.25
C PRO D 653 -7.30 20.60 -11.57
N ILE D 654 -8.06 20.91 -10.52
CA ILE D 654 -8.01 22.20 -9.84
C ILE D 654 -7.94 21.98 -8.34
N GLU D 655 -7.44 23.00 -7.64
CA GLU D 655 -7.38 23.00 -6.18
C GLU D 655 -7.78 24.35 -5.59
N SER D 656 -8.34 25.25 -6.39
CA SER D 656 -8.62 26.61 -5.97
C SER D 656 -9.53 27.23 -7.02
N ALA D 657 -9.73 28.55 -6.93
CA ALA D 657 -10.49 29.31 -7.91
C ALA D 657 -9.61 30.02 -8.92
N GLU D 658 -8.36 30.32 -8.57
CA GLU D 658 -7.42 30.85 -9.55
C GLU D 658 -7.26 29.86 -10.69
N ASP D 659 -7.07 28.58 -10.37
CA ASP D 659 -6.95 27.55 -11.39
C ASP D 659 -8.24 27.35 -12.17
N LEU D 660 -9.38 27.79 -11.63
CA LEU D 660 -10.66 27.60 -12.30
C LEU D 660 -10.99 28.74 -13.27
N SER D 661 -10.43 29.94 -13.05
CA SER D 661 -10.68 31.07 -13.93
C SER D 661 -9.69 31.15 -15.08
N LYS D 662 -8.42 30.82 -14.83
CA LYS D 662 -7.43 30.84 -15.89
C LYS D 662 -7.81 29.90 -17.03
N GLN D 663 -8.13 28.65 -16.69
CA GLN D 663 -8.47 27.66 -17.69
C GLN D 663 -9.84 27.97 -18.30
N THR D 664 -10.15 27.27 -19.40
CA THR D 664 -11.42 27.42 -20.10
C THR D 664 -12.08 26.10 -20.47
N GLU D 665 -11.42 24.96 -20.27
CA GLU D 665 -12.02 23.68 -20.61
C GLU D 665 -13.22 23.37 -19.72
N ILE D 666 -13.10 23.64 -18.42
CA ILE D 666 -14.12 23.34 -17.44
C ILE D 666 -15.03 24.53 -17.27
N ALA D 667 -16.32 24.28 -17.13
CA ALA D 667 -17.34 25.31 -16.97
C ALA D 667 -17.76 25.42 -15.51
N TYR D 668 -18.50 26.49 -15.20
CA TYR D 668 -18.97 26.69 -13.84
C TYR D 668 -20.17 27.63 -13.84
N GLY D 669 -21.11 27.36 -12.94
CA GLY D 669 -22.37 28.08 -12.89
C GLY D 669 -22.94 28.15 -11.48
N THR D 670 -23.91 29.04 -11.32
CA THR D 670 -24.64 29.21 -10.06
C THR D 670 -26.14 29.21 -10.33
N LEU D 671 -26.91 29.27 -9.25
CA LEU D 671 -28.35 29.40 -9.38
C LEU D 671 -28.72 30.72 -10.05
N ASP D 672 -29.81 30.69 -10.80
CA ASP D 672 -30.23 31.88 -11.52
C ASP D 672 -30.67 33.00 -10.58
N SER D 673 -31.21 32.64 -9.41
CA SER D 673 -31.69 33.61 -8.41
C SER D 673 -31.11 33.20 -7.06
N GLY D 674 -30.08 33.92 -6.63
CA GLY D 674 -29.48 33.67 -5.33
C GLY D 674 -28.37 34.66 -5.07
N SER D 675 -27.91 34.65 -3.82
CA SER D 675 -26.85 35.57 -3.41
C SER D 675 -25.55 35.28 -4.14
N THR D 676 -25.32 34.02 -4.51
CA THR D 676 -24.06 33.64 -5.13
C THR D 676 -23.86 34.37 -6.45
N LYS D 677 -24.90 34.47 -7.28
CA LYS D 677 -24.81 35.27 -8.47
C LYS D 677 -24.58 36.74 -8.13
N GLU D 678 -25.27 37.23 -7.09
CA GLU D 678 -25.10 38.61 -6.69
C GLU D 678 -23.68 38.87 -6.21
N PHE D 679 -23.09 37.92 -5.48
CA PHE D 679 -21.76 38.13 -4.92
C PHE D 679 -20.73 38.33 -6.02
N PHE D 680 -20.83 37.56 -7.10
CA PHE D 680 -19.92 37.75 -8.22
C PHE D 680 -20.23 39.03 -8.98
N ARG D 681 -21.50 39.45 -8.98
CA ARG D 681 -21.88 40.66 -9.69
C ARG D 681 -21.24 41.89 -9.06
N ARG D 682 -21.40 42.07 -7.75
CA ARG D 682 -20.90 43.25 -7.07
C ARG D 682 -19.42 43.15 -6.72
N SER D 683 -18.79 42.00 -6.89
CA SER D 683 -17.39 41.84 -6.52
C SER D 683 -16.51 42.69 -7.41
N LYS D 684 -15.49 43.28 -6.80
CA LYS D 684 -14.49 44.08 -7.49
C LYS D 684 -13.12 43.45 -7.48
N ILE D 685 -12.95 42.27 -6.86
CA ILE D 685 -11.68 41.57 -6.93
C ILE D 685 -11.50 41.05 -8.35
N ALA D 686 -10.24 41.05 -8.80
CA ALA D 686 -9.96 40.73 -10.20
C ALA D 686 -10.40 39.33 -10.57
N VAL D 687 -10.20 38.36 -9.67
CA VAL D 687 -10.46 36.98 -10.02
C VAL D 687 -11.97 36.73 -10.15
N PHE D 688 -12.75 37.29 -9.23
CA PHE D 688 -14.19 37.04 -9.25
C PHE D 688 -14.89 37.92 -10.28
N ASP D 689 -14.31 39.08 -10.60
CA ASP D 689 -14.79 39.84 -11.75
C ASP D 689 -14.54 39.07 -13.04
N LYS D 690 -13.40 38.38 -13.12
CA LYS D 690 -13.10 37.57 -14.29
C LYS D 690 -14.12 36.45 -14.47
N MET D 691 -14.55 35.83 -13.36
CA MET D 691 -15.57 34.79 -13.46
C MET D 691 -16.86 35.34 -14.03
N TRP D 692 -17.29 36.52 -13.56
CA TRP D 692 -18.59 37.05 -13.94
C TRP D 692 -18.68 37.33 -15.43
N THR D 693 -17.54 37.65 -16.06
CA THR D 693 -17.53 37.76 -17.52
C THR D 693 -17.91 36.44 -18.16
N TYR D 694 -17.31 35.34 -17.69
CA TYR D 694 -17.64 34.02 -18.20
C TYR D 694 -19.10 33.68 -17.95
N MET D 695 -19.60 33.97 -16.74
CA MET D 695 -20.89 33.43 -16.33
C MET D 695 -22.02 34.00 -17.19
N ARG D 696 -22.00 35.30 -17.45
CA ARG D 696 -23.03 35.90 -18.29
C ARG D 696 -22.82 35.53 -19.76
N SER D 697 -21.57 35.49 -20.20
CA SER D 697 -21.23 35.10 -21.57
C SER D 697 -21.16 33.57 -21.69
N ALA D 698 -22.29 32.94 -21.42
CA ALA D 698 -22.41 31.50 -21.33
C ALA D 698 -23.13 30.96 -22.55
N GLU D 699 -22.52 29.98 -23.22
CA GLU D 699 -23.04 29.39 -24.44
C GLU D 699 -22.75 27.90 -24.43
N PRO D 700 -23.69 27.08 -23.92
CA PRO D 700 -25.01 27.33 -23.32
C PRO D 700 -24.92 27.96 -21.94
N SER D 701 -26.08 28.23 -21.34
CA SER D 701 -26.11 28.90 -20.05
C SER D 701 -25.46 28.05 -18.97
N VAL D 702 -24.56 28.66 -18.20
CA VAL D 702 -23.97 27.98 -17.05
C VAL D 702 -24.97 27.88 -15.91
N PHE D 703 -25.90 28.83 -15.83
CA PHE D 703 -26.77 28.91 -14.66
C PHE D 703 -27.83 27.82 -14.70
N VAL D 704 -28.49 27.65 -13.56
CA VAL D 704 -29.54 26.66 -13.38
C VAL D 704 -30.64 27.27 -12.53
N ARG D 705 -31.76 26.57 -12.45
CA ARG D 705 -32.92 27.03 -11.69
C ARG D 705 -32.93 26.51 -10.26
N THR D 706 -32.25 25.40 -9.99
CA THR D 706 -32.21 24.83 -8.65
C THR D 706 -30.94 24.01 -8.49
N THR D 707 -30.58 23.76 -7.22
CA THR D 707 -29.32 23.09 -6.93
C THR D 707 -29.27 21.68 -7.50
N ALA D 708 -30.42 21.03 -7.64
CA ALA D 708 -30.45 19.68 -8.19
C ALA D 708 -29.97 19.67 -9.63
N GLU D 709 -30.30 20.71 -10.39
CA GLU D 709 -29.81 20.81 -11.76
C GLU D 709 -28.30 20.92 -11.79
N GLY D 710 -27.72 21.74 -10.91
CA GLY D 710 -26.28 21.86 -10.86
C GLY D 710 -25.59 20.60 -10.42
N VAL D 711 -26.21 19.84 -9.51
CA VAL D 711 -25.65 18.57 -9.09
C VAL D 711 -25.58 17.61 -10.26
N ALA D 712 -26.69 17.50 -11.00
CA ALA D 712 -26.73 16.57 -12.13
C ALA D 712 -25.76 17.00 -13.23
N ARG D 713 -25.68 18.29 -13.51
CA ARG D 713 -24.78 18.78 -14.57
C ARG D 713 -23.33 18.45 -14.24
N VAL D 714 -22.97 18.50 -12.96
CA VAL D 714 -21.65 18.06 -12.53
C VAL D 714 -21.54 16.55 -12.65
N ARG D 715 -22.61 15.83 -12.28
CA ARG D 715 -22.59 14.38 -12.30
C ARG D 715 -22.66 13.80 -13.71
N LYS D 716 -22.91 14.64 -14.73
CA LYS D 716 -23.04 14.20 -16.11
C LYS D 716 -21.99 14.79 -17.04
N SER D 717 -21.42 15.94 -16.71
CA SER D 717 -20.43 16.57 -17.59
C SER D 717 -19.08 15.87 -17.57
N LYS D 718 -18.88 14.90 -16.67
CA LYS D 718 -17.66 14.10 -16.64
C LYS D 718 -16.44 14.97 -16.38
N GLY D 719 -16.57 15.87 -15.41
CA GLY D 719 -15.46 16.72 -15.01
C GLY D 719 -15.30 18.00 -15.78
N LYS D 720 -16.29 18.38 -16.60
CA LYS D 720 -16.25 19.62 -17.36
C LYS D 720 -17.13 20.71 -16.77
N TYR D 721 -17.73 20.49 -15.59
CA TYR D 721 -18.58 21.46 -14.92
C TYR D 721 -18.19 21.52 -13.46
N ALA D 722 -18.20 22.74 -12.90
CA ALA D 722 -17.80 22.99 -11.52
C ALA D 722 -18.84 23.90 -10.89
N TYR D 723 -19.68 23.35 -10.02
CA TYR D 723 -20.81 24.08 -9.45
C TYR D 723 -20.36 24.83 -8.20
N LEU D 724 -20.65 26.12 -8.16
CA LEU D 724 -20.29 27.00 -7.05
C LEU D 724 -21.49 27.16 -6.14
N LEU D 725 -21.34 26.75 -4.88
CA LEU D 725 -22.43 26.79 -3.93
C LEU D 725 -21.85 27.01 -2.54
N GLU D 726 -22.67 26.81 -1.51
CA GLU D 726 -22.25 26.97 -0.14
C GLU D 726 -21.51 25.73 0.36
N SER D 727 -20.66 25.93 1.36
CA SER D 727 -19.76 24.87 1.81
C SER D 727 -20.47 23.75 2.55
N THR D 728 -21.75 23.90 2.88
CA THR D 728 -22.46 22.92 3.70
C THR D 728 -23.21 21.90 2.88
N MET D 729 -23.95 22.35 1.86
CA MET D 729 -24.55 21.40 0.93
C MET D 729 -23.50 20.54 0.26
N ASN D 730 -22.38 21.15 -0.12
CA ASN D 730 -21.28 20.41 -0.74
C ASN D 730 -20.72 19.37 0.22
N GLU D 731 -20.58 19.72 1.50
CA GLU D 731 -20.10 18.76 2.48
C GLU D 731 -21.12 17.65 2.72
N TYR D 732 -22.41 18.02 2.76
CA TYR D 732 -23.45 17.01 2.94
C TYR D 732 -23.55 16.11 1.72
N ILE D 733 -23.60 16.72 0.54
CA ILE D 733 -23.72 15.95 -0.71
C ILE D 733 -22.51 15.04 -0.88
N GLU D 734 -21.33 15.51 -0.47
CA GLU D 734 -20.12 14.70 -0.59
C GLU D 734 -20.22 13.42 0.24
N GLN D 735 -21.05 13.41 1.29
CA GLN D 735 -21.20 12.28 2.18
C GLN D 735 -22.48 11.49 1.93
N ARG D 736 -23.23 11.80 0.87
CA ARG D 736 -24.42 11.06 0.48
C ARG D 736 -24.13 10.24 -0.77
N LYS D 737 -24.96 9.22 -0.98
CA LYS D 737 -24.87 8.41 -2.19
C LYS D 737 -25.27 9.24 -3.39
N PRO D 738 -24.76 8.92 -4.59
CA PRO D 738 -23.84 7.83 -4.97
C PRO D 738 -22.39 8.05 -4.58
N CYS D 739 -22.10 9.13 -3.84
CA CYS D 739 -20.73 9.47 -3.46
C CYS D 739 -19.86 9.68 -4.69
N ASP D 740 -20.27 10.66 -5.50
CA ASP D 740 -19.67 10.93 -6.80
C ASP D 740 -18.92 12.25 -6.88
N THR D 741 -19.09 13.14 -5.89
CA THR D 741 -18.55 14.49 -5.94
C THR D 741 -17.66 14.75 -4.73
N MET D 742 -16.96 15.89 -4.77
CA MET D 742 -16.22 16.36 -3.62
C MET D 742 -16.23 17.88 -3.58
N LYS D 743 -15.94 18.41 -2.40
CA LYS D 743 -15.68 19.82 -2.19
C LYS D 743 -14.18 20.05 -2.34
N VAL D 744 -13.81 20.94 -3.26
CA VAL D 744 -12.41 21.22 -3.57
C VAL D 744 -12.12 22.67 -3.24
N GLY D 745 -10.90 22.92 -2.80
CA GLY D 745 -10.44 24.27 -2.54
C GLY D 745 -10.94 24.81 -1.22
N GLY D 746 -10.55 26.04 -0.95
CA GLY D 746 -11.00 26.76 0.22
C GLY D 746 -12.35 27.40 -0.03
N ASN D 747 -12.62 28.45 0.73
CA ASN D 747 -13.89 29.17 0.66
C ASN D 747 -13.62 30.59 0.16
N LEU D 748 -14.44 31.02 -0.80
CA LEU D 748 -14.22 32.29 -1.46
C LEU D 748 -14.67 33.46 -0.60
N ASP D 749 -15.73 33.27 0.16
CA ASP D 749 -16.32 34.29 1.02
C ASP D 749 -16.45 33.73 2.43
N SER D 750 -16.54 34.63 3.39
CA SER D 750 -16.78 34.29 4.78
C SER D 750 -18.14 34.83 5.19
N LYS D 751 -19.01 33.95 5.67
CA LYS D 751 -20.30 34.34 6.20
C LYS D 751 -20.72 33.29 7.20
N GLY D 752 -21.86 33.50 7.86
CA GLY D 752 -22.30 32.60 8.89
C GLY D 752 -23.81 32.60 9.02
N TYR D 753 -24.32 31.52 9.62
CA TYR D 753 -25.71 31.40 9.98
C TYR D 753 -25.88 31.84 11.44
N GLY D 754 -26.98 32.53 11.72
CA GLY D 754 -27.22 33.04 13.05
C GLY D 754 -28.66 32.93 13.50
N ILE D 755 -28.85 32.52 14.75
CA ILE D 755 -30.19 32.52 15.34
C ILE D 755 -30.71 33.95 15.42
N ALA D 756 -32.00 34.10 15.16
CA ALA D 756 -32.66 35.40 15.07
C ALA D 756 -33.74 35.53 16.12
N THR D 757 -33.91 36.74 16.62
CA THR D 757 -35.01 37.10 17.50
C THR D 757 -35.51 38.47 17.07
N PRO D 758 -36.76 38.82 17.39
CA PRO D 758 -37.26 40.15 17.01
C PRO D 758 -36.57 41.25 17.79
N LYS D 759 -36.72 42.47 17.28
CA LYS D 759 -36.20 43.64 17.97
C LYS D 759 -36.90 43.81 19.30
N GLY D 760 -36.14 43.73 20.39
CA GLY D 760 -36.70 43.87 21.71
C GLY D 760 -37.28 42.57 22.24
N SER D 761 -36.46 41.53 22.31
CA SER D 761 -36.83 40.23 22.84
C SER D 761 -35.96 39.91 24.05
N SER D 762 -36.59 39.45 25.13
CA SER D 762 -35.83 39.00 26.29
C SER D 762 -35.00 37.76 25.99
N LEU D 763 -35.35 37.01 24.94
CA LEU D 763 -34.58 35.84 24.53
C LEU D 763 -33.25 36.21 23.88
N GLY D 764 -33.04 37.48 23.53
CA GLY D 764 -31.90 37.83 22.68
C GLY D 764 -30.56 37.52 23.32
N THR D 765 -30.40 37.86 24.58
CA THR D 765 -29.12 37.67 25.25
C THR D 765 -28.86 36.23 25.68
N PRO D 766 -29.84 35.42 26.12
CA PRO D 766 -29.53 34.00 26.36
C PRO D 766 -29.00 33.27 25.14
N VAL D 767 -29.71 33.35 24.01
CA VAL D 767 -29.29 32.64 22.81
C VAL D 767 -27.92 33.15 22.35
N ASN D 768 -27.70 34.45 22.47
CA ASN D 768 -26.37 35.00 22.21
C ASN D 768 -25.33 34.42 23.16
N LEU D 769 -25.74 34.08 24.38
CA LEU D 769 -24.84 33.49 25.37
C LEU D 769 -24.87 31.97 25.37
N ALA D 770 -25.84 31.36 24.70
CA ALA D 770 -25.95 29.91 24.66
C ALA D 770 -25.15 29.28 23.53
N VAL D 771 -25.22 29.86 22.33
CA VAL D 771 -24.51 29.31 21.18
C VAL D 771 -23.01 29.32 21.44
N LEU D 772 -22.51 30.37 22.10
CA LEU D 772 -21.11 30.36 22.50
C LEU D 772 -20.84 29.22 23.47
N LYS D 773 -21.70 29.07 24.48
CA LYS D 773 -21.52 28.03 25.48
C LYS D 773 -21.49 26.65 24.81
N LEU D 774 -22.33 26.44 23.80
CA LEU D 774 -22.23 25.22 23.02
C LEU D 774 -20.93 25.19 22.22
N SER D 775 -20.53 26.34 21.69
CA SER D 775 -19.38 26.39 20.80
C SER D 775 -18.09 26.05 21.52
N GLU D 776 -17.83 26.68 22.67
CA GLU D 776 -16.61 26.33 23.41
C GLU D 776 -16.67 24.88 23.88
N GLN D 777 -17.81 24.44 24.43
CA GLN D 777 -17.92 23.07 24.91
C GLN D 777 -17.74 22.05 23.79
N GLY D 778 -17.98 22.44 22.55
CA GLY D 778 -17.81 21.55 21.42
C GLY D 778 -19.05 20.79 21.01
N VAL D 779 -20.23 21.21 21.47
CA VAL D 779 -21.46 20.52 21.11
C VAL D 779 -21.72 20.64 19.61
N LEU D 780 -21.58 21.86 19.07
CA LEU D 780 -21.89 22.10 17.67
C LEU D 780 -21.01 21.27 16.75
N ASP D 781 -19.75 21.04 17.15
CA ASP D 781 -18.90 20.16 16.37
C ASP D 781 -19.44 18.73 16.34
N LYS D 782 -19.94 18.24 17.49
CA LYS D 782 -20.46 16.89 17.55
C LYS D 782 -21.69 16.72 16.68
N LEU D 783 -22.59 17.71 16.68
CA LEU D 783 -23.74 17.66 15.79
C LEU D 783 -23.31 17.75 14.33
N LYS D 784 -22.29 18.56 14.06
CA LYS D 784 -21.76 18.67 12.71
C LYS D 784 -21.28 17.32 12.22
N ASN D 785 -20.54 16.60 13.07
CA ASN D 785 -20.11 15.25 12.72
C ASN D 785 -21.29 14.31 12.63
N LYS D 786 -22.31 14.50 13.47
CA LYS D 786 -23.43 13.57 13.53
C LYS D 786 -24.22 13.57 12.22
N TRP D 787 -24.51 14.74 11.68
CA TRP D 787 -25.42 14.86 10.55
C TRP D 787 -24.72 14.91 9.20
N TRP D 788 -23.39 15.04 9.16
CA TRP D 788 -22.64 15.07 7.91
C TRP D 788 -21.71 13.87 7.77
N TYR D 789 -20.82 13.65 8.72
CA TYR D 789 -19.77 12.63 8.59
C TYR D 789 -20.22 11.30 9.17
N ASP D 790 -20.54 11.26 10.47
CA ASP D 790 -21.23 10.11 11.02
C ASP D 790 -22.60 10.03 10.37
N LYS D 791 -23.13 8.80 10.31
CA LYS D 791 -24.30 8.52 9.47
C LYS D 791 -23.97 8.85 8.01
N GLY D 792 -22.74 8.56 7.62
CA GLY D 792 -22.22 8.91 6.30
C GLY D 792 -22.13 7.67 5.42
N GLU D 793 -22.74 7.76 4.24
CA GLU D 793 -22.86 6.63 3.34
C GLU D 793 -21.55 6.31 2.60
N CYS D 794 -20.63 7.26 2.52
CA CYS D 794 -19.43 7.11 1.70
C CYS D 794 -18.22 6.62 2.50
N GLY D 795 -18.39 6.27 3.77
CA GLY D 795 -17.30 5.76 4.56
C GLY D 795 -16.42 6.80 5.22
N ALA D 796 -16.55 8.07 4.82
CA ALA D 796 -15.86 9.22 5.39
C ALA D 796 -14.36 9.25 5.12
N LYS D 797 -13.82 8.29 4.36
CA LYS D 797 -12.39 8.27 4.09
C LYS D 797 -12.15 7.31 2.92
N ASP D 798 -10.97 7.46 2.31
CA ASP D 798 -10.57 6.59 1.22
C ASP D 798 -10.23 5.18 1.69
N SER D 799 -10.12 4.95 3.01
CA SER D 799 -9.79 3.62 3.51
C SER D 799 -10.89 2.62 3.18
N GLY D 800 -12.14 3.08 3.03
CA GLY D 800 -13.20 2.18 2.61
C GLY D 800 -12.92 1.53 1.27
N SER D 801 -12.39 2.31 0.32
CA SER D 801 -11.95 1.77 -0.94
C SER D 801 -10.63 1.02 -0.78
N LYS D 802 -10.37 0.11 -1.72
CA LYS D 802 -9.16 -0.71 -1.70
C LYS D 802 -8.58 -0.75 -3.10
N GLU D 803 -7.27 -0.99 -3.18
CA GLU D 803 -6.60 -1.08 -4.46
C GLU D 803 -7.05 -2.33 -5.21
N LYS D 804 -7.02 -2.23 -6.54
CA LYS D 804 -7.37 -3.37 -7.39
C LYS D 804 -6.67 -3.20 -8.73
N THR D 805 -6.52 -4.32 -9.43
CA THR D 805 -5.80 -4.39 -10.68
C THR D 805 -6.76 -4.81 -11.80
N SER D 806 -6.32 -4.55 -13.03
CA SER D 806 -7.05 -4.96 -14.22
C SER D 806 -6.05 -5.42 -15.27
N ALA D 807 -6.37 -6.52 -15.93
CA ALA D 807 -5.54 -6.96 -17.05
C ALA D 807 -5.54 -5.89 -18.13
N LEU D 808 -4.36 -5.65 -18.70
CA LEU D 808 -4.24 -4.67 -19.76
C LEU D 808 -5.10 -5.05 -20.95
N SER D 809 -5.80 -4.06 -21.49
CA SER D 809 -6.68 -4.23 -22.62
C SER D 809 -6.05 -3.61 -23.87
N LEU D 810 -6.64 -3.93 -25.01
CA LEU D 810 -6.11 -3.45 -26.28
C LEU D 810 -6.10 -1.92 -26.33
N SER D 811 -7.03 -1.27 -25.65
CA SER D 811 -7.05 0.19 -25.60
C SER D 811 -5.80 0.73 -24.93
N ASN D 812 -5.22 -0.02 -23.99
CA ASN D 812 -4.02 0.45 -23.30
C ASN D 812 -2.84 0.54 -24.25
N VAL D 813 -2.70 -0.43 -25.15
CA VAL D 813 -1.52 -0.59 -25.99
C VAL D 813 -1.91 -0.62 -27.46
N ALA D 814 -2.97 0.09 -27.82
CA ALA D 814 -3.33 0.19 -29.23
C ALA D 814 -2.42 1.13 -29.99
N GLY D 815 -1.73 2.04 -29.30
CA GLY D 815 -0.87 2.98 -29.99
C GLY D 815 0.31 2.30 -30.65
N VAL D 816 0.78 1.19 -30.08
CA VAL D 816 1.95 0.51 -30.62
C VAL D 816 1.56 -0.52 -31.68
N PHE D 817 0.29 -0.91 -31.76
CA PHE D 817 -0.18 -1.64 -32.93
C PHE D 817 -0.31 -0.72 -34.13
N TYR D 818 -0.83 0.49 -33.91
CA TYR D 818 -0.92 1.46 -35.00
C TYR D 818 0.45 1.84 -35.51
N ILE D 819 1.41 2.04 -34.60
CA ILE D 819 2.78 2.34 -34.99
C ILE D 819 3.36 1.20 -35.81
N LEU D 820 3.08 -0.04 -35.39
CA LEU D 820 3.54 -1.20 -36.12
C LEU D 820 2.98 -1.21 -37.54
N VAL D 821 1.65 -1.26 -37.65
CA VAL D 821 1.00 -1.35 -38.96
C VAL D 821 1.32 -0.13 -39.80
N GLY D 822 1.57 1.01 -39.17
CA GLY D 822 2.02 2.17 -39.93
C GLY D 822 3.41 1.96 -40.50
N GLY D 823 4.29 1.32 -39.74
CA GLY D 823 5.63 1.06 -40.23
C GLY D 823 5.66 0.08 -41.39
N LEU D 824 4.79 -0.93 -41.35
CA LEU D 824 4.77 -1.91 -42.42
C LEU D 824 4.31 -1.29 -43.73
N GLY D 825 3.28 -0.45 -43.68
CA GLY D 825 2.87 0.26 -44.89
C GLY D 825 3.96 1.15 -45.43
N LEU D 826 4.73 1.75 -44.53
CA LEU D 826 5.89 2.53 -44.95
C LEU D 826 6.94 1.66 -45.62
N ALA D 827 7.18 0.47 -45.05
CA ALA D 827 8.22 -0.40 -45.58
C ALA D 827 7.91 -0.85 -47.00
N MET D 828 6.67 -1.27 -47.25
CA MET D 828 6.28 -1.62 -48.61
C MET D 828 6.36 -0.41 -49.52
N LEU D 829 5.95 0.76 -49.01
CA LEU D 829 6.01 1.98 -49.81
C LEU D 829 7.44 2.32 -50.19
N VAL D 830 8.37 2.20 -49.25
CA VAL D 830 9.76 2.51 -49.53
C VAL D 830 10.34 1.51 -50.53
N ALA D 831 9.92 0.26 -50.43
CA ALA D 831 10.47 -0.77 -51.31
C ALA D 831 10.12 -0.52 -52.76
N LEU D 832 8.87 -0.13 -53.03
CA LEU D 832 8.47 0.16 -54.41
C LEU D 832 9.25 1.35 -54.96
N ILE D 833 9.51 2.35 -54.12
CA ILE D 833 10.33 3.48 -54.53
C ILE D 833 11.72 3.00 -54.92
N GLU D 834 12.29 2.07 -54.15
CA GLU D 834 13.54 1.45 -54.54
C GLU D 834 13.38 0.65 -55.83
N PHE D 835 12.24 -0.03 -55.97
CA PHE D 835 11.98 -0.84 -57.16
C PHE D 835 11.94 0.03 -58.41
N CYS D 836 11.13 1.08 -58.39
CA CYS D 836 11.02 1.96 -59.55
C CYS D 836 12.33 2.67 -59.84
N TYR D 837 13.01 3.13 -58.78
CA TYR D 837 14.33 3.72 -58.94
C TYR D 837 15.30 2.71 -59.53
N LYS D 838 15.33 1.49 -58.98
CA LYS D 838 16.25 0.48 -59.48
C LYS D 838 15.93 0.10 -60.92
N SER D 839 14.67 0.16 -61.31
CA SER D 839 14.30 -0.12 -62.69
C SER D 839 14.86 0.93 -63.63
N ARG D 840 14.84 2.20 -63.22
CA ARG D 840 15.34 3.29 -64.04
C ARG D 840 16.87 3.26 -64.11
N ASN E 414 -18.27 67.34 19.21
CA ASN E 414 -17.52 66.17 18.75
C ASN E 414 -16.46 65.79 19.77
N ARG E 415 -16.59 64.58 20.32
CA ARG E 415 -15.65 64.04 21.30
C ARG E 415 -14.90 62.86 20.67
N THR E 416 -13.59 62.93 20.70
CA THR E 416 -12.78 61.85 20.14
C THR E 416 -12.91 60.60 21.00
N TYR E 417 -12.85 59.45 20.33
CA TYR E 417 -13.09 58.15 20.95
C TYR E 417 -11.81 57.33 20.94
N ILE E 418 -11.59 56.60 22.03
CA ILE E 418 -10.39 55.80 22.20
C ILE E 418 -10.60 54.45 21.53
N VAL E 419 -9.50 53.83 21.11
CA VAL E 419 -9.53 52.65 20.25
C VAL E 419 -8.83 51.46 20.91
N THR E 420 -7.65 51.68 21.48
CA THR E 420 -6.95 50.66 22.26
C THR E 420 -6.65 49.41 21.43
N THR E 421 -5.77 49.58 20.46
CA THR E 421 -5.33 48.46 19.64
C THR E 421 -4.32 47.62 20.42
N ILE E 422 -3.64 46.71 19.73
CA ILE E 422 -2.51 45.97 20.28
C ILE E 422 -1.55 45.70 19.14
N LEU E 423 -0.26 45.63 19.46
CA LEU E 423 0.81 45.64 18.48
C LEU E 423 1.08 44.27 17.85
N GLU E 424 0.15 43.33 17.94
CA GLU E 424 0.35 42.03 17.32
C GLU E 424 0.36 42.17 15.80
N ASP E 425 1.22 41.39 15.17
CA ASP E 425 1.53 41.48 13.74
C ASP E 425 0.56 40.62 12.94
N PRO E 426 0.02 41.09 11.80
CA PRO E 426 0.07 42.38 11.10
C PRO E 426 -1.10 43.31 11.40
N TYR E 427 -1.85 43.02 12.46
CA TYR E 427 -3.05 43.80 12.75
C TYR E 427 -2.69 45.25 13.05
N VAL E 428 -1.64 45.47 13.84
CA VAL E 428 -1.05 46.79 14.00
C VAL E 428 0.47 46.63 13.98
N MET E 429 1.13 47.47 13.21
CA MET E 429 2.59 47.50 13.11
C MET E 429 3.07 48.92 13.32
N LEU E 430 4.15 49.07 14.08
CA LEU E 430 4.87 50.32 14.11
C LEU E 430 5.58 50.52 12.77
N LYS E 431 5.47 51.72 12.21
CA LYS E 431 5.96 51.97 10.88
C LYS E 431 7.48 51.78 10.81
N LYS E 432 8.02 51.83 9.58
CA LYS E 432 9.44 51.59 9.39
C LYS E 432 10.28 52.61 10.14
N ASN E 433 9.88 53.87 10.12
CA ASN E 433 10.52 54.93 10.89
C ASN E 433 9.40 55.77 11.50
N ALA E 434 9.02 55.42 12.73
CA ALA E 434 7.89 56.05 13.41
C ALA E 434 8.27 57.26 14.25
N ASN E 435 9.56 57.52 14.45
CA ASN E 435 9.96 58.58 15.37
C ASN E 435 9.52 59.96 14.88
N GLN E 436 9.68 60.23 13.58
CA GLN E 436 9.25 61.52 13.04
C GLN E 436 7.73 61.60 12.93
N PHE E 437 7.06 60.47 12.70
CA PHE E 437 5.61 60.46 12.57
C PHE E 437 4.96 60.64 13.94
N GLU E 438 3.69 61.04 13.90
CA GLU E 438 2.92 61.27 15.12
C GLU E 438 1.46 60.94 14.86
N GLY E 439 0.70 60.80 15.94
CA GLY E 439 -0.71 60.51 15.83
C GLY E 439 -0.99 59.12 15.29
N ASN E 440 -2.21 58.97 14.77
CA ASN E 440 -2.63 57.68 14.20
C ASN E 440 -1.79 57.27 12.99
N ASP E 441 -1.13 58.23 12.35
CA ASP E 441 -0.22 57.90 11.24
C ASP E 441 1.05 57.21 11.71
N ARG E 442 1.29 57.16 13.03
CA ARG E 442 2.41 56.41 13.56
C ARG E 442 2.29 54.91 13.31
N TYR E 443 1.08 54.41 13.01
CA TYR E 443 0.80 52.99 12.93
C TYR E 443 0.23 52.62 11.56
N GLU E 444 0.28 51.33 11.26
CA GLU E 444 -0.37 50.77 10.08
C GLU E 444 -0.76 49.34 10.38
N GLY E 445 -1.70 48.83 9.61
CA GLY E 445 -2.11 47.44 9.74
C GLY E 445 -3.53 47.24 9.28
N TYR E 446 -3.95 45.97 9.31
CA TYR E 446 -5.31 45.60 8.96
C TYR E 446 -6.32 46.31 9.86
N CYS E 447 -6.06 46.28 11.17
CA CYS E 447 -6.98 46.89 12.12
C CYS E 447 -7.02 48.39 11.97
N VAL E 448 -5.93 49.02 11.55
CA VAL E 448 -5.91 50.47 11.41
C VAL E 448 -6.81 50.91 10.27
N GLU E 449 -6.68 50.24 9.12
CA GLU E 449 -7.55 50.56 8.00
C GLU E 449 -8.99 50.20 8.30
N LEU E 450 -9.21 49.11 9.04
CA LEU E 450 -10.56 48.78 9.47
C LEU E 450 -11.14 49.90 10.33
N ALA E 451 -10.35 50.45 11.24
CA ALA E 451 -10.83 51.53 12.09
C ALA E 451 -11.09 52.78 11.28
N ALA E 452 -10.27 53.04 10.25
CA ALA E 452 -10.52 54.16 9.37
C ALA E 452 -11.87 54.02 8.66
N GLU E 453 -12.12 52.83 8.11
CA GLU E 453 -13.40 52.58 7.44
C GLU E 453 -14.57 52.70 8.43
N ILE E 454 -14.38 52.18 9.64
CA ILE E 454 -15.43 52.24 10.66
C ILE E 454 -15.73 53.68 11.02
N ALA E 455 -14.69 54.49 11.22
CA ALA E 455 -14.90 55.89 11.55
C ALA E 455 -15.58 56.63 10.41
N LYS E 456 -15.21 56.30 9.17
CA LYS E 456 -15.86 56.91 8.01
C LYS E 456 -17.35 56.59 7.99
N HIS E 457 -17.70 55.32 8.22
CA HIS E 457 -19.10 54.93 8.14
C HIS E 457 -19.90 55.50 9.30
N VAL E 458 -19.39 55.36 10.52
CA VAL E 458 -20.13 55.81 11.70
C VAL E 458 -20.18 57.33 11.75
N GLY E 459 -19.03 57.98 11.51
CA GLY E 459 -18.96 59.42 11.49
C GLY E 459 -18.37 60.03 12.76
N TYR E 460 -17.29 59.45 13.27
CA TYR E 460 -16.55 59.99 14.40
C TYR E 460 -15.07 60.07 14.04
N SER E 461 -14.29 60.58 15.00
CA SER E 461 -12.85 60.74 14.86
C SER E 461 -12.17 60.02 16.01
N TYR E 462 -11.10 59.28 15.70
CA TYR E 462 -10.51 58.32 16.62
C TYR E 462 -9.05 58.66 16.90
N ARG E 463 -8.58 58.21 18.06
CA ARG E 463 -7.20 58.41 18.51
C ARG E 463 -6.68 57.07 19.02
N LEU E 464 -5.76 56.46 18.29
CA LEU E 464 -5.34 55.10 18.60
C LEU E 464 -4.51 55.05 19.87
N GLU E 465 -4.32 53.82 20.36
CA GLU E 465 -3.69 53.59 21.65
C GLU E 465 -3.32 52.12 21.74
N ILE E 466 -2.21 51.85 22.42
CA ILE E 466 -1.78 50.51 22.78
C ILE E 466 -2.04 50.31 24.27
N VAL E 467 -2.49 49.11 24.64
CA VAL E 467 -2.62 48.79 26.05
C VAL E 467 -1.24 48.77 26.69
N SER E 468 -1.13 49.41 27.85
CA SER E 468 0.14 49.38 28.58
C SER E 468 0.50 47.95 28.98
N ASP E 469 -0.49 47.15 29.36
CA ASP E 469 -0.23 45.79 29.79
C ASP E 469 0.31 44.96 28.63
N GLY E 470 -0.20 45.20 27.43
CA GLY E 470 0.27 44.46 26.27
C GLY E 470 -0.37 43.11 26.06
N LYS E 471 -1.64 42.96 26.47
CA LYS E 471 -2.34 41.69 26.38
C LYS E 471 -3.79 41.94 25.98
N TYR E 472 -4.46 40.85 25.61
CA TYR E 472 -5.82 40.94 25.06
C TYR E 472 -6.85 41.03 26.17
N GLY E 473 -6.93 40.00 27.02
CA GLY E 473 -7.93 40.00 28.06
C GLY E 473 -7.96 38.71 28.87
N ALA E 474 -8.13 38.85 30.18
CA ALA E 474 -8.20 37.69 31.06
C ALA E 474 -8.75 38.13 32.41
N ARG E 475 -9.41 37.19 33.08
CA ARG E 475 -9.99 37.41 34.39
C ARG E 475 -8.99 37.00 35.47
N ASP E 476 -8.60 37.95 36.30
CA ASP E 476 -7.74 37.62 37.42
C ASP E 476 -8.57 36.86 38.45
N PRO E 477 -8.24 35.61 38.80
CA PRO E 477 -9.17 34.84 39.64
C PRO E 477 -9.27 35.36 41.06
N ASP E 478 -8.12 35.52 41.71
CA ASP E 478 -8.12 36.01 43.09
C ASP E 478 -8.52 37.48 43.16
N THR E 479 -7.93 38.30 42.29
CA THR E 479 -8.25 39.72 42.30
C THR E 479 -9.62 40.02 41.72
N LYS E 480 -10.18 39.11 40.92
CA LYS E 480 -11.47 39.35 40.26
C LYS E 480 -11.41 40.60 39.39
N ALA E 481 -10.34 40.71 38.59
CA ALA E 481 -10.07 41.88 37.78
C ALA E 481 -9.86 41.45 36.33
N TRP E 482 -10.32 42.31 35.40
CA TRP E 482 -10.08 42.13 33.98
C TRP E 482 -8.81 42.85 33.57
N ASN E 483 -7.95 42.17 32.83
CA ASN E 483 -6.70 42.73 32.37
C ASN E 483 -6.78 43.11 30.89
N GLY E 484 -5.81 43.89 30.44
CA GLY E 484 -5.67 44.17 29.02
C GLY E 484 -6.81 45.01 28.46
N MET E 485 -7.14 44.74 27.18
CA MET E 485 -8.11 45.55 26.48
C MET E 485 -9.49 45.45 27.10
N VAL E 486 -9.86 44.24 27.53
CA VAL E 486 -11.14 44.06 28.19
C VAL E 486 -11.22 44.93 29.44
N GLY E 487 -10.13 44.98 30.21
CA GLY E 487 -10.08 45.85 31.36
C GLY E 487 -10.21 47.32 31.00
N GLU E 488 -9.52 47.74 29.94
CA GLU E 488 -9.63 49.13 29.50
C GLU E 488 -11.01 49.46 28.99
N LEU E 489 -11.79 48.47 28.56
CA LEU E 489 -13.15 48.72 28.10
C LEU E 489 -14.12 48.79 29.27
N VAL E 490 -14.01 47.85 30.20
CA VAL E 490 -14.97 47.79 31.31
C VAL E 490 -14.79 49.00 32.23
N TYR E 491 -13.54 49.38 32.49
CA TYR E 491 -13.22 50.42 33.46
C TYR E 491 -13.14 51.81 32.85
N GLY E 492 -13.79 52.04 31.71
CA GLY E 492 -13.97 53.37 31.18
C GLY E 492 -12.74 53.98 30.54
N ARG E 493 -11.61 53.29 30.52
CA ARG E 493 -10.43 53.82 29.85
C ARG E 493 -10.51 53.71 28.34
N ALA E 494 -11.53 53.03 27.80
CA ALA E 494 -11.61 52.75 26.38
C ALA E 494 -13.07 52.77 25.94
N ASP E 495 -13.28 53.20 24.69
CA ASP E 495 -14.59 53.21 24.07
C ASP E 495 -14.74 52.16 22.98
N VAL E 496 -13.63 51.72 22.37
CA VAL E 496 -13.66 50.76 21.27
C VAL E 496 -12.48 49.82 21.46
N ALA E 497 -12.50 48.70 20.74
CA ALA E 497 -11.38 47.77 20.71
C ALA E 497 -11.38 47.10 19.34
N VAL E 498 -10.53 47.58 18.44
CA VAL E 498 -10.52 47.11 17.06
C VAL E 498 -9.62 45.89 16.86
N ALA E 499 -8.74 45.60 17.81
CA ALA E 499 -7.77 44.52 17.70
C ALA E 499 -8.45 43.16 17.57
N PRO E 500 -7.70 42.09 17.29
CA PRO E 500 -8.31 40.77 17.29
C PRO E 500 -8.64 40.28 18.68
N LEU E 501 -9.93 40.30 19.02
CA LEU E 501 -10.45 39.78 20.27
C LEU E 501 -11.30 38.56 19.94
N THR E 502 -10.79 37.39 20.27
CA THR E 502 -11.57 36.18 20.06
C THR E 502 -12.84 36.22 20.89
N ILE E 503 -13.96 35.90 20.25
CA ILE E 503 -15.26 35.94 20.91
C ILE E 503 -15.36 34.76 21.86
N THR E 504 -15.63 35.04 23.12
CA THR E 504 -15.75 34.03 24.16
C THR E 504 -16.99 34.32 25.00
N LEU E 505 -17.29 33.36 25.88
CA LEU E 505 -18.43 33.52 26.78
C LEU E 505 -18.14 34.52 27.89
N VAL E 506 -16.94 34.44 28.47
CA VAL E 506 -16.61 35.34 29.58
C VAL E 506 -16.51 36.78 29.10
N ARG E 507 -15.93 37.00 27.92
CA ARG E 507 -15.83 38.36 27.41
C ARG E 507 -17.19 38.91 27.05
N GLU E 508 -18.04 38.11 26.40
CA GLU E 508 -19.34 38.58 25.95
C GLU E 508 -20.27 38.90 27.11
N GLU E 509 -20.04 38.29 28.28
CA GLU E 509 -20.86 38.61 29.44
C GLU E 509 -20.72 40.08 29.83
N VAL E 510 -19.49 40.60 29.83
CA VAL E 510 -19.20 41.90 30.39
C VAL E 510 -19.10 43.01 29.35
N ILE E 511 -18.85 42.68 28.09
CA ILE E 511 -18.77 43.66 27.01
C ILE E 511 -19.51 43.14 25.80
N ASP E 512 -19.81 44.05 24.87
CA ASP E 512 -20.60 43.76 23.70
C ASP E 512 -19.69 43.61 22.48
N PHE E 513 -19.82 42.49 21.78
CA PHE E 513 -19.04 42.21 20.59
C PHE E 513 -19.86 42.49 19.35
N SER E 514 -19.20 43.04 18.33
CA SER E 514 -19.81 43.15 17.03
C SER E 514 -19.80 41.78 16.35
N LYS E 515 -20.39 41.71 15.16
CA LYS E 515 -20.31 40.49 14.39
C LYS E 515 -18.88 40.31 13.88
N PRO E 516 -18.45 39.07 13.67
CA PRO E 516 -17.03 38.87 13.38
C PRO E 516 -16.63 39.42 12.02
N PHE E 517 -15.45 40.03 11.97
CA PHE E 517 -14.85 40.50 10.73
C PHE E 517 -13.80 39.53 10.21
N MET E 518 -13.52 38.44 10.91
CA MET E 518 -12.61 37.43 10.39
C MET E 518 -12.86 36.14 11.15
N SER E 519 -13.25 35.11 10.42
CA SER E 519 -13.49 33.78 10.97
C SER E 519 -12.25 32.92 10.77
N LEU E 520 -11.96 32.07 11.76
CA LEU E 520 -10.71 31.35 11.79
C LEU E 520 -10.87 30.09 12.61
N GLY E 521 -9.73 29.49 12.95
CA GLY E 521 -9.73 28.32 13.81
C GLY E 521 -8.32 27.78 13.96
N ILE E 522 -8.25 26.61 14.59
CA ILE E 522 -6.97 25.94 14.80
C ILE E 522 -6.61 25.17 13.53
N SER E 523 -5.32 25.18 13.19
CA SER E 523 -4.84 24.62 11.94
C SER E 523 -3.45 24.04 12.17
N ILE E 524 -3.04 23.20 11.23
CA ILE E 524 -1.78 22.47 11.29
C ILE E 524 -0.74 23.19 10.44
N MET E 525 0.46 23.36 11.00
CA MET E 525 1.58 24.05 10.39
C MET E 525 2.72 23.06 10.26
N ILE E 526 3.19 22.84 9.04
CA ILE E 526 4.24 21.86 8.78
C ILE E 526 5.37 22.51 8.00
N LYS E 527 6.54 21.90 8.08
CA LYS E 527 7.66 22.30 7.24
C LYS E 527 7.32 22.00 5.79
N LYS E 528 7.51 22.99 4.92
CA LYS E 528 7.14 22.82 3.53
C LYS E 528 8.01 21.73 2.90
N PRO E 529 7.45 20.79 2.15
CA PRO E 529 8.31 19.84 1.43
C PRO E 529 9.22 20.57 0.46
N GLN E 530 10.49 20.15 0.43
CA GLN E 530 11.47 20.80 -0.42
C GLN E 530 11.22 20.40 -1.87
N LYS E 531 12.01 20.99 -2.77
CA LYS E 531 11.96 20.57 -4.16
C LYS E 531 12.35 19.10 -4.31
N SER E 532 13.22 18.60 -3.44
CA SER E 532 13.68 17.21 -3.47
C SER E 532 14.33 16.90 -4.82
N LYS E 533 15.44 17.59 -5.07
CA LYS E 533 16.16 17.37 -6.31
C LYS E 533 16.68 15.93 -6.32
N PRO E 534 16.34 15.10 -7.33
CA PRO E 534 16.73 13.68 -7.26
C PRO E 534 18.23 13.47 -7.17
N GLY E 535 19.00 14.31 -7.82
CA GLY E 535 20.45 14.21 -7.78
C GLY E 535 21.00 13.39 -8.93
N VAL E 536 22.18 13.79 -9.39
CA VAL E 536 22.86 13.03 -10.43
C VAL E 536 23.37 11.73 -9.83
N PHE E 537 23.43 10.69 -10.66
CA PHE E 537 23.85 9.36 -10.22
C PHE E 537 22.94 8.83 -9.13
N SER E 538 21.63 9.06 -9.29
CA SER E 538 20.62 8.48 -8.44
C SER E 538 20.07 7.17 -8.99
N PHE E 539 20.30 6.89 -10.27
CA PHE E 539 19.91 5.60 -10.84
C PHE E 539 20.72 4.45 -10.26
N LEU E 540 21.86 4.73 -9.61
CA LEU E 540 22.63 3.71 -8.91
C LEU E 540 22.07 3.39 -7.54
N ASP E 541 21.10 4.16 -7.05
CA ASP E 541 20.59 3.97 -5.69
C ASP E 541 20.06 2.56 -5.41
N PRO E 542 19.35 1.89 -6.31
CA PRO E 542 18.81 0.56 -5.98
C PRO E 542 19.85 -0.47 -5.58
N LEU E 543 21.11 -0.27 -5.92
CA LEU E 543 22.19 -1.18 -5.56
C LEU E 543 23.28 -0.41 -4.84
N ALA E 544 23.84 -1.03 -3.81
CA ALA E 544 24.86 -0.37 -3.02
C ALA E 544 26.15 -0.19 -3.81
N TYR E 545 26.99 0.70 -3.29
CA TYR E 545 28.29 0.97 -3.90
C TYR E 545 29.15 -0.28 -3.95
N GLU E 546 29.08 -1.09 -2.91
CA GLU E 546 29.87 -2.32 -2.85
C GLU E 546 29.47 -3.27 -3.96
N ILE E 547 28.18 -3.36 -4.27
CA ILE E 547 27.72 -4.28 -5.31
C ILE E 547 28.30 -3.86 -6.66
N TRP E 548 28.21 -2.56 -6.98
CA TRP E 548 28.72 -2.09 -8.26
C TRP E 548 30.22 -2.35 -8.39
N MET E 549 30.97 -2.04 -7.33
CA MET E 549 32.41 -2.21 -7.43
C MET E 549 32.79 -3.67 -7.50
N CYS E 550 32.09 -4.53 -6.75
CA CYS E 550 32.35 -5.96 -6.86
C CYS E 550 31.95 -6.50 -8.22
N ILE E 551 30.94 -5.91 -8.85
CA ILE E 551 30.62 -6.27 -10.22
C ILE E 551 31.80 -5.96 -11.14
N VAL E 552 32.41 -4.79 -10.97
CA VAL E 552 33.55 -4.43 -11.80
C VAL E 552 34.69 -5.42 -11.61
N PHE E 553 35.03 -5.70 -10.35
CA PHE E 553 36.16 -6.58 -10.08
C PHE E 553 35.89 -8.00 -10.54
N ALA E 554 34.64 -8.47 -10.41
CA ALA E 554 34.28 -9.78 -10.89
C ALA E 554 34.31 -9.84 -12.41
N TYR E 555 33.94 -8.75 -13.08
CA TYR E 555 34.05 -8.69 -14.53
C TYR E 555 35.50 -8.84 -14.97
N ILE E 556 36.41 -8.15 -14.28
CA ILE E 556 37.84 -8.29 -14.58
C ILE E 556 38.29 -9.74 -14.37
N GLY E 557 37.91 -10.32 -13.24
CA GLY E 557 38.32 -11.69 -12.95
C GLY E 557 37.79 -12.68 -13.97
N VAL E 558 36.53 -12.52 -14.37
CA VAL E 558 35.93 -13.42 -15.34
C VAL E 558 36.63 -13.30 -16.68
N SER E 559 36.92 -12.06 -17.10
CA SER E 559 37.60 -11.88 -18.37
C SER E 559 38.97 -12.52 -18.36
N VAL E 560 39.72 -12.35 -17.27
CA VAL E 560 41.05 -12.94 -17.20
C VAL E 560 40.97 -14.45 -17.20
N VAL E 561 40.01 -15.02 -16.47
CA VAL E 561 39.90 -16.47 -16.40
C VAL E 561 39.52 -17.04 -17.76
N LEU E 562 38.62 -16.35 -18.46
CA LEU E 562 38.23 -16.80 -19.79
C LEU E 562 39.42 -16.76 -20.74
N PHE E 563 40.19 -15.68 -20.69
CA PHE E 563 41.38 -15.57 -21.53
C PHE E 563 42.37 -16.68 -21.23
N LEU E 564 42.57 -16.98 -19.94
CA LEU E 564 43.46 -18.06 -19.55
C LEU E 564 42.99 -19.39 -20.14
N VAL E 565 41.79 -19.83 -19.75
CA VAL E 565 41.33 -21.15 -20.15
C VAL E 565 41.02 -21.26 -21.64
N SER E 566 41.07 -20.16 -22.39
CA SER E 566 40.96 -20.23 -23.84
C SER E 566 42.29 -20.04 -24.57
N ARG E 567 43.32 -19.53 -23.91
CA ARG E 567 44.62 -19.27 -24.53
C ARG E 567 45.74 -19.76 -23.62
N PHE E 568 45.61 -21.00 -23.15
CA PHE E 568 46.66 -21.69 -22.40
C PHE E 568 47.15 -22.94 -23.09
N SER E 569 46.31 -23.59 -23.89
CA SER E 569 46.61 -24.90 -24.43
C SER E 569 47.23 -24.73 -25.82
N PRO E 570 48.48 -25.15 -26.04
CA PRO E 570 49.02 -25.05 -27.41
C PRO E 570 48.26 -25.89 -28.41
N TYR E 571 47.60 -26.96 -27.97
CA TYR E 571 46.92 -27.85 -28.91
C TYR E 571 45.77 -27.15 -29.62
N GLU E 572 45.23 -26.07 -29.06
CA GLU E 572 44.28 -25.20 -29.73
C GLU E 572 44.81 -23.79 -29.94
N TRP E 573 46.05 -23.50 -29.53
CA TRP E 573 46.63 -22.16 -29.62
C TRP E 573 47.45 -21.98 -30.90
N HIS E 574 48.50 -22.80 -31.07
CA HIS E 574 49.37 -22.60 -32.23
C HIS E 574 48.73 -23.05 -33.54
N SER E 575 47.58 -23.70 -33.50
CA SER E 575 46.89 -24.11 -34.73
C SER E 575 46.44 -22.88 -35.51
N SER E 590 41.91 -21.90 -34.16
CA SER E 590 42.29 -21.53 -32.81
C SER E 590 41.20 -20.68 -32.17
N ASN E 591 41.40 -20.30 -30.90
CA ASN E 591 40.46 -19.46 -30.19
C ASN E 591 40.74 -18.00 -30.46
N GLU E 592 39.67 -17.22 -30.64
CA GLU E 592 39.76 -15.78 -30.78
C GLU E 592 39.72 -15.05 -29.44
N PHE E 593 39.66 -15.78 -28.34
CA PHE E 593 39.42 -15.18 -27.02
C PHE E 593 40.75 -14.74 -26.41
N GLY E 594 41.24 -13.61 -26.89
CA GLY E 594 42.29 -12.90 -26.21
C GLY E 594 41.73 -12.11 -25.06
N ILE E 595 42.61 -11.36 -24.40
CA ILE E 595 42.21 -10.58 -23.24
C ILE E 595 41.20 -9.51 -23.65
N PHE E 596 41.46 -8.84 -24.77
CA PHE E 596 40.62 -7.72 -25.18
C PHE E 596 39.24 -8.22 -25.62
N ASN E 597 39.22 -9.26 -26.45
CA ASN E 597 37.94 -9.84 -26.84
C ASN E 597 37.24 -10.50 -25.67
N SER E 598 37.99 -10.98 -24.68
CA SER E 598 37.35 -11.55 -23.50
C SER E 598 36.65 -10.47 -22.68
N LEU E 599 37.31 -9.32 -22.50
CA LEU E 599 36.65 -8.20 -21.84
C LEU E 599 35.42 -7.76 -22.60
N TRP E 600 35.52 -7.73 -23.94
CA TRP E 600 34.36 -7.37 -24.76
C TRP E 600 33.22 -8.36 -24.56
N PHE E 601 33.55 -9.65 -24.54
CA PHE E 601 32.51 -10.68 -24.36
C PHE E 601 31.84 -10.54 -23.01
N SER E 602 32.62 -10.34 -21.96
CA SER E 602 32.04 -10.19 -20.62
C SER E 602 31.15 -8.95 -20.55
N LEU E 603 31.61 -7.84 -21.13
CA LEU E 603 30.82 -6.61 -21.11
C LEU E 603 29.52 -6.79 -21.88
N GLY E 604 29.57 -7.46 -23.02
CA GLY E 604 28.35 -7.72 -23.75
C GLY E 604 27.42 -8.64 -23.01
N ALA E 605 27.98 -9.65 -22.34
CA ALA E 605 27.16 -10.59 -21.57
C ALA E 605 26.44 -9.88 -20.44
N PHE E 606 27.14 -8.98 -19.73
CA PHE E 606 26.53 -8.31 -18.59
C PHE E 606 25.35 -7.45 -19.00
N MET E 607 25.35 -6.94 -20.22
CA MET E 607 24.31 -6.04 -20.71
C MET E 607 23.26 -6.77 -21.53
N GLN E 608 23.27 -8.11 -21.54
CA GLN E 608 22.31 -8.92 -22.27
C GLN E 608 22.37 -8.67 -23.77
N GLN E 609 23.54 -8.24 -24.25
CA GLN E 609 23.80 -8.05 -25.68
C GLN E 609 24.79 -9.11 -26.13
N GLY E 610 24.46 -9.80 -27.21
CA GLY E 610 25.36 -10.80 -27.73
C GLY E 610 26.56 -10.17 -28.39
N CYS E 611 27.60 -11.00 -28.55
CA CYS E 611 28.83 -10.61 -29.21
C CYS E 611 29.04 -11.49 -30.43
N ASP E 612 30.02 -11.12 -31.25
CA ASP E 612 30.30 -11.88 -32.47
C ASP E 612 30.95 -13.24 -32.20
N ILE E 613 31.34 -13.52 -30.96
CA ILE E 613 32.04 -14.75 -30.60
C ILE E 613 31.32 -15.41 -29.43
N SER E 614 31.65 -16.67 -29.21
CA SER E 614 31.14 -17.42 -28.07
C SER E 614 32.11 -18.55 -27.79
N PRO E 615 32.29 -18.96 -26.53
CA PRO E 615 33.24 -20.02 -26.24
C PRO E 615 32.82 -21.35 -26.86
N ARG E 616 33.83 -22.15 -27.22
CA ARG E 616 33.65 -23.48 -27.77
C ARG E 616 34.16 -24.58 -26.85
N SER E 617 35.04 -24.25 -25.92
CA SER E 617 35.54 -25.21 -24.95
C SER E 617 34.55 -25.38 -23.80
N LEU E 618 34.81 -26.39 -22.97
CA LEU E 618 33.98 -26.61 -21.79
C LEU E 618 34.27 -25.56 -20.72
N SER E 619 35.54 -25.19 -20.54
CA SER E 619 35.90 -24.23 -19.51
C SER E 619 35.30 -22.86 -19.80
N GLY E 620 35.54 -22.35 -21.01
CA GLY E 620 34.97 -21.07 -21.39
C GLY E 620 33.46 -21.07 -21.34
N ARG E 621 32.84 -22.21 -21.61
CA ARG E 621 31.39 -22.28 -21.60
C ARG E 621 30.85 -22.28 -20.18
N ILE E 622 31.54 -22.94 -19.26
CA ILE E 622 31.18 -22.87 -17.85
C ILE E 622 31.27 -21.43 -17.36
N VAL E 623 32.37 -20.76 -17.72
CA VAL E 623 32.57 -19.38 -17.30
C VAL E 623 31.46 -18.49 -17.85
N GLY E 624 31.16 -18.65 -19.13
CA GLY E 624 30.12 -17.84 -19.74
C GLY E 624 28.76 -18.07 -19.11
N GLY E 625 28.43 -19.34 -18.86
CA GLY E 625 27.13 -19.63 -18.27
C GLY E 625 26.97 -19.05 -16.88
N VAL E 626 27.99 -19.18 -16.04
CA VAL E 626 27.86 -18.70 -14.67
C VAL E 626 27.84 -17.17 -14.66
N TRP E 627 28.63 -16.53 -15.53
CA TRP E 627 28.55 -15.09 -15.66
C TRP E 627 27.19 -14.64 -16.15
N TRP E 628 26.57 -15.41 -17.04
CA TRP E 628 25.23 -15.09 -17.52
C TRP E 628 24.22 -15.15 -16.39
N PHE E 629 24.35 -16.17 -15.54
CA PHE E 629 23.45 -16.30 -14.39
C PHE E 629 23.59 -15.11 -13.46
N PHE E 630 24.84 -14.74 -13.15
CA PHE E 630 25.12 -13.54 -12.36
C PHE E 630 24.44 -12.33 -12.95
N THR E 631 24.60 -12.13 -14.26
CA THR E 631 24.01 -10.99 -14.95
C THR E 631 22.50 -10.96 -14.78
N LEU E 632 21.87 -12.11 -15.00
CA LEU E 632 20.42 -12.20 -14.93
C LEU E 632 19.91 -11.81 -13.55
N ILE E 633 20.52 -12.39 -12.51
CA ILE E 633 20.10 -12.10 -11.15
C ILE E 633 20.29 -10.62 -10.84
N ILE E 634 21.43 -10.06 -11.23
CA ILE E 634 21.73 -8.69 -10.86
C ILE E 634 20.77 -7.73 -11.54
N ILE E 635 20.48 -7.95 -12.82
CA ILE E 635 19.61 -7.02 -13.53
C ILE E 635 18.19 -7.12 -13.02
N SER E 636 17.71 -8.34 -12.74
CA SER E 636 16.38 -8.47 -12.18
C SER E 636 16.29 -7.79 -10.82
N SER E 637 17.36 -7.89 -10.03
CA SER E 637 17.38 -7.22 -8.73
C SER E 637 17.31 -5.72 -8.89
N TYR E 638 18.08 -5.16 -9.83
CA TYR E 638 18.04 -3.72 -10.06
C TYR E 638 16.65 -3.27 -10.45
N THR E 639 16.06 -3.94 -11.46
CA THR E 639 14.74 -3.54 -11.93
C THR E 639 13.70 -3.64 -10.83
N ALA E 640 13.71 -4.73 -10.07
CA ALA E 640 12.71 -4.94 -9.05
C ALA E 640 12.84 -3.92 -7.92
N ASN E 641 14.06 -3.68 -7.45
CA ASN E 641 14.25 -2.72 -6.37
C ASN E 641 13.93 -1.31 -6.82
N LEU E 642 14.22 -0.97 -8.07
CA LEU E 642 13.84 0.34 -8.58
C LEU E 642 12.31 0.47 -8.63
N ALA E 643 11.62 -0.58 -9.07
CA ALA E 643 10.17 -0.54 -9.07
C ALA E 643 9.64 -0.34 -7.66
N ALA E 644 10.25 -1.01 -6.69
CA ALA E 644 9.84 -0.83 -5.30
C ALA E 644 10.07 0.60 -4.84
N PHE E 645 11.22 1.18 -5.19
CA PHE E 645 11.50 2.57 -4.84
C PHE E 645 10.42 3.50 -5.36
N LEU E 646 10.10 3.39 -6.65
CA LEU E 646 9.17 4.33 -7.25
C LEU E 646 7.76 4.09 -6.73
N THR E 647 7.38 2.83 -6.52
CA THR E 647 6.06 2.54 -5.99
C THR E 647 5.91 3.11 -4.59
N VAL E 648 6.89 2.88 -3.72
CA VAL E 648 6.81 3.36 -2.35
C VAL E 648 6.78 4.89 -2.33
N GLU E 649 7.63 5.53 -3.12
CA GLU E 649 7.60 6.98 -3.19
C GLU E 649 6.30 7.50 -3.80
N ARG E 650 5.53 6.65 -4.48
CA ARG E 650 4.27 7.12 -5.04
C ARG E 650 3.13 7.02 -4.02
N MET E 651 3.16 6.01 -3.15
CA MET E 651 2.10 5.80 -2.17
C MET E 651 2.24 6.67 -0.93
N VAL E 652 3.19 7.59 -0.89
CA VAL E 652 3.28 8.48 0.27
C VAL E 652 2.04 9.36 0.31
N SER E 653 1.31 9.29 1.42
CA SER E 653 0.13 10.12 1.63
C SER E 653 0.52 11.27 2.54
N PRO E 654 0.63 12.52 2.06
CA PRO E 654 0.95 13.61 2.97
C PRO E 654 -0.19 13.85 3.94
N ILE E 655 0.15 14.48 5.06
CA ILE E 655 -0.85 14.81 6.06
C ILE E 655 -1.84 15.78 5.44
N GLU E 656 -3.13 15.53 5.67
CA GLU E 656 -4.20 16.36 5.15
C GLU E 656 -5.28 16.68 6.17
N SER E 657 -5.14 16.25 7.41
CA SER E 657 -6.18 16.41 8.42
C SER E 657 -5.58 16.09 9.78
N ALA E 658 -6.38 16.27 10.83
CA ALA E 658 -5.94 15.95 12.17
C ALA E 658 -6.05 14.47 12.48
N GLU E 659 -7.06 13.78 11.93
CA GLU E 659 -7.20 12.35 12.18
C GLU E 659 -6.00 11.57 11.68
N ASP E 660 -5.35 12.04 10.61
CA ASP E 660 -4.13 11.41 10.15
C ASP E 660 -3.04 11.51 11.22
N LEU E 661 -2.93 12.66 11.86
CA LEU E 661 -1.96 12.81 12.95
C LEU E 661 -2.36 11.97 14.15
N ALA E 662 -3.66 11.80 14.38
CA ALA E 662 -4.13 11.00 15.50
C ALA E 662 -3.77 9.54 15.31
N LYS E 663 -4.01 9.01 14.10
CA LYS E 663 -3.72 7.61 13.84
C LYS E 663 -2.23 7.33 13.89
N GLN E 664 -1.43 8.14 13.19
CA GLN E 664 0.00 7.96 13.14
C GLN E 664 0.65 8.56 14.39
N THR E 665 1.93 8.19 14.59
CA THR E 665 2.73 8.75 15.69
C THR E 665 4.16 9.04 15.27
N GLU E 666 4.53 8.86 14.01
CA GLU E 666 5.91 9.08 13.60
C GLU E 666 6.27 10.56 13.67
N ILE E 667 5.35 11.43 13.26
CA ILE E 667 5.58 12.87 13.26
C ILE E 667 5.04 13.45 14.57
N ALA E 668 5.85 14.28 15.23
CA ALA E 668 5.45 14.90 16.48
C ALA E 668 4.64 16.16 16.20
N TYR E 669 3.94 16.63 17.23
CA TYR E 669 3.14 17.83 17.10
C TYR E 669 2.78 18.36 18.48
N GLY E 670 2.74 19.68 18.60
CA GLY E 670 2.43 20.33 19.86
C GLY E 670 1.90 21.73 19.65
N THR E 671 1.60 22.39 20.76
CA THR E 671 0.89 23.66 20.79
C THR E 671 1.69 24.69 21.58
N LEU E 672 1.06 25.85 21.82
CA LEU E 672 1.55 26.84 22.75
C LEU E 672 0.88 26.61 24.10
N GLU E 673 1.67 26.38 25.14
CA GLU E 673 1.09 26.00 26.42
C GLU E 673 0.45 27.18 27.15
N ALA E 674 0.98 28.39 26.95
CA ALA E 674 0.42 29.56 27.63
C ALA E 674 -1.01 29.84 27.19
N GLY E 675 -1.28 29.70 25.89
CA GLY E 675 -2.52 30.17 25.31
C GLY E 675 -3.69 29.23 25.53
N SER E 676 -4.81 29.60 24.91
CA SER E 676 -6.07 28.86 25.03
C SER E 676 -6.15 27.67 24.10
N THR E 677 -5.14 27.44 23.25
CA THR E 677 -5.11 26.23 22.43
C THR E 677 -5.08 24.99 23.31
N LYS E 678 -4.15 24.95 24.26
CA LYS E 678 -4.15 23.86 25.23
C LYS E 678 -5.42 23.89 26.07
N GLU E 679 -5.99 25.07 26.30
CA GLU E 679 -7.29 25.13 26.97
C GLU E 679 -8.35 24.43 26.15
N PHE E 680 -8.24 24.48 24.82
CA PHE E 680 -9.19 23.78 23.96
C PHE E 680 -8.91 22.28 23.94
N PHE E 681 -7.65 21.88 24.05
CA PHE E 681 -7.31 20.47 23.91
C PHE E 681 -7.50 19.69 25.21
N ARG E 682 -7.20 20.30 26.36
CA ARG E 682 -7.39 19.59 27.62
C ARG E 682 -8.85 19.27 27.86
N ARG E 683 -9.74 20.15 27.42
CA ARG E 683 -11.17 20.03 27.64
C ARG E 683 -11.88 19.30 26.51
N SER E 684 -11.23 19.09 25.38
CA SER E 684 -11.90 18.54 24.21
C SER E 684 -12.39 17.13 24.49
N LYS E 685 -13.62 16.85 24.03
CA LYS E 685 -14.31 15.59 24.31
C LYS E 685 -14.43 14.69 23.09
N ILE E 686 -14.13 15.18 21.89
CA ILE E 686 -14.16 14.33 20.71
C ILE E 686 -13.03 13.31 20.81
N ALA E 687 -13.24 12.14 20.20
CA ALA E 687 -12.28 11.05 20.32
C ALA E 687 -10.92 11.46 19.74
N VAL E 688 -10.94 12.12 18.58
CA VAL E 688 -9.70 12.52 17.92
C VAL E 688 -8.87 13.42 18.82
N PHE E 689 -9.44 14.58 19.17
CA PHE E 689 -8.68 15.57 19.93
C PHE E 689 -8.31 15.05 21.32
N GLU E 690 -9.14 14.19 21.89
CA GLU E 690 -8.75 13.54 23.15
C GLU E 690 -7.52 12.67 22.94
N LYS E 691 -7.47 11.93 21.82
CA LYS E 691 -6.30 11.13 21.53
C LYS E 691 -5.05 12.00 21.35
N MET E 692 -5.20 13.12 20.64
CA MET E 692 -4.08 14.02 20.46
C MET E 692 -3.63 14.61 21.79
N TRP E 693 -4.58 14.93 22.67
CA TRP E 693 -4.22 15.47 23.97
C TRP E 693 -3.48 14.43 24.81
N THR E 694 -3.91 13.17 24.75
CA THR E 694 -3.21 12.12 25.47
C THR E 694 -1.78 11.98 24.98
N TYR E 695 -1.60 12.04 23.65
CA TYR E 695 -0.24 11.99 23.11
C TYR E 695 0.58 13.19 23.55
N MET E 696 -0.06 14.37 23.65
CA MET E 696 0.67 15.62 23.76
C MET E 696 1.52 15.68 25.03
N LYS E 697 0.91 15.43 26.18
CA LYS E 697 1.64 15.56 27.45
C LYS E 697 2.51 14.34 27.72
N SER E 698 2.16 13.18 27.16
CA SER E 698 2.95 11.97 27.42
C SER E 698 4.33 12.04 26.77
N ALA E 699 4.43 12.71 25.61
CA ALA E 699 5.65 12.65 24.83
C ALA E 699 6.78 13.41 25.53
N GLU E 700 7.99 13.20 25.02
CA GLU E 700 9.21 13.83 25.51
C GLU E 700 10.04 14.26 24.32
N PRO E 701 10.94 15.25 24.50
CA PRO E 701 11.23 16.01 25.72
C PRO E 701 10.22 17.11 25.97
N SER E 702 9.80 17.79 24.90
CA SER E 702 8.71 18.75 24.99
C SER E 702 8.19 19.01 23.58
N VAL E 703 7.03 18.45 23.25
CA VAL E 703 6.36 18.85 22.02
C VAL E 703 5.94 20.31 22.11
N PHE E 704 5.56 20.76 23.29
CA PHE E 704 5.17 22.15 23.49
C PHE E 704 6.38 23.07 23.35
N VAL E 705 6.11 24.34 23.12
CA VAL E 705 7.14 25.35 22.91
C VAL E 705 6.68 26.67 23.52
N ARG E 706 7.63 27.42 24.07
CA ARG E 706 7.27 28.60 24.87
C ARG E 706 6.60 29.68 24.03
N THR E 707 7.09 29.90 22.81
CA THR E 707 6.66 31.02 21.98
C THR E 707 6.42 30.54 20.55
N THR E 708 5.47 31.19 19.87
CA THR E 708 5.09 30.75 18.53
C THR E 708 6.23 30.88 17.53
N GLU E 709 7.09 31.89 17.70
CA GLU E 709 8.28 31.99 16.85
C GLU E 709 9.19 30.79 17.08
N GLU E 710 9.31 30.36 18.33
CA GLU E 710 10.12 29.19 18.63
C GLU E 710 9.53 27.94 17.98
N GLY E 711 8.21 27.79 18.01
CA GLY E 711 7.59 26.67 17.33
C GLY E 711 7.80 26.70 15.83
N MET E 712 7.69 27.90 15.24
CA MET E 712 7.96 28.08 13.82
C MET E 712 9.36 27.63 13.45
N ILE E 713 10.36 28.15 14.17
CA ILE E 713 11.73 27.84 13.79
C ILE E 713 12.09 26.41 14.16
N ARG E 714 11.41 25.83 15.17
CA ARG E 714 11.59 24.43 15.48
C ARG E 714 11.07 23.54 14.37
N VAL E 715 9.89 23.86 13.83
CA VAL E 715 9.34 23.09 12.73
C VAL E 715 10.23 23.25 11.50
N ARG E 716 10.78 24.44 11.31
CA ARG E 716 11.74 24.63 10.21
C ARG E 716 12.98 23.79 10.42
N LYS E 717 13.44 23.66 11.66
CA LYS E 717 14.65 22.89 11.95
C LYS E 717 14.38 21.41 12.07
N SER E 718 13.16 21.01 12.43
CA SER E 718 12.85 19.60 12.67
C SER E 718 12.91 18.75 11.41
N LYS E 719 12.98 19.35 10.23
CA LYS E 719 13.04 18.61 8.97
C LYS E 719 11.78 17.78 8.76
N GLY E 720 10.63 18.43 8.93
CA GLY E 720 9.35 17.80 8.66
C GLY E 720 8.87 16.84 9.73
N LYS E 721 9.58 16.72 10.86
CA LYS E 721 9.23 15.79 11.91
C LYS E 721 8.40 16.40 13.03
N TYR E 722 8.09 17.70 12.95
CA TYR E 722 7.28 18.38 13.96
C TYR E 722 6.23 19.21 13.25
N ALA E 723 5.00 19.18 13.78
CA ALA E 723 3.85 19.89 13.22
C ALA E 723 3.25 20.77 14.30
N TYR E 724 3.39 22.08 14.14
CA TYR E 724 2.84 23.01 15.12
C TYR E 724 1.35 23.18 14.88
N LEU E 725 0.63 23.56 15.94
CA LEU E 725 -0.80 23.82 15.87
C LEU E 725 -1.05 25.27 16.25
N LEU E 726 -1.79 25.99 15.41
CA LEU E 726 -1.72 27.44 15.45
C LEU E 726 -3.03 28.00 14.89
N GLU E 727 -3.33 29.25 15.22
CA GLU E 727 -4.44 29.93 14.56
C GLU E 727 -4.20 30.01 13.06
N SER E 728 -5.29 29.96 12.29
CA SER E 728 -5.19 29.98 10.84
C SER E 728 -4.51 31.25 10.36
N THR E 729 -4.81 32.38 10.98
CA THR E 729 -4.34 33.67 10.47
C THR E 729 -2.83 33.77 10.54
N MET E 730 -2.25 33.42 11.68
CA MET E 730 -0.80 33.49 11.80
C MET E 730 -0.11 32.45 10.93
N ASN E 731 -0.76 31.30 10.74
CA ASN E 731 -0.22 30.28 9.85
C ASN E 731 -0.13 30.81 8.42
N GLU E 732 -1.21 31.43 7.95
CA GLU E 732 -1.19 32.03 6.61
C GLU E 732 -0.17 33.16 6.52
N TYR E 733 -0.08 33.96 7.58
CA TYR E 733 0.85 35.08 7.60
C TYR E 733 2.28 34.58 7.47
N ILE E 734 2.64 33.60 8.28
CA ILE E 734 3.97 33.00 8.22
C ILE E 734 4.20 32.35 6.87
N GLU E 735 3.15 31.81 6.26
CA GLU E 735 3.30 31.16 4.96
C GLU E 735 3.69 32.16 3.86
N GLN E 736 3.55 33.46 4.10
CA GLN E 736 3.96 34.51 3.17
C GLN E 736 4.98 35.46 3.80
N ARG E 737 5.94 34.90 4.53
CA ARG E 737 7.10 35.63 5.02
C ARG E 737 8.36 34.80 4.86
N LYS E 738 9.40 35.43 4.33
CA LYS E 738 10.68 34.76 4.18
C LYS E 738 11.25 34.39 5.54
N PRO E 739 11.77 33.16 5.72
CA PRO E 739 11.88 32.01 4.81
C PRO E 739 10.60 31.22 4.71
N CYS E 740 10.01 31.13 3.51
CA CYS E 740 8.77 30.40 3.32
C CYS E 740 9.06 28.90 3.20
N ASP E 741 9.50 28.33 4.33
CA ASP E 741 9.67 26.90 4.49
C ASP E 741 8.57 26.28 5.35
N THR E 742 7.39 26.90 5.36
CA THR E 742 6.26 26.49 6.18
C THR E 742 5.00 26.46 5.34
N MET E 743 4.03 25.66 5.78
CA MET E 743 2.79 25.50 5.05
C MET E 743 1.65 25.17 6.01
N LYS E 744 0.52 25.85 5.80
CA LYS E 744 -0.72 25.46 6.45
C LYS E 744 -1.30 24.26 5.70
N VAL E 745 -1.72 23.25 6.46
CA VAL E 745 -2.22 22.01 5.88
C VAL E 745 -3.55 21.66 6.52
N GLY E 746 -4.44 21.11 5.71
CA GLY E 746 -5.75 20.71 6.18
C GLY E 746 -6.68 21.90 6.36
N GLY E 747 -7.87 21.60 6.86
CA GLY E 747 -8.85 22.60 7.18
C GLY E 747 -8.67 23.11 8.59
N ASN E 748 -9.71 23.76 9.10
CA ASN E 748 -9.71 24.32 10.45
C ASN E 748 -10.39 23.35 11.40
N LEU E 749 -9.70 23.03 12.50
CA LEU E 749 -10.24 22.06 13.45
C LEU E 749 -11.50 22.58 14.11
N ASP E 750 -11.51 23.86 14.50
CA ASP E 750 -12.65 24.52 15.10
C ASP E 750 -13.02 25.76 14.30
N SER E 751 -13.99 26.51 14.80
CA SER E 751 -14.46 27.73 14.18
C SER E 751 -14.62 28.80 15.24
N LYS E 752 -13.98 29.94 15.03
CA LYS E 752 -14.04 31.08 15.92
C LYS E 752 -14.06 32.34 15.08
N GLY E 753 -14.18 33.48 15.74
CA GLY E 753 -14.20 34.74 15.04
C GLY E 753 -13.67 35.90 15.84
N TYR E 754 -12.71 36.63 15.28
CA TYR E 754 -12.32 37.89 15.88
C TYR E 754 -13.43 38.91 15.69
N GLY E 755 -13.52 39.86 16.61
CA GLY E 755 -14.60 40.82 16.58
C GLY E 755 -14.23 42.11 17.29
N ILE E 756 -14.98 43.14 16.97
CA ILE E 756 -14.85 44.46 17.56
C ILE E 756 -15.69 44.50 18.83
N ALA E 757 -15.15 45.11 19.87
CA ALA E 757 -15.79 45.17 21.17
C ALA E 757 -16.07 46.61 21.56
N THR E 758 -17.11 46.78 22.36
CA THR E 758 -17.50 48.05 22.93
C THR E 758 -18.01 47.80 24.34
N PRO E 759 -17.98 48.82 25.21
CA PRO E 759 -18.49 48.62 26.56
C PRO E 759 -20.00 48.44 26.57
N LYS E 760 -20.48 47.82 27.64
CA LYS E 760 -21.91 47.55 27.77
C LYS E 760 -22.72 48.84 27.74
N GLY E 761 -23.78 48.83 26.93
CA GLY E 761 -24.70 49.94 26.88
C GLY E 761 -24.22 51.14 26.09
N SER E 762 -23.09 51.03 25.40
CA SER E 762 -22.60 52.15 24.60
C SER E 762 -23.54 52.43 23.44
N ALA E 763 -23.63 53.71 23.06
CA ALA E 763 -24.41 54.09 21.90
C ALA E 763 -23.74 53.72 20.59
N LEU E 764 -22.49 53.27 20.62
CA LEU E 764 -21.70 53.00 19.43
C LEU E 764 -21.82 51.57 18.93
N ARG E 765 -22.62 50.73 19.60
CA ARG E 765 -22.68 49.31 19.26
C ARG E 765 -23.31 49.09 17.89
N GLY E 766 -24.48 49.68 17.67
CA GLY E 766 -25.25 49.42 16.47
C GLY E 766 -24.55 49.83 15.19
N PRO E 767 -24.12 51.09 15.12
CA PRO E 767 -23.37 51.52 13.93
C PRO E 767 -22.12 50.69 13.67
N VAL E 768 -21.43 50.29 14.73
CA VAL E 768 -20.22 49.48 14.57
C VAL E 768 -20.57 48.14 13.93
N ASN E 769 -21.58 47.45 14.48
CA ASN E 769 -21.96 46.15 13.95
C ASN E 769 -22.44 46.27 12.51
N LEU E 770 -23.29 47.26 12.23
CA LEU E 770 -23.81 47.41 10.88
C LEU E 770 -22.71 47.75 9.90
N ALA E 771 -21.74 48.56 10.31
CA ALA E 771 -20.66 48.92 9.41
C ALA E 771 -19.75 47.72 9.15
N VAL E 772 -19.50 46.90 10.17
CA VAL E 772 -18.71 45.69 9.96
C VAL E 772 -19.40 44.79 8.95
N LEU E 773 -20.70 44.60 9.10
CA LEU E 773 -21.42 43.76 8.14
C LEU E 773 -21.38 44.37 6.74
N LYS E 774 -21.61 45.69 6.65
CA LYS E 774 -21.64 46.34 5.34
C LYS E 774 -20.31 46.21 4.63
N LEU E 775 -19.20 46.29 5.38
CA LEU E 775 -17.91 46.03 4.80
C LEU E 775 -17.78 44.57 4.40
N SER E 776 -18.36 43.66 5.18
CA SER E 776 -18.21 42.24 4.89
C SER E 776 -18.91 41.83 3.59
N GLU E 777 -20.14 42.30 3.37
CA GLU E 777 -20.80 42.03 2.09
C GLU E 777 -20.02 42.65 0.93
N GLN E 778 -19.52 43.86 1.11
CA GLN E 778 -18.53 44.37 0.16
C GLN E 778 -17.24 43.58 0.31
N GLY E 779 -16.30 43.84 -0.60
CA GLY E 779 -15.06 43.10 -0.61
C GLY E 779 -13.97 43.72 0.23
N VAL E 780 -14.35 44.64 1.13
CA VAL E 780 -13.37 45.47 1.81
C VAL E 780 -12.50 44.63 2.74
N LEU E 781 -13.12 43.79 3.56
CA LEU E 781 -12.35 42.97 4.48
C LEU E 781 -11.49 41.95 3.73
N ASP E 782 -12.06 41.34 2.70
CA ASP E 782 -11.27 40.43 1.87
C ASP E 782 -10.14 41.17 1.18
N LYS E 783 -10.41 42.39 0.73
CA LYS E 783 -9.37 43.20 0.10
C LYS E 783 -8.23 43.48 1.07
N LEU E 784 -8.57 43.87 2.30
CA LEU E 784 -7.53 44.19 3.27
C LEU E 784 -6.75 42.95 3.66
N LYS E 785 -7.43 41.81 3.79
CA LYS E 785 -6.73 40.57 4.11
C LYS E 785 -5.75 40.21 2.99
N SER E 786 -6.21 40.27 1.73
CA SER E 786 -5.33 39.98 0.62
C SER E 786 -4.19 40.98 0.55
N LYS E 787 -4.44 42.23 0.97
CA LYS E 787 -3.39 43.23 0.97
C LYS E 787 -2.31 42.90 1.98
N TRP E 788 -2.70 42.61 3.22
CA TRP E 788 -1.72 42.50 4.30
C TRP E 788 -1.18 41.10 4.51
N TRP E 789 -1.73 40.09 3.83
CA TRP E 789 -1.23 38.71 3.91
C TRP E 789 -0.51 38.28 2.64
N TYR E 790 -1.00 38.70 1.47
CA TYR E 790 -0.50 38.23 0.18
C TYR E 790 0.23 39.30 -0.62
N ASP E 791 -0.32 40.52 -0.71
CA ASP E 791 0.32 41.56 -1.49
C ASP E 791 1.66 41.96 -0.89
N LYS E 792 1.77 41.94 0.44
CA LYS E 792 3.05 42.08 1.12
C LYS E 792 3.74 40.74 1.35
N GLY E 793 3.44 39.74 0.53
CA GLY E 793 4.10 38.45 0.65
C GLY E 793 5.54 38.56 0.19
N GLU E 794 6.48 38.32 1.11
CA GLU E 794 7.89 38.40 0.76
C GLU E 794 8.25 37.35 -0.28
N CYS E 795 7.74 36.14 -0.13
CA CYS E 795 7.96 35.05 -1.07
C CYS E 795 6.84 34.88 -2.09
N GLY E 796 5.86 35.76 -2.10
CA GLY E 796 4.80 35.70 -3.09
C GLY E 796 3.95 34.44 -2.99
N SER E 797 2.96 34.32 -3.87
CA SER E 797 2.07 33.16 -3.91
C SER E 797 2.24 32.36 -5.19
N LYS E 798 2.03 32.97 -6.35
CA LYS E 798 2.13 32.29 -7.65
C LYS E 798 1.28 31.03 -7.69
N ASP E 799 0.08 31.11 -7.11
CA ASP E 799 -0.75 29.93 -6.89
C ASP E 799 0.02 28.90 -6.07
N SER E 800 0.33 29.29 -4.83
CA SER E 800 1.30 28.55 -4.03
C SER E 800 0.83 27.12 -3.75
N GLY E 801 1.79 26.20 -3.75
CA GLY E 801 1.51 24.79 -3.50
C GLY E 801 1.19 23.99 -4.74
N SER E 802 1.02 24.63 -5.90
CA SER E 802 0.75 23.89 -7.13
C SER E 802 1.96 23.07 -7.53
N LYS E 803 1.69 22.01 -8.30
CA LYS E 803 2.74 21.10 -8.73
C LYS E 803 2.28 20.38 -10.00
N ASP E 804 3.23 19.74 -10.67
CA ASP E 804 2.90 18.95 -11.84
C ASP E 804 2.01 17.78 -11.48
N LYS E 805 2.23 17.19 -10.30
CA LYS E 805 1.45 16.05 -9.83
C LYS E 805 1.53 14.88 -10.80
N THR E 806 2.71 14.68 -11.38
CA THR E 806 2.98 13.60 -12.31
C THR E 806 4.11 12.73 -11.76
N SER E 807 3.92 11.42 -11.81
CA SER E 807 4.92 10.47 -11.35
C SER E 807 5.82 9.97 -12.48
N ALA E 808 5.64 10.47 -13.70
CA ALA E 808 6.51 10.09 -14.81
C ALA E 808 7.94 10.48 -14.51
N LEU E 809 8.87 9.58 -14.85
CA LEU E 809 10.27 9.85 -14.62
C LEU E 809 10.73 11.02 -15.46
N SER E 810 11.63 11.83 -14.88
CA SER E 810 12.09 13.07 -15.45
C SER E 810 13.58 12.98 -15.73
N LEU E 811 14.05 13.91 -16.57
CA LEU E 811 15.45 13.91 -16.96
C LEU E 811 16.39 14.17 -15.79
N SER E 812 15.89 14.72 -14.68
CA SER E 812 16.71 14.88 -13.49
C SER E 812 17.10 13.53 -12.89
N ASN E 813 16.22 12.54 -13.00
CA ASN E 813 16.49 11.24 -12.41
C ASN E 813 17.62 10.52 -13.13
N VAL E 814 17.65 10.61 -14.46
CA VAL E 814 18.53 9.82 -15.30
C VAL E 814 19.49 10.72 -16.05
N ALA E 815 19.91 11.81 -15.43
CA ALA E 815 20.87 12.69 -16.08
C ALA E 815 22.27 12.11 -16.07
N GLY E 816 22.63 11.39 -15.02
CA GLY E 816 23.97 10.88 -14.89
C GLY E 816 24.34 9.92 -16.00
N VAL E 817 23.38 9.12 -16.47
CA VAL E 817 23.69 8.18 -17.52
C VAL E 817 23.89 8.89 -18.86
N PHE E 818 23.15 9.97 -19.11
CA PHE E 818 23.43 10.80 -20.28
C PHE E 818 24.82 11.42 -20.19
N TYR E 819 25.20 11.90 -19.01
CA TYR E 819 26.54 12.46 -18.84
C TYR E 819 27.59 11.38 -19.09
N ILE E 820 27.34 10.16 -18.61
CA ILE E 820 28.25 9.05 -18.84
C ILE E 820 28.38 8.77 -20.33
N LEU E 821 27.25 8.78 -21.03
CA LEU E 821 27.27 8.56 -22.47
C LEU E 821 28.11 9.61 -23.18
N ILE E 822 27.94 10.87 -22.81
CA ILE E 822 28.69 11.95 -23.45
C ILE E 822 30.18 11.79 -23.16
N GLY E 823 30.53 11.49 -21.92
CA GLY E 823 31.92 11.29 -21.58
C GLY E 823 32.54 10.13 -22.33
N GLY E 824 31.78 9.05 -22.50
CA GLY E 824 32.28 7.90 -23.24
C GLY E 824 32.49 8.23 -24.70
N LEU E 825 31.58 8.99 -25.30
CA LEU E 825 31.76 9.39 -26.69
C LEU E 825 32.98 10.28 -26.87
N GLY E 826 33.18 11.22 -25.94
CA GLY E 826 34.37 12.06 -26.01
C GLY E 826 35.64 11.26 -25.87
N LEU E 827 35.66 10.32 -24.93
CA LEU E 827 36.83 9.46 -24.75
C LEU E 827 37.06 8.61 -25.99
N ALA E 828 35.98 8.16 -26.64
CA ALA E 828 36.11 7.37 -27.85
C ALA E 828 36.73 8.19 -28.98
N MET E 829 36.29 9.44 -29.16
CA MET E 829 36.88 10.29 -30.18
C MET E 829 38.36 10.55 -29.89
N LEU E 830 38.68 10.81 -28.62
CA LEU E 830 40.07 11.03 -28.24
C LEU E 830 40.93 9.80 -28.55
N VAL E 831 40.43 8.62 -28.20
CA VAL E 831 41.17 7.39 -28.46
C VAL E 831 41.26 7.12 -29.96
N ALA E 832 40.26 7.54 -30.73
CA ALA E 832 40.35 7.41 -32.19
C ALA E 832 41.47 8.28 -32.73
N LEU E 833 41.59 9.51 -32.24
CA LEU E 833 42.71 10.36 -32.62
C LEU E 833 44.04 9.71 -32.28
N ILE E 834 44.13 9.15 -31.07
CA ILE E 834 45.38 8.51 -30.64
C ILE E 834 45.69 7.30 -31.52
N GLU E 835 44.67 6.52 -31.86
CA GLU E 835 44.86 5.36 -32.74
C GLU E 835 45.36 5.81 -34.11
N PHE E 836 44.77 6.87 -34.64
CA PHE E 836 45.21 7.39 -35.95
C PHE E 836 46.66 7.82 -35.88
N CYS E 837 47.04 8.54 -34.83
CA CYS E 837 48.41 8.99 -34.70
C CYS E 837 49.38 7.82 -34.57
N TYR E 838 49.00 6.80 -33.79
CA TYR E 838 49.87 5.64 -33.61
C TYR E 838 50.02 4.86 -34.91
N LYS E 839 48.94 4.70 -35.67
CA LYS E 839 49.01 3.92 -36.89
C LYS E 839 49.78 4.67 -37.98
N SER E 840 49.50 5.96 -38.15
CA SER E 840 50.20 6.74 -39.15
C SER E 840 51.69 6.86 -38.83
N ARG E 841 52.01 7.09 -37.56
CA ARG E 841 53.40 7.22 -37.13
C ARG E 841 53.49 7.31 -35.62
N GLU F 16 57.17 -6.09 -24.26
CA GLU F 16 58.08 -6.82 -25.14
C GLU F 16 59.52 -6.63 -24.69
N LYS F 17 60.45 -7.10 -25.53
CA LYS F 17 61.90 -6.96 -25.35
C LYS F 17 62.46 -7.88 -24.27
N GLY F 18 61.65 -8.79 -23.72
CA GLY F 18 62.12 -9.74 -22.74
C GLY F 18 62.16 -9.25 -21.31
N VAL F 19 61.83 -7.98 -21.06
CA VAL F 19 61.66 -7.47 -19.71
C VAL F 19 60.25 -7.76 -19.20
N GLN F 20 59.45 -8.47 -19.99
CA GLN F 20 58.12 -8.87 -19.56
C GLN F 20 58.17 -9.73 -18.31
N VAL F 21 59.23 -10.51 -18.14
CA VAL F 21 59.40 -11.29 -16.92
C VAL F 21 59.69 -10.38 -15.73
N LEU F 22 60.47 -9.32 -15.97
CA LEU F 22 60.82 -8.41 -14.87
C LEU F 22 59.57 -7.74 -14.32
N LEU F 23 58.64 -7.34 -15.19
CA LEU F 23 57.40 -6.76 -14.71
C LEU F 23 56.60 -7.78 -13.91
N THR F 24 56.61 -9.03 -14.34
CA THR F 24 55.87 -10.08 -13.64
C THR F 24 56.40 -10.27 -12.22
N THR F 25 57.71 -10.46 -12.07
CA THR F 25 58.25 -10.69 -10.74
C THR F 25 58.22 -9.44 -9.89
N ILE F 26 58.36 -8.26 -10.50
CA ILE F 26 58.22 -7.02 -9.76
C ILE F 26 56.79 -6.88 -9.24
N GLY F 27 55.81 -7.20 -10.09
CA GLY F 27 54.43 -7.09 -9.67
C GLY F 27 54.08 -8.05 -8.53
N ALA F 28 54.59 -9.28 -8.61
CA ALA F 28 54.29 -10.26 -7.57
C ALA F 28 54.86 -9.84 -6.22
N PHE F 29 56.08 -9.32 -6.20
CA PHE F 29 56.68 -8.89 -4.95
C PHE F 29 55.94 -7.70 -4.36
N ALA F 30 55.57 -6.72 -5.19
CA ALA F 30 54.79 -5.60 -4.71
C ALA F 30 53.39 -6.06 -4.30
N ALA F 31 52.74 -6.88 -5.14
CA ALA F 31 51.42 -7.38 -4.80
C ALA F 31 51.44 -8.25 -3.56
N PHE F 32 52.59 -8.87 -3.27
CA PHE F 32 52.71 -9.63 -2.03
C PHE F 32 52.81 -8.70 -0.83
N GLY F 33 53.59 -7.62 -0.96
CA GLY F 33 53.68 -6.67 0.13
C GLY F 33 52.38 -5.94 0.37
N LEU F 34 51.73 -5.48 -0.70
CA LEU F 34 50.51 -4.70 -0.54
C LEU F 34 49.37 -5.50 0.07
N MET F 35 49.46 -6.83 0.08
CA MET F 35 48.46 -7.67 0.72
C MET F 35 48.84 -7.98 2.17
N THR F 36 50.09 -8.35 2.42
CA THR F 36 50.55 -8.60 3.78
C THR F 36 50.47 -7.33 4.61
N ILE F 37 50.90 -6.21 4.04
CA ILE F 37 50.78 -4.93 4.74
C ILE F 37 49.32 -4.60 4.98
N ALA F 38 48.46 -4.90 4.02
CA ALA F 38 47.04 -4.62 4.20
C ALA F 38 46.45 -5.42 5.35
N ILE F 39 46.83 -6.69 5.46
CA ILE F 39 46.28 -7.55 6.51
C ILE F 39 46.72 -7.06 7.88
N SER F 40 47.99 -6.72 8.02
CA SER F 40 48.62 -6.47 9.32
C SER F 40 48.79 -4.99 9.61
N THR F 41 47.79 -4.17 9.25
CA THR F 41 47.89 -2.72 9.38
C THR F 41 46.66 -2.12 10.07
N ASP F 42 45.51 -2.77 9.96
CA ASP F 42 44.26 -2.44 10.66
C ASP F 42 43.88 -0.96 10.56
N TYR F 43 43.91 -0.44 9.32
CA TYR F 43 43.25 0.82 8.99
C TYR F 43 42.24 0.57 7.88
N TRP F 44 41.43 -0.48 8.03
CA TRP F 44 40.48 -0.85 6.98
C TRP F 44 39.22 0.01 7.04
N LEU F 45 38.52 -0.03 8.17
CA LEU F 45 37.22 0.61 8.33
C LEU F 45 37.35 1.86 9.17
N TYR F 46 36.33 2.72 9.08
CA TYR F 46 36.23 3.93 9.89
C TYR F 46 34.76 4.05 10.30
N THR F 47 34.46 3.72 11.56
CA THR F 47 33.08 3.66 12.01
C THR F 47 33.02 3.87 13.52
N ARG F 48 31.85 3.61 14.09
CA ARG F 48 31.59 3.74 15.53
C ARG F 48 31.02 2.44 16.04
N ALA F 49 31.49 2.00 17.22
CA ALA F 49 31.13 0.69 17.74
C ALA F 49 30.84 0.65 19.24
N LEU F 50 30.81 1.80 19.92
CA LEU F 50 30.47 1.90 21.34
C LEU F 50 31.57 1.40 22.28
N ILE F 51 32.63 0.81 21.74
CA ILE F 51 33.78 0.49 22.58
C ILE F 51 34.41 1.76 23.07
N CYS F 52 34.42 2.78 22.22
CA CYS F 52 34.96 4.08 22.54
C CYS F 52 33.93 4.87 23.35
N ASN F 53 34.41 5.85 24.11
CA ASN F 53 33.55 6.61 25.01
C ASN F 53 34.24 7.84 25.57
N GLY F 79 28.46 5.79 19.61
CA GLY F 79 29.81 5.45 19.99
C GLY F 79 30.83 6.46 19.50
N GLY F 80 32.10 6.05 19.49
CA GLY F 80 33.19 6.91 19.11
C GLY F 80 33.98 6.35 17.94
N LEU F 81 34.84 7.20 17.38
CA LEU F 81 35.55 6.87 16.16
C LEU F 81 36.50 5.69 16.36
N THR F 82 36.70 4.94 15.29
CA THR F 82 37.59 3.78 15.28
C THR F 82 38.30 3.74 13.94
N HIS F 83 39.44 3.05 13.91
CA HIS F 83 40.10 2.66 12.66
C HIS F 83 40.35 1.17 12.79
N SER F 84 39.35 0.38 12.39
CA SER F 84 39.33 -1.05 12.65
C SER F 84 40.19 -1.80 11.64
N GLY F 85 40.05 -3.12 11.64
CA GLY F 85 40.87 -3.94 10.78
C GLY F 85 40.32 -5.35 10.70
N LEU F 86 41.16 -6.25 10.22
CA LEU F 86 40.77 -7.65 10.12
C LEU F 86 40.77 -8.34 11.47
N TRP F 87 41.71 -7.97 12.35
CA TRP F 87 41.91 -8.64 13.63
C TRP F 87 41.50 -7.79 14.83
N ARG F 88 41.95 -6.53 14.87
CA ARG F 88 41.82 -5.69 16.06
C ARG F 88 41.17 -4.35 15.72
N ILE F 89 40.15 -3.99 16.50
CA ILE F 89 39.60 -2.65 16.50
C ILE F 89 40.43 -1.80 17.46
N CYS F 90 40.37 -0.49 17.28
CA CYS F 90 41.21 0.43 18.04
C CYS F 90 40.57 1.80 18.04
N CYS F 91 40.20 2.29 19.23
CA CYS F 91 39.65 3.63 19.34
C CYS F 91 40.66 4.69 18.91
N LEU F 92 40.13 5.89 18.66
CA LEU F 92 40.86 6.98 18.05
C LEU F 92 40.71 8.29 18.82
N GLU F 93 39.63 8.43 19.58
CA GLU F 93 39.39 9.61 20.39
C GLU F 93 38.80 9.18 21.72
N GLY F 94 38.61 10.16 22.60
CA GLY F 94 38.16 9.88 23.95
C GLY F 94 39.33 9.55 24.85
N LEU F 95 38.99 9.08 26.05
CA LEU F 95 40.02 8.67 26.99
C LEU F 95 40.80 7.47 26.46
N LYS F 96 40.09 6.52 25.84
CA LYS F 96 40.71 5.38 25.18
C LYS F 96 41.14 5.81 23.78
N ARG F 97 42.42 6.16 23.64
CA ARG F 97 42.99 6.57 22.37
C ARG F 97 44.36 5.93 22.23
N GLY F 98 44.64 5.43 21.03
CA GLY F 98 45.88 4.72 20.81
C GLY F 98 45.96 3.36 21.45
N VAL F 99 44.84 2.83 21.95
CA VAL F 99 44.76 1.51 22.56
C VAL F 99 43.94 0.64 21.64
N CYS F 100 44.53 -0.48 21.22
CA CYS F 100 43.94 -1.36 20.23
C CYS F 100 43.65 -2.71 20.87
N VAL F 101 42.45 -3.22 20.65
CA VAL F 101 41.99 -4.46 21.24
C VAL F 101 41.45 -5.37 20.14
N LYS F 102 41.65 -6.67 20.33
CA LYS F 102 41.21 -7.67 19.37
C LYS F 102 39.70 -7.62 19.18
N ILE F 103 39.26 -7.82 17.94
CA ILE F 103 37.84 -7.97 17.64
C ILE F 103 37.42 -9.38 18.01
N ASN F 104 36.22 -9.50 18.55
CA ASN F 104 35.75 -10.79 19.06
C ASN F 104 35.37 -11.72 17.92
N HIS F 105 34.42 -11.29 17.08
CA HIS F 105 33.75 -12.08 16.05
C HIS F 105 32.82 -13.15 16.64
N PHE F 106 32.70 -13.24 17.97
CA PHE F 106 31.80 -14.20 18.60
C PHE F 106 31.27 -13.61 19.91
N PRO F 107 30.49 -12.53 19.84
CA PRO F 107 29.73 -12.12 21.02
C PRO F 107 28.71 -13.18 21.39
N GLU F 108 28.42 -13.28 22.69
CA GLU F 108 27.54 -14.32 23.20
C GLU F 108 26.15 -14.20 22.60
N ASP F 109 25.77 -15.17 21.76
CA ASP F 109 24.47 -15.17 21.11
C ASP F 109 24.08 -16.61 20.79
N THR F 110 22.78 -16.82 20.57
CA THR F 110 22.31 -18.16 20.26
C THR F 110 22.79 -18.63 18.89
N ASP F 111 23.09 -17.69 17.98
CA ASP F 111 23.55 -18.07 16.66
C ASP F 111 24.90 -18.78 16.66
N TYR F 112 25.68 -18.63 17.73
CA TYR F 112 26.97 -19.31 17.83
C TYR F 112 26.76 -20.82 17.81
N ASP F 113 27.39 -21.48 16.83
CA ASP F 113 27.30 -22.93 16.64
C ASP F 113 25.89 -23.40 16.32
N HIS F 114 25.01 -22.49 15.90
CA HIS F 114 23.61 -22.79 15.61
C HIS F 114 23.25 -22.52 14.15
N ASP F 115 23.53 -21.32 13.65
CA ASP F 115 23.29 -20.99 12.24
C ASP F 115 24.45 -21.50 11.40
N SER F 116 24.16 -22.45 10.50
CA SER F 116 25.22 -23.08 9.72
C SER F 116 25.92 -22.06 8.83
N ALA F 117 25.15 -21.23 8.12
CA ALA F 117 25.75 -20.26 7.21
C ALA F 117 26.43 -19.13 7.97
N GLU F 118 25.76 -18.60 8.99
CA GLU F 118 26.32 -17.47 9.74
C GLU F 118 27.58 -17.87 10.48
N TYR F 119 27.58 -19.06 11.08
CA TYR F 119 28.77 -19.52 11.80
C TYR F 119 29.95 -19.71 10.85
N LEU F 120 29.69 -20.30 9.68
CA LEU F 120 30.75 -20.57 8.73
C LEU F 120 31.39 -19.28 8.23
N LEU F 121 30.56 -18.26 7.95
CA LEU F 121 31.07 -16.96 7.58
C LEU F 121 31.98 -16.40 8.67
N ARG F 122 31.60 -16.61 9.92
CA ARG F 122 32.33 -16.04 11.05
C ARG F 122 33.62 -16.82 11.32
N VAL F 123 33.64 -18.11 10.98
CA VAL F 123 34.88 -18.88 11.06
C VAL F 123 35.90 -18.35 10.06
N VAL F 124 35.48 -18.20 8.80
CA VAL F 124 36.40 -17.77 7.75
C VAL F 124 36.79 -16.30 7.95
N ARG F 125 35.84 -15.47 8.35
CA ARG F 125 36.14 -14.06 8.59
C ARG F 125 37.14 -13.90 9.73
N ALA F 126 36.97 -14.69 10.80
CA ALA F 126 37.90 -14.61 11.92
C ALA F 126 39.28 -15.07 11.49
N SER F 127 39.36 -16.17 10.74
CA SER F 127 40.64 -16.68 10.31
C SER F 127 41.26 -15.81 9.22
N SER F 128 40.43 -15.18 8.38
CA SER F 128 40.91 -14.40 7.24
C SER F 128 41.79 -15.26 6.34
N ILE F 129 41.41 -16.53 6.18
CA ILE F 129 42.24 -17.46 5.43
C ILE F 129 42.32 -17.04 3.97
N PHE F 130 41.23 -16.51 3.43
CA PHE F 130 41.22 -16.17 2.00
C PHE F 130 42.20 -15.06 1.66
N PRO F 131 42.22 -13.92 2.36
CA PRO F 131 43.31 -12.96 2.13
C PRO F 131 44.69 -13.52 2.43
N ILE F 132 44.80 -14.33 3.50
CA ILE F 132 46.08 -14.93 3.82
C ILE F 132 46.49 -15.92 2.74
N LEU F 133 45.52 -16.65 2.18
CA LEU F 133 45.82 -17.54 1.08
C LEU F 133 46.33 -16.77 -0.14
N SER F 134 45.74 -15.60 -0.39
CA SER F 134 46.11 -14.82 -1.56
C SER F 134 47.58 -14.43 -1.55
N ALA F 135 48.08 -13.99 -0.38
CA ALA F 135 49.49 -13.63 -0.29
C ALA F 135 50.38 -14.85 -0.46
N ILE F 136 49.94 -16.02 -0.01
CA ILE F 136 50.73 -17.23 -0.19
C ILE F 136 50.85 -17.56 -1.67
N LEU F 137 49.75 -17.47 -2.41
CA LEU F 137 49.78 -17.82 -3.83
C LEU F 137 50.66 -16.87 -4.61
N LEU F 138 50.63 -15.58 -4.29
CA LEU F 138 51.54 -14.65 -4.93
C LEU F 138 52.99 -14.98 -4.61
N LEU F 139 53.25 -15.42 -3.39
CA LEU F 139 54.62 -15.78 -3.00
C LEU F 139 55.11 -16.98 -3.79
N LEU F 140 54.29 -18.04 -3.85
CA LEU F 140 54.66 -19.21 -4.62
C LEU F 140 54.81 -18.88 -6.09
N GLY F 141 53.90 -18.07 -6.64
CA GLY F 141 53.99 -17.71 -8.03
C GLY F 141 55.24 -16.92 -8.35
N GLY F 142 55.60 -15.97 -7.48
CA GLY F 142 56.83 -15.24 -7.68
C GLY F 142 58.06 -16.12 -7.58
N VAL F 143 58.03 -17.12 -6.72
CA VAL F 143 59.13 -18.08 -6.64
C VAL F 143 59.23 -18.89 -7.93
N CYS F 144 58.08 -19.34 -8.45
CA CYS F 144 58.09 -20.10 -9.69
C CYS F 144 58.63 -19.26 -10.85
N VAL F 145 58.24 -17.98 -10.90
CA VAL F 145 58.76 -17.10 -11.94
C VAL F 145 60.26 -16.91 -11.77
N ALA F 146 60.70 -16.66 -10.54
CA ALA F 146 62.13 -16.52 -10.29
C ALA F 146 62.85 -17.84 -10.51
N ALA F 147 62.16 -18.96 -10.30
CA ALA F 147 62.68 -20.29 -10.61
C ALA F 147 62.47 -20.66 -12.08
N SER F 148 61.97 -19.74 -12.90
CA SER F 148 61.88 -19.93 -14.34
C SER F 148 62.92 -19.12 -15.13
N ARG F 149 63.45 -18.05 -14.55
CA ARG F 149 64.63 -17.42 -15.13
C ARG F 149 65.78 -18.40 -15.15
N VAL F 150 65.91 -19.19 -14.09
CA VAL F 150 66.77 -20.36 -14.07
C VAL F 150 65.85 -21.53 -14.44
N TYR F 151 66.41 -22.63 -14.93
CA TYR F 151 65.61 -23.68 -15.58
C TYR F 151 64.86 -23.10 -16.76
N LYS F 152 65.52 -22.22 -17.51
CA LYS F 152 64.85 -21.47 -18.57
C LYS F 152 64.32 -22.38 -19.69
N SER F 153 64.76 -23.63 -19.75
CA SER F 153 64.23 -24.53 -20.76
C SER F 153 62.75 -24.81 -20.56
N LYS F 154 62.33 -25.07 -19.32
CA LYS F 154 60.93 -25.40 -19.07
C LYS F 154 60.02 -24.20 -19.31
N ARG F 155 58.77 -24.51 -19.63
CA ARG F 155 57.71 -23.53 -19.82
C ARG F 155 56.52 -23.75 -18.90
N ASN F 156 56.23 -25.00 -18.53
CA ASN F 156 55.09 -25.29 -17.67
C ASN F 156 55.25 -24.75 -16.26
N ILE F 157 56.47 -24.36 -15.86
CA ILE F 157 56.63 -23.67 -14.57
C ILE F 157 55.87 -22.35 -14.60
N ILE F 158 55.98 -21.61 -15.70
CA ILE F 158 55.34 -20.30 -15.79
C ILE F 158 53.83 -20.44 -15.76
N LEU F 159 53.30 -21.51 -16.36
CA LEU F 159 51.86 -21.71 -16.36
C LEU F 159 51.34 -21.85 -14.93
N GLY F 160 52.10 -22.54 -14.08
CA GLY F 160 51.72 -22.63 -12.68
C GLY F 160 51.64 -21.25 -12.03
N ALA F 161 52.66 -20.42 -12.26
CA ALA F 161 52.68 -19.10 -11.67
C ALA F 161 51.53 -18.24 -12.17
N GLY F 162 51.22 -18.33 -13.46
CA GLY F 162 50.11 -17.57 -14.00
C GLY F 162 48.78 -17.98 -13.40
N ILE F 163 48.63 -19.28 -13.11
CA ILE F 163 47.40 -19.75 -12.48
C ILE F 163 47.34 -19.30 -11.03
N LEU F 164 48.47 -19.36 -10.32
CA LEU F 164 48.48 -18.93 -8.93
C LEU F 164 48.15 -17.45 -8.80
N PHE F 165 48.72 -16.63 -9.68
CA PHE F 165 48.39 -15.21 -9.69
C PHE F 165 46.90 -14.99 -9.96
N VAL F 166 46.31 -15.81 -10.83
CA VAL F 166 44.88 -15.70 -11.08
C VAL F 166 44.10 -16.19 -9.87
N ALA F 167 44.50 -17.32 -9.28
CA ALA F 167 43.78 -17.85 -8.14
C ALA F 167 43.91 -16.94 -6.92
N ALA F 168 44.97 -16.14 -6.86
CA ALA F 168 45.09 -15.15 -5.80
C ALA F 168 43.97 -14.12 -5.89
N GLY F 169 43.58 -13.76 -7.10
CA GLY F 169 42.51 -12.79 -7.26
C GLY F 169 41.17 -13.30 -6.78
N LEU F 170 40.86 -14.57 -7.09
CA LEU F 170 39.59 -15.12 -6.66
C LEU F 170 39.51 -15.22 -5.14
N SER F 171 40.59 -15.63 -4.50
CA SER F 171 40.62 -15.65 -3.05
C SER F 171 40.50 -14.24 -2.48
N ASN F 172 41.16 -13.28 -3.13
CA ASN F 172 41.09 -11.89 -2.69
C ASN F 172 39.67 -11.35 -2.76
N ILE F 173 39.02 -11.49 -3.91
CA ILE F 173 37.68 -10.96 -4.05
C ILE F 173 36.67 -11.75 -3.23
N ILE F 174 36.99 -13.00 -2.90
CA ILE F 174 36.21 -13.71 -1.89
C ILE F 174 36.49 -13.13 -0.51
N GLY F 175 37.73 -12.74 -0.26
CA GLY F 175 38.12 -12.27 1.06
C GLY F 175 37.55 -10.91 1.43
N VAL F 176 36.91 -10.22 0.47
CA VAL F 176 36.37 -8.89 0.70
C VAL F 176 34.85 -8.97 0.77
N ILE F 177 34.26 -9.90 0.01
CA ILE F 177 32.82 -10.14 0.12
C ILE F 177 32.50 -10.66 1.51
N VAL F 178 33.34 -11.54 2.04
CA VAL F 178 33.15 -12.05 3.38
C VAL F 178 33.25 -10.92 4.40
N TYR F 179 34.28 -10.08 4.25
CA TYR F 179 34.49 -8.99 5.19
C TYR F 179 33.33 -8.01 5.18
N ILE F 180 32.84 -7.68 3.99
CA ILE F 180 31.73 -6.74 3.89
C ILE F 180 30.44 -7.36 4.41
N SER F 181 30.16 -8.60 4.02
CA SER F 181 28.93 -9.24 4.46
C SER F 181 28.93 -9.49 5.96
N ALA F 182 30.11 -9.65 6.56
CA ALA F 182 30.19 -9.89 7.99
C ALA F 182 29.93 -8.62 8.80
N ASN F 183 30.40 -7.48 8.30
CA ASN F 183 30.25 -6.23 9.04
C ASN F 183 28.79 -5.81 9.17
N ALA F 184 27.95 -6.21 8.23
CA ALA F 184 26.57 -5.77 8.23
C ALA F 184 25.77 -6.44 9.34
N GLY F 185 24.74 -5.74 9.81
CA GLY F 185 23.85 -6.28 10.82
C GLY F 185 22.43 -5.78 10.58
N GLU F 186 21.49 -6.54 11.13
CA GLU F 186 20.07 -6.21 10.99
C GLU F 186 19.63 -6.20 9.53
N LYS F 196 20.42 4.46 11.20
CA LYS F 196 21.15 4.73 9.96
C LYS F 196 22.60 5.12 10.25
N ASN F 197 23.40 4.14 10.61
CA ASN F 197 24.80 4.39 10.90
C ASN F 197 25.57 4.63 9.61
N HIS F 198 26.75 5.25 9.75
CA HIS F 198 27.59 5.65 8.63
C HIS F 198 29.00 5.13 8.86
N TYR F 199 29.57 4.51 7.84
CA TYR F 199 30.93 3.98 7.88
C TYR F 199 31.70 4.50 6.67
N SER F 200 33.00 4.20 6.66
CA SER F 200 33.86 4.56 5.56
C SER F 200 35.02 3.57 5.49
N TYR F 201 35.58 3.43 4.30
CA TYR F 201 36.64 2.48 4.05
C TYR F 201 37.98 3.20 3.98
N GLY F 202 39.00 2.57 4.50
CA GLY F 202 40.31 3.19 4.66
C GLY F 202 41.20 2.98 3.47
N TRP F 203 42.50 2.96 3.76
CA TRP F 203 43.53 2.82 2.73
C TRP F 203 44.22 1.47 2.73
N SER F 204 44.06 0.69 3.81
CA SER F 204 44.48 -0.71 3.76
C SER F 204 43.51 -1.54 2.94
N PHE F 205 42.25 -1.11 2.88
CA PHE F 205 41.28 -1.75 2.01
C PHE F 205 41.72 -1.65 0.56
N TYR F 206 42.07 -0.45 0.11
CA TYR F 206 42.50 -0.24 -1.26
C TYR F 206 43.83 -0.90 -1.55
N PHE F 207 44.66 -1.12 -0.53
CA PHE F 207 45.89 -1.87 -0.73
C PHE F 207 45.59 -3.30 -1.15
N GLY F 208 44.57 -3.90 -0.56
CA GLY F 208 44.13 -5.20 -1.02
C GLY F 208 43.52 -5.14 -2.40
N GLY F 209 42.96 -3.99 -2.78
CA GLY F 209 42.40 -3.85 -4.10
C GLY F 209 43.44 -3.89 -5.19
N LEU F 210 44.57 -3.20 -4.99
CA LEU F 210 45.63 -3.21 -5.99
C LEU F 210 46.22 -4.61 -6.14
N SER F 211 46.35 -5.33 -5.03
CA SER F 211 46.85 -6.70 -5.11
C SER F 211 45.97 -7.58 -5.98
N PHE F 212 44.68 -7.27 -6.08
CA PHE F 212 43.82 -7.97 -7.03
C PHE F 212 44.15 -7.54 -8.45
N ILE F 213 44.28 -6.22 -8.67
CA ILE F 213 44.54 -5.72 -10.02
C ILE F 213 45.90 -6.19 -10.51
N LEU F 214 46.93 -6.03 -9.69
CA LEU F 214 48.27 -6.45 -10.10
C LEU F 214 48.34 -7.94 -10.33
N ALA F 215 47.71 -8.73 -9.44
CA ALA F 215 47.75 -10.18 -9.58
C ALA F 215 47.10 -10.62 -10.88
N GLU F 216 46.00 -9.98 -11.26
CA GLU F 216 45.34 -10.34 -12.50
C GLU F 216 46.13 -9.88 -13.71
N VAL F 217 46.85 -8.76 -13.60
CA VAL F 217 47.73 -8.34 -14.67
C VAL F 217 48.85 -9.34 -14.89
N ILE F 218 49.57 -9.72 -13.83
CA ILE F 218 50.71 -10.60 -14.00
C ILE F 218 50.27 -12.00 -14.39
N GLY F 219 49.01 -12.36 -14.16
CA GLY F 219 48.50 -13.59 -14.73
C GLY F 219 48.38 -13.51 -16.24
N VAL F 220 48.06 -12.34 -16.77
CA VAL F 220 48.00 -12.16 -18.20
C VAL F 220 49.38 -12.22 -18.81
N LEU F 221 50.34 -11.51 -18.21
CA LEU F 221 51.69 -11.47 -18.77
C LEU F 221 52.35 -12.84 -18.71
N ALA F 222 52.17 -13.55 -17.60
CA ALA F 222 52.79 -14.86 -17.46
C ALA F 222 52.24 -15.84 -18.50
N VAL F 223 50.94 -15.74 -18.79
CA VAL F 223 50.36 -16.56 -19.84
C VAL F 223 50.92 -16.16 -21.20
N ASN F 224 51.01 -14.85 -21.44
CA ASN F 224 51.59 -14.37 -22.70
C ASN F 224 53.02 -14.82 -22.85
N ILE F 225 53.77 -14.92 -21.75
CA ILE F 225 55.11 -15.48 -21.80
C ILE F 225 55.06 -16.95 -22.20
N TYR F 226 54.16 -17.71 -21.59
CA TYR F 226 54.04 -19.12 -21.91
C TYR F 226 53.60 -19.32 -23.36
N ILE F 227 52.74 -18.44 -23.86
CA ILE F 227 52.36 -18.48 -25.26
C ILE F 227 53.57 -18.21 -26.14
N GLU F 228 54.29 -17.12 -25.85
CA GLU F 228 55.45 -16.75 -26.65
C GLU F 228 56.53 -17.82 -26.60
N ARG F 229 56.76 -18.38 -25.42
CA ARG F 229 57.79 -19.43 -25.29
C ARG F 229 57.41 -20.67 -26.09
N SER F 230 56.13 -21.07 -26.04
CA SER F 230 55.72 -22.27 -26.74
C SER F 230 55.86 -22.13 -28.25
N ARG F 231 55.50 -20.96 -28.80
CA ARG F 231 55.60 -20.77 -30.24
C ARG F 231 57.05 -20.84 -30.70
N GLU F 232 57.98 -20.28 -29.90
CA GLU F 232 59.40 -20.40 -30.23
C GLU F 232 59.85 -21.86 -30.22
N ALA F 233 59.21 -22.69 -29.42
CA ALA F 233 59.50 -24.12 -29.37
C ALA F 233 58.62 -24.94 -30.31
N HIS F 234 57.77 -24.30 -31.11
CA HIS F 234 56.92 -25.02 -32.06
C HIS F 234 56.46 -24.09 -33.18
#